data_6WY0
#
_entry.id   6WY0
#
_cell.length_a   145.348
_cell.length_b   151.402
_cell.length_c   229.728
_cell.angle_alpha   90.000
_cell.angle_beta   90.000
_cell.angle_gamma   90.000
#
_symmetry.space_group_name_H-M   'C 2 2 21'
#
loop_
_entity.id
_entity.type
_entity.pdbx_description
1 polymer 'Myeloperoxidase light chain'
2 polymer 'Myeloperoxidase heavy chain'
3 branched alpha-D-mannopyranose-(1-3)-[alpha-D-mannopyranose-(1-6)]beta-D-mannopyranose-(1-4)-2-acetamido-2-deoxy-beta-D-glucopyranose-(1-4)-[alpha-L-fucopyranose-(1-6)]2-acetamido-2-deoxy-beta-D-glucopyranose
4 branched 2-acetamido-2-deoxy-beta-D-glucopyranose-(1-4)-2-acetamido-2-deoxy-beta-D-glucopyranose
5 non-polymer 'HEME C'
6 non-polymer 2-acetamido-2-deoxy-beta-D-glucopyranose
7 non-polymer 'CALCIUM ION'
8 non-polymer 'CHLORIDE ION'
9 non-polymer 7-{(1R)-1-phenyl-3-[(trans-4-phenylcyclohexyl)amino]propyl}-3H-[1,2,3]triazolo[4,5-b]pyridin-5-amine
10 water water
#
loop_
_entity_poly.entity_id
_entity_poly.type
_entity_poly.pdbx_seq_one_letter_code
_entity_poly.pdbx_strand_id
1 'polypeptide(L)'
;CPEQDKYRTITGMCNNRRSPTLGASNRAFVRWLPAEYEDGFSLPYGWTPGVKRNGFPVALARAVSNEIVRFPTDQLTPDQ
ERSLMFMQWGQLLDHDLDFTPEPAA
;
A,D,F,H
2 'polypeptide(L)'
;VNCETSCVQQPPCFPLKIPPNDPRIKNQADCIPFFRS(CSO)PACPGSNITIRNQINALTSFVDASMVYGSEEPLARNLR
NMSNQLGLLAVNQRFQDNGRALLPFDNLHDDPCLLTNRSARIPCFLAGDTRSSEMPELTSMHTLLLREHNRLATELKSLN
PRWDGERLYQEARKIVGAMVQIITYRDYLPLVLGPTAMRKYLPTYRSYNDSVDPRIANVFTNAFRYGHTLIQPFMFRLDN
RYQPMEPNPRVPLSRVFFASWRVVLEGGIDPILRGLMATPAKLNRQNQIAVDEIRERLFEQVMRIGLDLPALNMQRSRDH
GLPGYNAWRRFCGLPQPETVGQLGTVLRNLKLARKLMEQYGTPNNIDIWMGGVSEPLKRKGRVGPLLACIIGTQFRKLRD
GDRFWWENEGVFSMQQRQALAQISLPRIICDNTGITTVSKNNIFMSNSYPRDFVNCSTLPALNLASWREAS
;
B,E,G,I
#
loop_
_chem_comp.id
_chem_comp.type
_chem_comp.name
_chem_comp.formula
BMA D-saccharide, beta linking beta-D-mannopyranose 'C6 H12 O6'
CA non-polymer 'CALCIUM ION' 'Ca 2'
CL non-polymer 'CHLORIDE ION' 'Cl -1'
FUC L-saccharide, alpha linking alpha-L-fucopyranose 'C6 H12 O5'
HEC non-polymer 'HEME C' 'C34 H34 Fe N4 O4'
MAN D-saccharide, alpha linking alpha-D-mannopyranose 'C6 H12 O6'
NAG D-saccharide, beta linking 2-acetamido-2-deoxy-beta-D-glucopyranose 'C8 H15 N O6'
UFA non-polymer 7-{(1R)-1-phenyl-3-[(trans-4-phenylcyclohexyl)amino]propyl}-3H-[1,2,3]triazolo[4,5-b]pyridin-5-amine 'C26 H30 N6'
#
# COMPACT_ATOMS: atom_id res chain seq x y z
N CYS A 1 5.25 -32.13 12.80
CA CYS A 1 4.03 -32.94 12.77
C CYS A 1 4.19 -34.29 13.48
N PRO A 2 3.71 -34.45 14.73
CA PRO A 2 3.91 -35.71 15.44
C PRO A 2 3.38 -36.97 14.78
N GLU A 3 4.17 -38.06 14.84
CA GLU A 3 3.81 -39.36 14.25
C GLU A 3 2.66 -40.06 15.03
N GLN A 4 2.54 -39.80 16.35
CA GLN A 4 1.45 -40.34 17.16
C GLN A 4 0.93 -39.23 18.09
N ASP A 5 -0.41 -39.11 18.24
CA ASP A 5 -1.02 -38.06 19.07
C ASP A 5 -2.40 -38.47 19.61
N LYS A 6 -2.75 -38.02 20.82
CA LYS A 6 -4.03 -38.40 21.42
C LYS A 6 -5.10 -37.35 21.30
N TYR A 7 -4.72 -36.07 21.25
CA TYR A 7 -5.72 -35.01 21.20
C TYR A 7 -5.54 -34.04 20.03
N ARG A 8 -6.58 -33.26 19.74
CA ARG A 8 -6.51 -32.25 18.71
C ARG A 8 -5.64 -31.10 19.18
N THR A 9 -5.05 -30.39 18.24
CA THR A 9 -4.33 -29.16 18.53
C THR A 9 -5.43 -28.08 18.60
N ILE A 10 -5.16 -26.99 19.33
CA ILE A 10 -6.12 -25.90 19.42
C ILE A 10 -6.36 -25.25 18.03
N THR A 11 -5.31 -25.09 17.23
CA THR A 11 -5.43 -24.47 15.92
C THR A 11 -5.97 -25.40 14.83
N GLY A 12 -6.02 -26.70 15.07
CA GLY A 12 -6.46 -27.64 14.05
C GLY A 12 -5.34 -28.12 13.14
N MET A 13 -4.17 -27.48 13.24
CA MET A 13 -2.97 -27.81 12.51
C MET A 13 -2.55 -29.26 12.88
N CYS A 14 -2.15 -30.05 11.90
CA CYS A 14 -1.71 -31.44 12.05
C CYS A 14 -2.85 -32.46 12.11
N ASN A 15 -4.10 -32.07 11.77
CA ASN A 15 -5.20 -33.03 11.67
C ASN A 15 -4.91 -33.84 10.41
N ASN A 16 -4.74 -33.18 9.24
CA ASN A 16 -4.36 -33.90 8.03
C ASN A 16 -2.85 -33.93 8.06
N ARG A 17 -2.25 -35.13 8.04
CA ARG A 17 -0.80 -35.23 8.13
C ARG A 17 -0.05 -34.91 6.82
N ARG A 18 -0.62 -35.18 5.63
CA ARG A 18 0.07 -34.86 4.38
C ARG A 18 0.08 -33.35 4.09
N SER A 19 -1.00 -32.65 4.42
CA SER A 19 -1.10 -31.20 4.27
C SER A 19 -1.60 -30.69 5.65
N PRO A 20 -0.65 -30.41 6.58
CA PRO A 20 -1.03 -30.16 7.98
C PRO A 20 -1.74 -28.85 8.30
N THR A 21 -2.04 -27.99 7.31
CA THR A 21 -2.82 -26.77 7.61
C THR A 21 -4.30 -26.91 7.22
N LEU A 22 -4.70 -28.02 6.56
CA LEU A 22 -6.09 -28.20 6.14
C LEU A 22 -7.06 -28.31 7.32
N GLY A 23 -7.97 -27.37 7.42
CA GLY A 23 -8.89 -27.29 8.54
C GLY A 23 -8.38 -26.45 9.70
N ALA A 24 -7.08 -26.08 9.68
CA ALA A 24 -6.47 -25.22 10.68
C ALA A 24 -6.99 -23.77 10.59
N SER A 25 -6.88 -23.02 11.68
CA SER A 25 -7.40 -21.65 11.75
C SER A 25 -6.48 -20.66 11.02
N ASN A 26 -7.04 -19.48 10.65
CA ASN A 26 -6.35 -18.38 9.99
C ASN A 26 -5.71 -18.78 8.65
N ARG A 27 -6.51 -19.51 7.86
CA ARG A 27 -6.11 -19.95 6.53
C ARG A 27 -7.23 -19.61 5.55
N ALA A 28 -6.87 -19.35 4.27
CA ALA A 28 -7.86 -19.07 3.21
C ALA A 28 -8.83 -20.24 3.02
N PHE A 29 -10.06 -19.93 2.66
CA PHE A 29 -11.08 -20.94 2.42
C PHE A 29 -10.73 -21.71 1.18
N VAL A 30 -11.22 -22.96 1.06
CA VAL A 30 -11.08 -23.67 -0.20
C VAL A 30 -12.15 -23.06 -1.14
N ARG A 31 -11.94 -23.12 -2.46
CA ARG A 31 -12.91 -22.65 -3.42
C ARG A 31 -13.41 -23.87 -4.20
N TRP A 32 -14.73 -24.02 -4.36
CA TRP A 32 -15.27 -25.12 -5.19
C TRP A 32 -15.51 -24.67 -6.65
N LEU A 33 -15.50 -23.35 -6.93
CA LEU A 33 -15.66 -22.76 -8.26
C LEU A 33 -14.74 -21.54 -8.31
N PRO A 34 -14.16 -21.22 -9.50
CA PRO A 34 -13.31 -20.02 -9.61
C PRO A 34 -14.10 -18.76 -9.26
N ALA A 35 -13.45 -17.79 -8.60
CA ALA A 35 -14.12 -16.55 -8.22
C ALA A 35 -14.54 -15.69 -9.43
N GLU A 36 -15.59 -14.89 -9.22
CA GLU A 36 -16.14 -14.02 -10.23
C GLU A 36 -16.15 -12.60 -9.70
N TYR A 37 -15.22 -11.82 -10.20
CA TYR A 37 -15.06 -10.42 -9.84
C TYR A 37 -15.16 -9.59 -11.11
N GLU A 38 -15.58 -8.34 -10.92
CA GLU A 38 -15.75 -7.33 -11.95
C GLU A 38 -14.48 -7.16 -12.80
N ASP A 39 -13.28 -7.25 -12.20
CA ASP A 39 -12.02 -7.16 -12.94
C ASP A 39 -11.28 -8.52 -13.10
N GLY A 40 -11.94 -9.61 -12.75
CA GLY A 40 -11.36 -10.94 -12.83
C GLY A 40 -10.68 -11.41 -11.57
N PHE A 41 -10.12 -10.47 -10.77
CA PHE A 41 -9.34 -10.88 -9.61
C PHE A 41 -9.61 -10.19 -8.24
N SER A 42 -10.31 -9.03 -8.15
CA SER A 42 -10.51 -8.39 -6.84
C SER A 42 -11.77 -7.55 -6.66
N LEU A 43 -12.16 -6.74 -7.64
CA LEU A 43 -13.29 -5.84 -7.50
C LEU A 43 -14.61 -6.57 -7.54
N PRO A 44 -15.49 -6.34 -6.55
CA PRO A 44 -16.76 -7.06 -6.53
C PRO A 44 -17.77 -6.54 -7.55
N TYR A 45 -18.71 -7.40 -7.97
CA TYR A 45 -19.76 -6.95 -8.87
C TYR A 45 -20.64 -5.96 -8.10
N GLY A 46 -20.84 -4.80 -8.72
CA GLY A 46 -21.54 -3.66 -8.12
C GLY A 46 -20.58 -2.53 -7.77
N TRP A 47 -19.27 -2.79 -7.80
CA TRP A 47 -18.28 -1.79 -7.46
C TRP A 47 -18.31 -0.59 -8.41
N THR A 48 -18.32 -0.84 -9.73
CA THR A 48 -18.23 0.23 -10.70
C THR A 48 -19.58 0.56 -11.33
N PRO A 49 -19.97 1.85 -11.25
CA PRO A 49 -21.24 2.28 -11.82
C PRO A 49 -21.36 1.95 -13.30
N GLY A 50 -22.43 1.24 -13.66
CA GLY A 50 -22.70 0.86 -15.04
C GLY A 50 -22.07 -0.42 -15.53
N VAL A 51 -21.12 -1.00 -14.77
CA VAL A 51 -20.51 -2.26 -15.19
C VAL A 51 -21.48 -3.42 -15.00
N LYS A 52 -21.98 -3.97 -16.10
CA LYS A 52 -22.90 -5.09 -16.04
C LYS A 52 -22.20 -6.42 -15.70
N ARG A 53 -22.94 -7.37 -15.17
CA ARG A 53 -22.49 -8.71 -14.88
C ARG A 53 -23.26 -9.61 -15.85
N ASN A 54 -22.55 -10.38 -16.68
CA ASN A 54 -23.18 -11.29 -17.63
C ASN A 54 -24.26 -10.63 -18.52
N GLY A 55 -24.01 -9.39 -18.95
CA GLY A 55 -24.97 -8.65 -19.77
C GLY A 55 -26.12 -7.98 -19.05
N PHE A 56 -26.15 -8.05 -17.70
CA PHE A 56 -27.23 -7.43 -16.94
C PHE A 56 -26.72 -6.49 -15.85
N PRO A 57 -27.47 -5.40 -15.58
CA PRO A 57 -27.06 -4.50 -14.48
C PRO A 57 -27.06 -5.22 -13.14
N VAL A 58 -26.15 -4.82 -12.25
CA VAL A 58 -26.08 -5.43 -10.93
C VAL A 58 -27.13 -4.76 -10.04
N ALA A 59 -28.06 -5.56 -9.50
CA ALA A 59 -29.12 -5.09 -8.62
C ALA A 59 -28.54 -4.74 -7.27
N LEU A 60 -29.08 -3.70 -6.63
CA LEU A 60 -28.60 -3.31 -5.30
C LEU A 60 -29.07 -4.36 -4.31
N ALA A 61 -28.22 -4.81 -3.35
CA ALA A 61 -28.66 -5.81 -2.35
C ALA A 61 -29.85 -5.31 -1.54
N ARG A 62 -29.88 -4.00 -1.24
CA ARG A 62 -31.00 -3.40 -0.51
C ARG A 62 -32.28 -3.45 -1.35
N ALA A 63 -32.18 -3.22 -2.66
CA ALA A 63 -33.35 -3.29 -3.54
C ALA A 63 -33.87 -4.72 -3.59
N VAL A 64 -32.98 -5.70 -3.69
CA VAL A 64 -33.39 -7.11 -3.73
C VAL A 64 -34.09 -7.49 -2.43
N SER A 65 -33.53 -7.03 -1.30
CA SER A 65 -34.09 -7.27 0.01
C SER A 65 -35.47 -6.62 0.16
N ASN A 66 -35.65 -5.43 -0.39
CA ASN A 66 -36.91 -4.71 -0.32
C ASN A 66 -38.03 -5.36 -1.10
N GLU A 67 -37.73 -5.83 -2.29
CA GLU A 67 -38.74 -6.35 -3.18
C GLU A 67 -39.01 -7.81 -3.00
N ILE A 68 -38.00 -8.58 -2.65
CA ILE A 68 -38.16 -10.04 -2.53
C ILE A 68 -38.23 -10.52 -1.08
N VAL A 69 -37.34 -10.04 -0.21
CA VAL A 69 -37.27 -10.52 1.18
C VAL A 69 -38.36 -9.92 2.12
N ARG A 70 -38.55 -8.60 2.11
CA ARG A 70 -39.50 -7.89 2.95
C ARG A 70 -40.90 -8.52 2.96
N PHE A 71 -41.51 -8.62 4.15
CA PHE A 71 -42.86 -9.17 4.32
C PHE A 71 -43.45 -8.67 5.65
N PRO A 72 -44.79 -8.59 5.76
CA PRO A 72 -45.39 -8.10 7.02
C PRO A 72 -45.19 -9.08 8.16
N THR A 73 -44.55 -8.64 9.26
CA THR A 73 -44.27 -9.50 10.41
C THR A 73 -45.49 -10.25 10.95
N ASP A 74 -46.68 -9.61 10.98
CA ASP A 74 -47.90 -10.23 11.47
C ASP A 74 -48.29 -11.50 10.69
N GLN A 75 -47.70 -11.73 9.48
CA GLN A 75 -47.99 -12.88 8.63
C GLN A 75 -47.15 -14.11 8.97
N LEU A 76 -46.05 -13.96 9.74
CA LEU A 76 -45.12 -15.04 10.13
C LEU A 76 -45.79 -16.41 10.32
N THR A 77 -45.27 -17.46 9.66
CA THR A 77 -45.82 -18.79 9.79
C THR A 77 -44.95 -19.58 10.76
N PRO A 78 -45.49 -19.96 11.93
CA PRO A 78 -44.67 -20.78 12.84
C PRO A 78 -44.44 -22.18 12.21
N ASP A 79 -43.27 -22.75 12.44
CA ASP A 79 -42.94 -24.06 11.96
C ASP A 79 -43.52 -25.07 12.93
N GLN A 80 -44.44 -25.92 12.46
CA GLN A 80 -45.06 -26.92 13.34
C GLN A 80 -44.09 -28.05 13.72
N GLU A 81 -42.99 -28.23 12.98
CA GLU A 81 -42.07 -29.32 13.26
C GLU A 81 -40.66 -28.91 13.62
N ARG A 82 -40.44 -27.64 13.99
CA ARG A 82 -39.12 -27.16 14.38
C ARG A 82 -39.26 -26.18 15.53
N SER A 83 -38.30 -26.24 16.46
CA SER A 83 -38.21 -25.35 17.63
C SER A 83 -37.19 -24.22 17.38
N LEU A 84 -37.20 -23.17 18.21
CA LEU A 84 -36.18 -22.13 18.10
C LEU A 84 -34.78 -22.71 18.40
N MET A 85 -34.71 -23.84 19.13
CA MET A 85 -33.47 -24.55 19.39
C MET A 85 -32.83 -25.00 18.05
N PHE A 86 -33.64 -25.34 17.05
CA PHE A 86 -33.17 -25.71 15.73
C PHE A 86 -32.42 -24.55 15.08
N MET A 87 -32.96 -23.34 15.23
CA MET A 87 -32.32 -22.12 14.74
C MET A 87 -31.02 -21.89 15.54
N GLN A 88 -31.12 -21.88 16.87
CA GLN A 88 -29.97 -21.58 17.73
C GLN A 88 -28.81 -22.55 17.61
N TRP A 89 -29.07 -23.86 17.46
CA TRP A 89 -27.99 -24.82 17.28
C TRP A 89 -27.23 -24.54 15.99
N GLY A 90 -27.94 -24.17 14.93
CA GLY A 90 -27.33 -23.82 13.66
C GLY A 90 -26.37 -22.65 13.77
N GLN A 91 -26.69 -21.62 14.57
CA GLN A 91 -25.80 -20.47 14.75
C GLN A 91 -24.57 -20.85 15.55
N LEU A 92 -24.79 -21.65 16.62
CA LEU A 92 -23.71 -22.14 17.49
C LEU A 92 -22.76 -23.03 16.66
N LEU A 93 -23.31 -23.94 15.85
CA LEU A 93 -22.56 -24.82 14.98
C LEU A 93 -21.75 -24.01 13.95
N ASP A 94 -22.37 -23.00 13.29
CA ASP A 94 -21.71 -22.10 12.35
C ASP A 94 -20.52 -21.37 12.99
N HIS A 95 -20.57 -21.15 14.30
CA HIS A 95 -19.51 -20.49 15.03
C HIS A 95 -18.37 -21.45 15.47
N ASP A 96 -18.51 -22.73 15.14
CA ASP A 96 -17.51 -23.77 15.31
C ASP A 96 -16.77 -23.98 13.93
N LEU A 97 -17.39 -23.57 12.80
CA LEU A 97 -16.88 -23.79 11.46
C LEU A 97 -16.18 -22.60 10.82
N ASP A 98 -16.85 -21.43 10.75
CA ASP A 98 -16.25 -20.31 10.08
C ASP A 98 -16.49 -18.95 10.68
N PHE A 99 -15.48 -18.08 10.54
CA PHE A 99 -15.49 -16.68 10.93
C PHE A 99 -14.61 -15.98 9.92
N THR A 100 -15.20 -15.08 9.14
CA THR A 100 -14.46 -14.36 8.12
C THR A 100 -14.09 -13.00 8.69
N PRO A 101 -12.80 -12.78 8.97
CA PRO A 101 -12.39 -11.49 9.53
C PRO A 101 -12.53 -10.32 8.58
N GLU A 102 -12.76 -9.14 9.15
CA GLU A 102 -12.95 -7.86 8.50
C GLU A 102 -11.85 -6.88 8.94
N PRO A 103 -11.56 -5.81 8.15
CA PRO A 103 -10.55 -4.82 8.59
C PRO A 103 -11.02 -3.94 9.74
N ASN B 2 -13.17 5.49 6.77
CA ASN B 2 -13.85 4.64 7.76
C ASN B 2 -15.25 4.20 7.30
N CYS B 3 -15.42 2.89 7.11
CA CYS B 3 -16.67 2.26 6.65
C CYS B 3 -17.83 2.51 7.58
N GLU B 4 -17.56 2.72 8.87
CA GLU B 4 -18.61 2.95 9.87
C GLU B 4 -19.35 4.26 9.65
N THR B 5 -18.63 5.35 9.33
CA THR B 5 -19.24 6.67 9.24
C THR B 5 -19.28 7.32 7.85
N SER B 6 -18.51 6.80 6.87
CA SER B 6 -18.51 7.37 5.53
C SER B 6 -19.28 6.53 4.51
N CYS B 7 -19.79 7.18 3.47
CA CYS B 7 -20.48 6.47 2.38
C CYS B 7 -19.63 6.37 1.12
N VAL B 8 -18.36 6.77 1.18
CA VAL B 8 -17.46 6.76 0.05
C VAL B 8 -17.01 5.34 -0.20
N GLN B 9 -17.01 4.93 -1.48
CA GLN B 9 -16.55 3.62 -1.86
C GLN B 9 -15.04 3.70 -2.12
N GLN B 10 -14.25 3.54 -1.06
CA GLN B 10 -12.78 3.51 -1.13
C GLN B 10 -12.40 2.28 -0.29
N PRO B 11 -11.48 1.42 -0.78
CA PRO B 11 -11.09 0.23 0.00
C PRO B 11 -10.72 0.55 1.47
N PRO B 12 -11.14 -0.27 2.43
CA PRO B 12 -11.86 -1.55 2.28
C PRO B 12 -13.36 -1.42 2.38
N CYS B 13 -13.92 -0.22 2.16
CA CYS B 13 -15.36 -0.01 2.27
C CYS B 13 -16.10 -0.43 1.04
N PHE B 14 -17.21 -1.13 1.20
CA PHE B 14 -18.07 -1.50 0.07
C PHE B 14 -19.51 -1.23 0.52
N PRO B 15 -19.85 0.06 0.81
CA PRO B 15 -21.18 0.38 1.32
C PRO B 15 -22.32 -0.01 0.40
N LEU B 16 -23.44 -0.38 1.01
CA LEU B 16 -24.62 -0.75 0.27
C LEU B 16 -25.36 0.54 -0.06
N LYS B 17 -25.53 0.88 -1.36
CA LYS B 17 -26.29 2.07 -1.75
C LYS B 17 -27.79 1.89 -1.44
N ILE B 18 -28.49 3.02 -1.27
CA ILE B 18 -29.91 3.05 -0.95
C ILE B 18 -30.75 3.32 -2.20
N PRO B 19 -31.73 2.44 -2.47
CA PRO B 19 -32.56 2.63 -3.68
C PRO B 19 -33.64 3.68 -3.48
N PRO B 20 -34.15 4.27 -4.57
CA PRO B 20 -35.24 5.25 -4.41
C PRO B 20 -36.49 4.58 -3.84
N ASN B 21 -37.32 5.35 -3.12
CA ASN B 21 -38.53 4.83 -2.46
C ASN B 21 -38.22 3.65 -1.55
N ASP B 22 -37.27 3.86 -0.63
CA ASP B 22 -36.92 2.85 0.36
C ASP B 22 -37.95 2.92 1.51
N PRO B 23 -38.36 1.77 2.06
CA PRO B 23 -39.35 1.81 3.17
C PRO B 23 -38.80 2.38 4.48
N ARG B 24 -37.47 2.52 4.63
CA ARG B 24 -36.90 3.02 5.88
C ARG B 24 -35.92 4.17 5.69
N ILE B 25 -34.93 4.01 4.80
CA ILE B 25 -33.90 5.03 4.59
C ILE B 25 -34.34 6.01 3.49
N LYS B 26 -34.91 7.14 3.91
CA LYS B 26 -35.38 8.17 2.98
C LYS B 26 -34.21 8.98 2.40
N ASN B 27 -33.08 9.09 3.11
CA ASN B 27 -31.93 9.82 2.57
C ASN B 27 -31.12 8.94 1.62
N GLN B 28 -31.19 9.19 0.30
CA GLN B 28 -30.43 8.38 -0.68
C GLN B 28 -28.93 8.67 -0.71
N ALA B 29 -28.46 9.74 -0.03
CA ALA B 29 -27.02 10.02 0.09
C ALA B 29 -26.40 9.14 1.21
N ASP B 30 -27.22 8.57 2.10
CA ASP B 30 -26.83 7.65 3.17
C ASP B 30 -26.56 6.24 2.58
N CYS B 31 -26.13 5.30 3.42
CA CYS B 31 -25.81 3.94 3.00
C CYS B 31 -25.84 2.96 4.19
N ILE B 32 -25.76 1.65 3.92
CA ILE B 32 -25.63 0.67 4.97
C ILE B 32 -24.15 0.32 4.99
N PRO B 33 -23.48 0.58 6.14
CA PRO B 33 -22.03 0.34 6.22
C PRO B 33 -21.60 -1.09 5.91
N PHE B 34 -20.39 -1.21 5.32
CA PHE B 34 -19.89 -2.52 4.94
C PHE B 34 -18.39 -2.48 4.72
N PHE B 35 -17.66 -3.41 5.38
CA PHE B 35 -16.21 -3.55 5.21
C PHE B 35 -15.99 -4.84 4.44
N ARG B 36 -15.17 -4.80 3.40
CA ARG B 36 -14.82 -5.98 2.65
C ARG B 36 -14.03 -6.92 3.54
N SER B 37 -14.28 -8.22 3.44
CA SER B 37 -13.58 -9.23 4.21
C SER B 37 -12.10 -9.20 3.89
N CSO B 38 -11.26 -9.42 4.92
CA CSO B 38 -9.82 -9.40 4.79
CB CSO B 38 -9.25 -9.78 6.16
SG CSO B 38 -9.38 -8.31 7.28
C CSO B 38 -9.37 -10.35 3.68
O CSO B 38 -9.79 -11.51 3.63
OD CSO B 38 -8.08 -7.36 7.14
N PRO B 39 -8.55 -9.84 2.75
CA PRO B 39 -8.02 -10.73 1.71
C PRO B 39 -6.91 -11.64 2.26
N ALA B 40 -6.80 -12.88 1.72
CA ALA B 40 -5.73 -13.77 2.14
C ALA B 40 -4.36 -13.20 1.69
N CYS B 41 -4.35 -12.51 0.55
CA CYS B 41 -3.16 -11.91 0.02
C CYS B 41 -3.38 -10.40 -0.28
N PRO B 42 -3.13 -9.56 0.73
CA PRO B 42 -3.34 -8.12 0.56
C PRO B 42 -2.55 -7.41 -0.54
N GLY B 43 -3.25 -6.62 -1.34
CA GLY B 43 -2.71 -5.80 -2.41
C GLY B 43 -2.16 -6.50 -3.63
N SER B 44 -2.48 -7.78 -3.84
CA SER B 44 -1.94 -8.56 -4.95
C SER B 44 -2.56 -8.33 -6.30
N ASN B 45 -1.71 -8.16 -7.30
CA ASN B 45 -2.13 -8.02 -8.68
C ASN B 45 -2.08 -9.38 -9.44
N ILE B 46 -1.76 -10.52 -8.73
CA ILE B 46 -1.59 -11.85 -9.31
C ILE B 46 -2.63 -12.85 -8.82
N THR B 47 -2.91 -12.81 -7.54
CA THR B 47 -3.78 -13.79 -6.91
C THR B 47 -5.24 -13.40 -7.04
N ILE B 48 -6.15 -14.38 -7.27
CA ILE B 48 -7.56 -14.05 -7.36
C ILE B 48 -8.02 -13.98 -5.95
N ARG B 49 -8.47 -12.81 -5.51
CA ARG B 49 -8.86 -12.54 -4.13
C ARG B 49 -9.69 -13.64 -3.47
N ASN B 50 -9.24 -14.05 -2.29
CA ASN B 50 -9.93 -15.04 -1.49
C ASN B 50 -9.99 -14.49 -0.05
N GLN B 51 -10.84 -15.08 0.78
CA GLN B 51 -11.03 -14.63 2.14
C GLN B 51 -10.49 -15.65 3.14
N ILE B 52 -10.39 -15.26 4.42
CA ILE B 52 -9.79 -16.07 5.46
C ILE B 52 -10.82 -16.67 6.42
N ASN B 53 -10.54 -17.91 6.88
CA ASN B 53 -11.33 -18.57 7.92
C ASN B 53 -10.50 -18.41 9.16
N ALA B 54 -11.02 -17.73 10.17
CA ALA B 54 -10.29 -17.50 11.43
C ALA B 54 -10.46 -18.66 12.44
N LEU B 55 -11.32 -19.65 12.13
CA LEU B 55 -11.63 -20.77 13.00
C LEU B 55 -11.14 -22.12 12.44
N THR B 56 -11.17 -23.15 13.27
CA THR B 56 -10.84 -24.50 12.82
C THR B 56 -12.11 -25.00 12.15
N SER B 57 -12.00 -25.49 10.92
CA SER B 57 -13.17 -25.98 10.18
C SER B 57 -13.83 -27.19 10.84
N PHE B 58 -13.08 -27.94 11.62
CA PHE B 58 -13.58 -29.14 12.30
C PHE B 58 -14.68 -28.87 13.29
N VAL B 59 -15.58 -29.85 13.42
CA VAL B 59 -16.65 -29.75 14.39
C VAL B 59 -15.99 -30.27 15.66
N ASP B 60 -15.26 -29.36 16.34
CA ASP B 60 -14.42 -29.67 17.52
C ASP B 60 -14.68 -28.78 18.73
N ALA B 61 -15.84 -28.14 18.80
CA ALA B 61 -16.20 -27.21 19.86
C ALA B 61 -15.23 -26.02 19.97
N SER B 62 -14.71 -25.54 18.84
CA SER B 62 -13.82 -24.39 18.84
C SER B 62 -14.52 -23.11 19.34
N MET B 63 -15.86 -23.04 19.29
CA MET B 63 -16.59 -21.89 19.83
C MET B 63 -16.55 -21.88 21.37
N VAL B 64 -16.03 -22.95 22.00
CA VAL B 64 -15.90 -23.06 23.44
C VAL B 64 -14.42 -22.89 23.81
N TYR B 65 -13.53 -23.57 23.07
CA TYR B 65 -12.12 -23.64 23.40
C TYR B 65 -11.21 -22.60 22.71
N GLY B 66 -11.62 -22.12 21.55
CA GLY B 66 -10.84 -21.16 20.80
C GLY B 66 -10.10 -21.84 19.65
N SER B 67 -9.72 -21.05 18.64
CA SER B 67 -8.97 -21.58 17.51
C SER B 67 -7.51 -21.07 17.45
N GLU B 68 -7.05 -20.35 18.51
CA GLU B 68 -5.70 -19.81 18.63
C GLU B 68 -5.21 -20.07 20.05
N GLU B 69 -3.94 -20.47 20.18
CA GLU B 69 -3.32 -20.88 21.45
C GLU B 69 -3.35 -19.83 22.57
N PRO B 70 -3.06 -18.52 22.35
CA PRO B 70 -3.12 -17.57 23.48
C PRO B 70 -4.54 -17.43 24.05
N LEU B 71 -5.55 -17.37 23.16
CA LEU B 71 -6.95 -17.28 23.55
C LEU B 71 -7.34 -18.54 24.31
N ALA B 72 -6.99 -19.72 23.76
CA ALA B 72 -7.30 -21.01 24.40
C ALA B 72 -6.76 -21.09 25.82
N ARG B 73 -5.54 -20.57 26.05
CA ARG B 73 -4.92 -20.53 27.37
C ARG B 73 -5.73 -19.63 28.31
N ASN B 74 -6.06 -18.40 27.85
CA ASN B 74 -6.81 -17.43 28.65
C ASN B 74 -8.21 -17.89 29.04
N LEU B 75 -8.81 -18.77 28.25
CA LEU B 75 -10.15 -19.31 28.57
C LEU B 75 -10.12 -20.39 29.66
N ARG B 76 -8.95 -20.80 30.14
CA ARG B 76 -8.82 -21.84 31.14
C ARG B 76 -8.57 -21.33 32.55
N ASN B 77 -9.03 -22.08 33.54
CA ASN B 77 -8.80 -21.74 34.93
C ASN B 77 -7.41 -22.24 35.23
N MET B 78 -6.40 -21.36 35.09
CA MET B 78 -5.01 -21.71 35.35
C MET B 78 -4.65 -21.62 36.85
N SER B 79 -5.61 -21.32 37.74
CA SER B 79 -5.37 -21.21 39.19
C SER B 79 -5.17 -22.58 39.88
N ASN B 80 -5.64 -23.67 39.25
CA ASN B 80 -5.54 -25.01 39.86
C ASN B 80 -5.15 -26.11 38.83
N GLN B 81 -5.12 -27.40 39.25
CA GLN B 81 -4.84 -28.54 38.38
C GLN B 81 -6.13 -29.38 38.20
N LEU B 82 -7.27 -28.70 38.06
CA LEU B 82 -8.55 -29.38 37.89
C LEU B 82 -9.06 -29.43 36.42
N GLY B 83 -8.34 -28.80 35.48
CA GLY B 83 -8.69 -28.86 34.07
C GLY B 83 -10.02 -28.25 33.67
N LEU B 84 -10.44 -27.22 34.39
CA LEU B 84 -11.69 -26.51 34.13
C LEU B 84 -11.46 -25.29 33.23
N LEU B 85 -12.57 -24.67 32.78
CA LEU B 85 -12.53 -23.43 32.03
C LEU B 85 -12.85 -22.29 32.99
N ALA B 86 -12.31 -21.10 32.74
CA ALA B 86 -12.54 -19.94 33.59
C ALA B 86 -14.00 -19.47 33.55
N VAL B 87 -14.50 -18.98 34.69
CA VAL B 87 -15.88 -18.51 34.83
C VAL B 87 -15.93 -17.04 35.32
N ASN B 88 -17.09 -16.39 35.20
CA ASN B 88 -17.29 -15.01 35.61
C ASN B 88 -17.03 -14.85 37.11
N GLN B 89 -16.26 -13.84 37.49
CA GLN B 89 -15.93 -13.63 38.90
C GLN B 89 -16.90 -12.68 39.63
N ARG B 90 -17.53 -11.77 38.90
CA ARG B 90 -18.47 -10.83 39.49
C ARG B 90 -19.88 -11.43 39.66
N PHE B 91 -20.32 -12.33 38.77
CA PHE B 91 -21.69 -12.85 38.81
C PHE B 91 -21.86 -14.37 38.55
N GLN B 92 -22.98 -14.91 39.05
CA GLN B 92 -23.41 -16.30 38.88
C GLN B 92 -24.90 -16.35 38.49
N ASP B 93 -25.37 -17.47 37.90
CA ASP B 93 -26.78 -17.65 37.52
C ASP B 93 -27.42 -18.63 38.50
N ASN B 94 -27.86 -18.13 39.66
CA ASN B 94 -28.44 -18.93 40.74
C ASN B 94 -27.41 -19.97 41.22
N GLY B 95 -26.19 -19.52 41.49
CA GLY B 95 -25.10 -20.40 41.90
C GLY B 95 -24.37 -21.12 40.76
N ARG B 96 -24.93 -21.07 39.54
CA ARG B 96 -24.33 -21.70 38.39
C ARG B 96 -23.36 -20.77 37.67
N ALA B 97 -22.44 -21.33 36.88
CA ALA B 97 -21.43 -20.51 36.21
C ALA B 97 -21.92 -19.71 35.01
N LEU B 98 -21.32 -18.53 34.81
CA LEU B 98 -21.56 -17.67 33.66
C LEU B 98 -20.22 -17.49 32.94
N LEU B 99 -20.24 -17.21 31.62
CA LEU B 99 -18.98 -16.96 30.88
C LEU B 99 -18.22 -15.76 31.51
N PRO B 100 -16.89 -15.73 31.42
CA PRO B 100 -16.16 -14.56 31.93
C PRO B 100 -16.44 -13.32 31.09
N PHE B 101 -16.07 -12.14 31.58
CA PHE B 101 -16.25 -10.92 30.81
C PHE B 101 -15.03 -10.66 29.93
N ASP B 102 -15.25 -10.03 28.79
CA ASP B 102 -14.18 -9.68 27.87
C ASP B 102 -13.56 -8.33 28.27
N ASN B 103 -12.38 -8.02 27.72
CA ASN B 103 -11.71 -6.77 28.00
C ASN B 103 -11.57 -5.96 26.72
N LEU B 104 -12.72 -5.66 26.08
CA LEU B 104 -12.73 -4.87 24.85
C LEU B 104 -12.51 -3.39 25.16
N HIS B 105 -11.83 -2.68 24.24
CA HIS B 105 -11.63 -1.23 24.42
C HIS B 105 -12.95 -0.56 24.05
N ASP B 106 -13.54 -0.93 22.88
CA ASP B 106 -14.85 -0.44 22.47
C ASP B 106 -15.83 -1.61 22.61
N ASP B 107 -16.57 -1.65 23.72
CA ASP B 107 -17.52 -2.71 24.04
C ASP B 107 -18.97 -2.39 23.61
N PRO B 108 -19.52 -3.13 22.61
CA PRO B 108 -20.89 -2.85 22.15
C PRO B 108 -21.98 -3.25 23.14
N CYS B 109 -21.69 -4.20 24.04
CA CYS B 109 -22.69 -4.63 25.02
C CYS B 109 -23.03 -3.58 26.05
N LEU B 110 -22.07 -2.69 26.36
CA LEU B 110 -22.26 -1.59 27.29
C LEU B 110 -23.27 -0.57 26.73
N LEU B 111 -23.40 -0.46 25.40
CA LEU B 111 -24.34 0.49 24.80
C LEU B 111 -25.80 0.04 24.86
N THR B 112 -26.06 -1.26 25.08
CA THR B 112 -27.43 -1.79 25.08
C THR B 112 -28.24 -1.35 26.32
N ASN B 113 -27.57 -1.03 27.43
CA ASN B 113 -28.16 -0.54 28.65
C ASN B 113 -27.05 0.18 29.36
N ARG B 114 -27.08 1.51 29.36
CA ARG B 114 -26.01 2.27 29.97
C ARG B 114 -25.94 2.03 31.47
N SER B 115 -27.10 2.06 32.14
CA SER B 115 -27.23 1.87 33.59
C SER B 115 -26.56 0.57 34.09
N ALA B 116 -26.87 -0.56 33.42
CA ALA B 116 -26.40 -1.90 33.76
C ALA B 116 -24.90 -2.06 33.75
N ARG B 117 -24.19 -1.42 32.82
CA ARG B 117 -22.74 -1.53 32.71
C ARG B 117 -22.23 -2.98 32.66
N ILE B 118 -22.89 -3.82 31.86
CA ILE B 118 -22.51 -5.22 31.71
C ILE B 118 -21.80 -5.42 30.38
N PRO B 119 -20.48 -5.69 30.42
CA PRO B 119 -19.73 -5.88 29.16
C PRO B 119 -19.97 -7.22 28.46
N CYS B 120 -19.34 -7.42 27.26
CA CYS B 120 -19.46 -8.65 26.48
C CYS B 120 -18.83 -9.82 27.22
N PHE B 121 -19.27 -11.03 26.88
CA PHE B 121 -18.69 -12.25 27.44
C PHE B 121 -17.48 -12.69 26.63
N LEU B 122 -16.62 -13.50 27.25
CA LEU B 122 -15.42 -14.04 26.65
C LEU B 122 -15.65 -15.55 26.42
N ALA B 123 -15.52 -16.00 25.19
CA ALA B 123 -15.75 -17.40 24.83
C ALA B 123 -14.73 -17.85 23.72
N GLY B 124 -14.80 -19.10 23.24
CA GLY B 124 -13.94 -19.61 22.18
C GLY B 124 -14.07 -18.80 20.91
N ASP B 125 -15.30 -18.36 20.61
CA ASP B 125 -15.60 -17.53 19.46
C ASP B 125 -15.99 -16.11 19.96
N THR B 126 -15.62 -15.05 19.20
CA THR B 126 -15.87 -13.65 19.57
C THR B 126 -17.33 -13.20 19.49
N ARG B 127 -18.21 -13.97 18.84
CA ARG B 127 -19.60 -13.55 18.67
C ARG B 127 -20.55 -14.04 19.78
N SER B 128 -20.00 -14.54 20.89
CA SER B 128 -20.72 -15.08 22.04
C SER B 128 -21.83 -14.21 22.58
N SER B 129 -21.72 -12.89 22.45
CA SER B 129 -22.75 -11.97 23.00
C SER B 129 -23.71 -11.38 21.96
N GLU B 130 -23.63 -11.78 20.66
CA GLU B 130 -24.48 -11.26 19.58
C GLU B 130 -25.99 -11.31 19.87
N MET B 131 -26.47 -12.40 20.46
CA MET B 131 -27.85 -12.52 20.89
C MET B 131 -27.85 -13.40 22.15
N PRO B 132 -28.64 -13.05 23.20
CA PRO B 132 -28.58 -13.83 24.45
C PRO B 132 -28.91 -15.31 24.30
N GLU B 133 -29.59 -15.70 23.19
CA GLU B 133 -29.87 -17.11 22.95
C GLU B 133 -28.57 -17.86 22.62
N LEU B 134 -27.61 -17.19 21.95
CA LEU B 134 -26.31 -17.77 21.62
C LEU B 134 -25.45 -17.81 22.89
N THR B 135 -25.47 -16.73 23.69
CA THR B 135 -24.76 -16.64 24.96
C THR B 135 -25.16 -17.81 25.88
N SER B 136 -26.46 -18.17 25.86
CA SER B 136 -27.02 -19.26 26.66
C SER B 136 -26.45 -20.63 26.27
N MET B 137 -26.22 -20.81 24.97
CA MET B 137 -25.67 -22.04 24.46
C MET B 137 -24.18 -22.13 24.76
N HIS B 138 -23.46 -20.99 24.73
CA HIS B 138 -22.05 -20.96 25.06
C HIS B 138 -21.91 -21.29 26.58
N THR B 139 -22.76 -20.68 27.42
CA THR B 139 -22.78 -20.88 28.87
C THR B 139 -23.10 -22.32 29.23
N LEU B 140 -24.02 -22.94 28.48
CA LEU B 140 -24.41 -24.33 28.70
C LEU B 140 -23.19 -25.24 28.44
N LEU B 141 -22.47 -25.01 27.34
CA LEU B 141 -21.30 -25.82 27.00
C LEU B 141 -20.10 -25.58 27.90
N LEU B 142 -19.98 -24.38 28.49
CA LEU B 142 -18.91 -24.05 29.47
C LEU B 142 -19.16 -24.85 30.76
N ARG B 143 -20.42 -24.95 31.19
CA ARG B 143 -20.78 -25.70 32.38
C ARG B 143 -20.56 -27.21 32.16
N GLU B 144 -20.85 -27.70 30.95
CA GLU B 144 -20.68 -29.11 30.64
C GLU B 144 -19.22 -29.51 30.72
N HIS B 145 -18.29 -28.63 30.32
CA HIS B 145 -16.86 -28.92 30.40
C HIS B 145 -16.42 -29.03 31.87
N ASN B 146 -16.83 -28.07 32.71
CA ASN B 146 -16.48 -28.07 34.12
C ASN B 146 -17.09 -29.26 34.84
N ARG B 147 -18.32 -29.66 34.46
CA ARG B 147 -19.03 -30.79 35.03
C ARG B 147 -18.31 -32.12 34.69
N LEU B 148 -17.87 -32.25 33.43
CA LEU B 148 -17.13 -33.42 32.94
C LEU B 148 -15.77 -33.55 33.63
N ALA B 149 -15.03 -32.44 33.79
CA ALA B 149 -13.70 -32.42 34.42
C ALA B 149 -13.77 -32.71 35.93
N THR B 150 -14.92 -32.43 36.55
CA THR B 150 -15.15 -32.71 37.97
C THR B 150 -15.43 -34.20 38.11
N GLU B 151 -16.29 -34.76 37.22
CA GLU B 151 -16.66 -36.16 37.20
C GLU B 151 -15.42 -37.05 36.93
N LEU B 152 -14.58 -36.62 35.96
CA LEU B 152 -13.33 -37.30 35.59
C LEU B 152 -12.26 -37.21 36.68
N LYS B 153 -12.24 -36.12 37.47
CA LYS B 153 -11.25 -35.97 38.55
C LYS B 153 -11.56 -36.95 39.68
N SER B 154 -12.84 -37.22 39.95
CA SER B 154 -13.23 -38.18 41.00
C SER B 154 -12.93 -39.63 40.55
N LEU B 155 -13.05 -39.90 39.25
CA LEU B 155 -12.79 -41.21 38.68
C LEU B 155 -11.27 -41.45 38.58
N ASN B 156 -10.51 -40.43 38.21
CA ASN B 156 -9.06 -40.57 38.06
C ASN B 156 -8.23 -39.52 38.85
N PRO B 157 -8.18 -39.61 40.19
CA PRO B 157 -7.43 -38.61 40.97
C PRO B 157 -5.99 -38.33 40.55
N ARG B 158 -5.30 -39.32 39.95
CA ARG B 158 -3.92 -39.14 39.52
C ARG B 158 -3.77 -38.22 38.30
N TRP B 159 -4.85 -37.99 37.53
CA TRP B 159 -4.82 -37.12 36.35
C TRP B 159 -4.58 -35.64 36.70
N ASP B 160 -3.70 -34.99 35.94
CA ASP B 160 -3.39 -33.56 36.17
C ASP B 160 -4.33 -32.63 35.35
N GLY B 161 -4.16 -31.31 35.52
CA GLY B 161 -4.98 -30.31 34.87
C GLY B 161 -5.05 -30.44 33.36
N GLU B 162 -3.90 -30.64 32.69
CA GLU B 162 -3.86 -30.75 31.24
C GLU B 162 -4.58 -32.00 30.74
N ARG B 163 -4.44 -33.14 31.43
CA ARG B 163 -5.12 -34.38 31.05
C ARG B 163 -6.63 -34.22 31.20
N LEU B 164 -7.08 -33.67 32.35
CA LEU B 164 -8.49 -33.43 32.62
C LEU B 164 -9.11 -32.49 31.58
N TYR B 165 -8.38 -31.41 31.21
CA TYR B 165 -8.88 -30.44 30.24
C TYR B 165 -9.03 -31.11 28.90
N GLN B 166 -7.99 -31.83 28.46
CA GLN B 166 -8.00 -32.49 27.17
C GLN B 166 -9.06 -33.59 27.07
N GLU B 167 -9.26 -34.36 28.14
CA GLU B 167 -10.25 -35.44 28.13
C GLU B 167 -11.69 -34.90 28.09
N ALA B 168 -11.97 -33.81 28.87
CA ALA B 168 -13.28 -33.16 28.91
C ALA B 168 -13.58 -32.42 27.58
N ARG B 169 -12.52 -31.87 26.95
CA ARG B 169 -12.61 -31.17 25.67
C ARG B 169 -13.03 -32.15 24.56
N LYS B 170 -12.37 -33.32 24.53
CA LYS B 170 -12.62 -34.41 23.59
C LYS B 170 -14.09 -34.88 23.67
N ILE B 171 -14.65 -34.99 24.88
CA ILE B 171 -16.04 -35.40 25.08
C ILE B 171 -17.02 -34.32 24.58
N VAL B 172 -16.74 -33.05 24.90
CA VAL B 172 -17.58 -31.93 24.46
C VAL B 172 -17.64 -31.85 22.94
N GLY B 173 -16.49 -32.00 22.30
CA GLY B 173 -16.40 -32.00 20.85
C GLY B 173 -17.16 -33.15 20.22
N ALA B 174 -17.12 -34.33 20.87
CA ALA B 174 -17.86 -35.50 20.36
C ALA B 174 -19.34 -35.25 20.46
N MET B 175 -19.79 -34.58 21.54
CA MET B 175 -21.20 -34.28 21.71
C MET B 175 -21.69 -33.31 20.65
N VAL B 176 -20.87 -32.32 20.30
CA VAL B 176 -21.23 -31.39 19.22
C VAL B 176 -21.38 -32.15 17.88
N GLN B 177 -20.47 -33.09 17.60
CA GLN B 177 -20.55 -33.91 16.40
C GLN B 177 -21.79 -34.81 16.39
N ILE B 178 -22.12 -35.43 17.53
CA ILE B 178 -23.27 -36.33 17.63
C ILE B 178 -24.59 -35.58 17.46
N ILE B 179 -24.79 -34.46 18.20
CA ILE B 179 -26.01 -33.69 18.08
C ILE B 179 -26.18 -33.15 16.66
N THR B 180 -25.08 -32.69 16.05
CA THR B 180 -25.09 -32.17 14.69
C THR B 180 -25.42 -33.22 13.62
N TYR B 181 -24.74 -34.38 13.62
CA TYR B 181 -24.92 -35.36 12.56
C TYR B 181 -26.07 -36.35 12.78
N ARG B 182 -26.46 -36.54 14.03
CA ARG B 182 -27.54 -37.46 14.36
C ARG B 182 -28.86 -36.73 14.40
N ASP B 183 -28.89 -35.53 15.01
CA ASP B 183 -30.14 -34.81 15.25
C ASP B 183 -30.38 -33.57 14.39
N TYR B 184 -29.36 -32.72 14.21
CA TYR B 184 -29.52 -31.47 13.49
C TYR B 184 -29.62 -31.66 11.98
N LEU B 185 -28.53 -32.12 11.32
CA LEU B 185 -28.44 -32.29 9.87
C LEU B 185 -29.58 -33.09 9.24
N PRO B 186 -30.07 -34.23 9.78
CA PRO B 186 -31.18 -34.92 9.14
C PRO B 186 -32.41 -34.04 8.95
N LEU B 187 -32.65 -33.11 9.90
CA LEU B 187 -33.77 -32.17 9.88
C LEU B 187 -33.53 -30.94 8.99
N VAL B 188 -32.27 -30.69 8.60
CA VAL B 188 -31.94 -29.60 7.69
C VAL B 188 -32.07 -30.11 6.27
N LEU B 189 -31.44 -31.26 5.97
CA LEU B 189 -31.40 -31.80 4.61
C LEU B 189 -32.64 -32.62 4.22
N GLY B 190 -33.26 -33.25 5.19
CA GLY B 190 -34.31 -34.20 4.90
C GLY B 190 -33.68 -35.56 4.62
N PRO B 191 -34.48 -36.63 4.62
CA PRO B 191 -33.91 -37.98 4.49
C PRO B 191 -33.25 -38.35 3.15
N THR B 192 -33.79 -37.93 1.98
CA THR B 192 -33.13 -38.36 0.73
C THR B 192 -31.79 -37.67 0.56
N ALA B 193 -31.70 -36.37 0.90
CA ALA B 193 -30.42 -35.66 0.80
C ALA B 193 -29.46 -36.19 1.85
N MET B 194 -29.97 -36.54 3.06
CA MET B 194 -29.13 -37.11 4.11
C MET B 194 -28.42 -38.40 3.62
N ARG B 195 -29.14 -39.26 2.89
CA ARG B 195 -28.55 -40.48 2.36
C ARG B 195 -27.58 -40.18 1.20
N LYS B 196 -27.89 -39.16 0.39
CA LYS B 196 -27.06 -38.81 -0.76
C LYS B 196 -25.72 -38.19 -0.35
N TYR B 197 -25.73 -37.14 0.48
CA TYR B 197 -24.53 -36.43 0.82
C TYR B 197 -23.83 -36.92 2.07
N LEU B 198 -24.54 -37.67 2.92
CA LEU B 198 -23.96 -38.18 4.15
C LEU B 198 -24.20 -39.68 4.32
N PRO B 199 -23.66 -40.54 3.46
CA PRO B 199 -23.85 -41.99 3.64
C PRO B 199 -23.21 -42.51 4.93
N THR B 200 -23.54 -43.74 5.35
CA THR B 200 -23.00 -44.31 6.59
C THR B 200 -21.48 -44.20 6.70
N TYR B 201 -21.00 -43.58 7.79
CA TYR B 201 -19.58 -43.37 8.03
C TYR B 201 -18.79 -44.68 7.97
N ARG B 202 -17.72 -44.73 7.17
CA ARG B 202 -16.88 -45.91 7.11
C ARG B 202 -15.64 -45.65 8.03
N SER B 203 -14.71 -44.80 7.59
CA SER B 203 -13.53 -44.45 8.37
C SER B 203 -12.89 -43.16 7.85
N TYR B 204 -11.92 -42.63 8.60
CA TYR B 204 -11.20 -41.42 8.20
C TYR B 204 -10.47 -41.65 6.86
N ASN B 205 -10.52 -40.65 5.95
CA ASN B 205 -9.81 -40.72 4.67
C ASN B 205 -8.98 -39.42 4.51
N ASP B 206 -7.65 -39.55 4.57
CA ASP B 206 -6.76 -38.37 4.53
C ASP B 206 -6.68 -37.66 3.17
N SER B 207 -7.48 -38.07 2.19
CA SER B 207 -7.53 -37.38 0.91
C SER B 207 -8.81 -36.55 0.75
N VAL B 208 -9.58 -36.37 1.86
CA VAL B 208 -10.79 -35.59 1.90
C VAL B 208 -10.41 -34.24 2.50
N ASP B 209 -10.49 -33.19 1.68
CA ASP B 209 -10.18 -31.84 2.09
C ASP B 209 -11.22 -31.38 3.12
N PRO B 210 -10.78 -31.14 4.38
CA PRO B 210 -11.74 -30.76 5.43
C PRO B 210 -11.96 -29.26 5.57
N ARG B 211 -11.40 -28.43 4.66
CA ARG B 211 -11.58 -26.98 4.74
C ARG B 211 -13.02 -26.55 4.44
N ILE B 212 -13.43 -25.40 5.00
CA ILE B 212 -14.76 -24.84 4.73
C ILE B 212 -14.63 -24.15 3.38
N ALA B 213 -15.57 -24.41 2.46
CA ALA B 213 -15.52 -23.76 1.16
C ALA B 213 -16.05 -22.34 1.33
N ASN B 214 -15.56 -21.39 0.51
CA ASN B 214 -15.99 -20.00 0.56
C ASN B 214 -17.53 -19.87 0.46
N VAL B 215 -18.15 -20.64 -0.48
CA VAL B 215 -19.60 -20.67 -0.70
C VAL B 215 -20.37 -21.09 0.54
N PHE B 216 -19.84 -22.03 1.34
CA PHE B 216 -20.54 -22.49 2.55
C PHE B 216 -20.75 -21.35 3.57
N THR B 217 -19.79 -20.41 3.68
CA THR B 217 -19.98 -19.26 4.59
C THR B 217 -21.22 -18.42 4.24
N ASN B 218 -21.66 -18.48 2.97
CA ASN B 218 -22.83 -17.75 2.54
C ASN B 218 -24.06 -18.66 2.50
N ALA B 219 -23.94 -19.89 1.94
CA ALA B 219 -25.01 -20.86 1.82
C ALA B 219 -25.57 -21.24 3.18
N PHE B 220 -24.72 -21.44 4.19
CA PHE B 220 -25.18 -21.79 5.53
C PHE B 220 -25.95 -20.65 6.23
N ARG B 221 -25.93 -19.43 5.65
CA ARG B 221 -26.72 -18.35 6.21
C ARG B 221 -28.23 -18.57 5.96
N TYR B 222 -28.64 -19.73 5.40
CA TYR B 222 -30.06 -20.10 5.23
C TYR B 222 -30.82 -19.96 6.61
N GLY B 223 -30.08 -20.18 7.71
CA GLY B 223 -30.58 -20.11 9.07
C GLY B 223 -31.20 -18.77 9.40
N HIS B 224 -30.87 -17.72 8.61
CA HIS B 224 -31.48 -16.40 8.79
C HIS B 224 -33.00 -16.44 8.51
N THR B 225 -33.46 -17.39 7.67
CA THR B 225 -34.88 -17.57 7.36
C THR B 225 -35.67 -18.23 8.50
N LEU B 226 -34.98 -18.78 9.51
CA LEU B 226 -35.59 -19.45 10.67
C LEU B 226 -35.79 -18.52 11.88
N ILE B 227 -35.08 -17.39 11.91
CA ILE B 227 -35.10 -16.41 12.97
C ILE B 227 -36.49 -15.81 13.26
N GLN B 228 -36.88 -15.81 14.54
CA GLN B 228 -38.12 -15.21 15.03
C GLN B 228 -37.84 -13.75 15.39
N PRO B 229 -38.85 -12.85 15.33
CA PRO B 229 -38.60 -11.44 15.66
C PRO B 229 -38.41 -11.13 17.16
N PHE B 230 -38.64 -12.10 18.04
CA PHE B 230 -38.50 -11.87 19.47
C PHE B 230 -37.63 -12.91 20.15
N MET B 231 -37.13 -12.58 21.35
CA MET B 231 -36.46 -13.52 22.22
C MET B 231 -37.57 -13.88 23.23
N PHE B 232 -37.89 -15.17 23.30
CA PHE B 232 -38.97 -15.65 24.15
C PHE B 232 -38.41 -16.19 25.45
N ARG B 233 -38.94 -15.70 26.58
CA ARG B 233 -38.50 -16.18 27.89
C ARG B 233 -39.65 -16.81 28.63
N LEU B 234 -39.44 -18.02 29.16
CA LEU B 234 -40.49 -18.74 29.86
C LEU B 234 -40.07 -19.09 31.27
N ASP B 235 -41.02 -19.01 32.21
CA ASP B 235 -40.78 -19.32 33.61
C ASP B 235 -40.75 -20.85 33.89
N ASN B 236 -40.63 -21.24 35.16
CA ASN B 236 -40.59 -22.62 35.64
C ASN B 236 -41.67 -23.53 34.99
N ARG B 237 -42.91 -23.03 34.85
CA ARG B 237 -43.99 -23.83 34.26
C ARG B 237 -44.19 -23.63 32.76
N TYR B 238 -43.19 -23.07 32.06
CA TYR B 238 -43.18 -22.77 30.63
C TYR B 238 -44.24 -21.75 30.20
N GLN B 239 -44.63 -20.89 31.13
CA GLN B 239 -45.57 -19.81 30.89
C GLN B 239 -44.75 -18.54 30.63
N PRO B 240 -45.28 -17.56 29.88
CA PRO B 240 -44.49 -16.34 29.60
C PRO B 240 -43.89 -15.68 30.85
N MET B 241 -42.58 -15.41 30.84
CA MET B 241 -41.88 -14.77 31.97
C MET B 241 -42.13 -13.26 31.91
N GLU B 242 -43.19 -12.79 32.60
CA GLU B 242 -43.61 -11.39 32.62
C GLU B 242 -42.90 -10.61 33.75
N PRO B 243 -42.61 -9.31 33.54
CA PRO B 243 -42.83 -8.52 32.32
C PRO B 243 -41.77 -8.82 31.27
N ASN B 244 -42.10 -8.49 30.02
CA ASN B 244 -41.23 -8.69 28.85
C ASN B 244 -40.97 -10.17 28.54
N PRO B 245 -42.03 -10.98 28.32
CA PRO B 245 -41.79 -12.38 27.93
C PRO B 245 -41.35 -12.53 26.47
N ARG B 246 -41.60 -11.52 25.62
CA ARG B 246 -41.23 -11.51 24.20
C ARG B 246 -40.54 -10.17 23.92
N VAL B 247 -39.20 -10.12 23.84
CA VAL B 247 -38.49 -8.87 23.57
C VAL B 247 -37.99 -8.85 22.13
N PRO B 248 -38.29 -7.78 21.36
CA PRO B 248 -37.83 -7.73 19.97
C PRO B 248 -36.31 -7.88 19.82
N LEU B 249 -35.90 -8.56 18.73
CA LEU B 249 -34.50 -8.84 18.44
C LEU B 249 -33.62 -7.60 18.42
N SER B 250 -34.13 -6.46 17.92
CA SER B 250 -33.41 -5.18 17.91
C SER B 250 -33.04 -4.68 19.35
N ARG B 251 -33.76 -5.19 20.37
CA ARG B 251 -33.46 -4.85 21.74
C ARG B 251 -32.59 -5.93 22.46
N VAL B 252 -32.25 -7.06 21.79
CA VAL B 252 -31.44 -8.12 22.42
C VAL B 252 -30.03 -8.28 21.82
N PHE B 253 -29.76 -7.65 20.67
CA PHE B 253 -28.43 -7.74 20.04
C PHE B 253 -27.38 -7.13 20.96
N PHE B 254 -26.38 -7.94 21.35
CA PHE B 254 -25.30 -7.53 22.28
C PHE B 254 -25.81 -7.23 23.70
N ALA B 255 -27.02 -7.65 24.07
CA ALA B 255 -27.55 -7.33 25.40
C ALA B 255 -27.18 -8.35 26.48
N SER B 256 -25.88 -8.47 26.78
CA SER B 256 -25.38 -9.38 27.80
C SER B 256 -25.95 -9.08 29.20
N TRP B 257 -26.42 -7.83 29.43
CA TRP B 257 -27.05 -7.45 30.69
C TRP B 257 -28.33 -8.24 30.92
N ARG B 258 -29.03 -8.63 29.84
CA ARG B 258 -30.24 -9.42 29.94
C ARG B 258 -29.99 -10.79 30.56
N VAL B 259 -28.78 -11.33 30.42
CA VAL B 259 -28.44 -12.63 30.98
C VAL B 259 -28.08 -12.45 32.48
N VAL B 260 -27.30 -11.42 32.80
CA VAL B 260 -26.85 -11.13 34.17
C VAL B 260 -27.97 -10.61 35.10
N LEU B 261 -28.79 -9.68 34.60
CA LEU B 261 -29.82 -9.05 35.40
C LEU B 261 -31.25 -9.49 35.11
N GLU B 262 -31.56 -10.02 33.91
CA GLU B 262 -32.95 -10.36 33.61
C GLU B 262 -33.33 -11.85 33.76
N GLY B 263 -32.65 -12.57 34.65
CA GLY B 263 -33.02 -13.96 34.96
C GLY B 263 -32.13 -15.13 34.58
N GLY B 264 -30.96 -14.86 34.01
CA GLY B 264 -30.05 -15.95 33.65
C GLY B 264 -30.43 -16.67 32.37
N ILE B 265 -29.74 -17.80 32.11
CA ILE B 265 -29.86 -18.61 30.91
C ILE B 265 -31.07 -19.55 30.91
N ASP B 266 -31.61 -19.92 32.07
CA ASP B 266 -32.74 -20.85 32.17
C ASP B 266 -34.02 -20.40 31.42
N PRO B 267 -34.54 -19.15 31.60
CA PRO B 267 -35.74 -18.75 30.84
C PRO B 267 -35.49 -18.63 29.33
N ILE B 268 -34.24 -18.41 28.92
CA ILE B 268 -33.88 -18.31 27.50
C ILE B 268 -33.89 -19.68 26.84
N LEU B 269 -33.32 -20.67 27.53
CA LEU B 269 -33.30 -22.06 27.06
C LEU B 269 -34.72 -22.63 26.98
N ARG B 270 -35.58 -22.32 27.96
CA ARG B 270 -36.98 -22.76 27.99
C ARG B 270 -37.71 -22.20 26.75
N GLY B 271 -37.48 -20.93 26.47
CA GLY B 271 -38.07 -20.26 25.32
C GLY B 271 -37.62 -20.87 24.02
N LEU B 272 -36.35 -21.26 23.90
CA LEU B 272 -35.83 -21.86 22.65
C LEU B 272 -36.45 -23.23 22.38
N MET B 273 -36.68 -24.00 23.44
CA MET B 273 -37.21 -25.34 23.33
C MET B 273 -38.70 -25.37 23.04
N ALA B 274 -39.47 -24.50 23.73
CA ALA B 274 -40.94 -24.48 23.64
C ALA B 274 -41.53 -23.45 22.66
N THR B 275 -40.73 -22.82 21.81
CA THR B 275 -41.25 -21.87 20.83
C THR B 275 -40.90 -22.40 19.47
N PRO B 276 -41.87 -22.45 18.54
CA PRO B 276 -41.57 -22.91 17.19
C PRO B 276 -40.67 -21.93 16.43
N ALA B 277 -39.90 -22.45 15.50
CA ALA B 277 -39.03 -21.62 14.66
C ALA B 277 -39.89 -20.89 13.60
N LYS B 278 -39.35 -19.85 12.96
CA LYS B 278 -40.06 -19.19 11.87
C LYS B 278 -39.92 -20.15 10.67
N LEU B 279 -41.01 -20.42 9.95
CA LEU B 279 -40.95 -21.30 8.80
C LEU B 279 -40.60 -20.48 7.58
N ASN B 280 -39.56 -20.90 6.81
CA ASN B 280 -39.20 -20.23 5.57
C ASN B 280 -40.28 -20.56 4.50
N ARG B 281 -40.88 -19.50 3.95
CA ARG B 281 -41.90 -19.57 2.89
C ARG B 281 -41.46 -18.61 1.80
N GLN B 282 -41.69 -18.94 0.53
CA GLN B 282 -41.23 -18.12 -0.60
C GLN B 282 -41.73 -16.66 -0.58
N ASN B 283 -42.81 -16.39 0.18
CA ASN B 283 -43.33 -15.01 0.29
C ASN B 283 -43.17 -14.45 1.73
N GLN B 284 -42.40 -15.14 2.60
CA GLN B 284 -42.11 -14.81 3.99
C GLN B 284 -40.68 -15.33 4.30
N ILE B 285 -39.70 -14.81 3.56
CA ILE B 285 -38.33 -15.28 3.70
C ILE B 285 -37.64 -14.87 5.03
N ALA B 286 -37.50 -13.55 5.34
CA ALA B 286 -36.81 -13.14 6.57
C ALA B 286 -37.49 -11.94 7.25
N VAL B 287 -37.53 -11.92 8.61
CA VAL B 287 -38.19 -10.86 9.40
C VAL B 287 -37.47 -9.51 9.42
N ASP B 288 -38.22 -8.43 9.65
CA ASP B 288 -37.68 -7.07 9.63
C ASP B 288 -36.84 -6.71 10.87
N GLU B 289 -36.78 -7.57 11.90
CA GLU B 289 -35.91 -7.29 13.04
C GLU B 289 -34.44 -7.38 12.59
N ILE B 290 -34.15 -8.27 11.61
CA ILE B 290 -32.84 -8.45 11.00
C ILE B 290 -32.75 -7.70 9.66
N ARG B 291 -33.86 -7.56 8.94
CA ARG B 291 -33.89 -6.87 7.66
C ARG B 291 -33.87 -5.34 7.78
N GLU B 292 -34.29 -4.80 8.93
CA GLU B 292 -34.35 -3.34 9.12
C GLU B 292 -33.66 -2.86 10.38
N ARG B 293 -33.72 -3.64 11.47
CA ARG B 293 -33.18 -3.19 12.74
C ARG B 293 -32.06 -4.05 13.27
N LEU B 294 -31.15 -4.52 12.39
CA LEU B 294 -30.03 -5.34 12.85
C LEU B 294 -29.00 -4.45 13.53
N PHE B 295 -28.68 -4.76 14.79
CA PHE B 295 -27.73 -4.03 15.62
C PHE B 295 -28.05 -2.54 15.70
N GLU B 296 -29.35 -2.20 15.59
CA GLU B 296 -29.92 -0.86 15.62
C GLU B 296 -29.46 0.01 16.82
N GLN B 297 -29.37 -0.61 18.00
CA GLN B 297 -29.02 0.04 19.26
C GLN B 297 -27.57 0.50 19.34
N VAL B 298 -26.64 -0.17 18.63
CA VAL B 298 -25.22 0.16 18.72
C VAL B 298 -24.62 0.82 17.48
N MET B 299 -25.38 0.91 16.38
CA MET B 299 -24.86 1.49 15.14
C MET B 299 -25.50 2.84 14.83
N ARG B 300 -24.94 3.58 13.88
CA ARG B 300 -25.53 4.85 13.45
C ARG B 300 -26.81 4.63 12.61
N ILE B 301 -27.05 3.40 12.10
CA ILE B 301 -28.20 3.01 11.29
C ILE B 301 -28.43 1.48 11.45
N GLY B 302 -29.68 1.04 11.40
CA GLY B 302 -30.00 -0.38 11.50
C GLY B 302 -29.58 -1.10 10.23
N LEU B 303 -28.83 -2.19 10.36
CA LEU B 303 -28.39 -2.95 9.19
C LEU B 303 -29.52 -3.85 8.62
N ASP B 304 -29.30 -4.42 7.43
CA ASP B 304 -30.21 -5.32 6.72
C ASP B 304 -29.43 -6.63 6.53
N LEU B 305 -29.68 -7.64 7.39
CA LEU B 305 -28.93 -8.90 7.34
C LEU B 305 -29.03 -9.60 5.97
N PRO B 306 -30.23 -9.86 5.39
CA PRO B 306 -30.29 -10.46 4.04
C PRO B 306 -29.46 -9.71 2.98
N ALA B 307 -29.46 -8.36 3.02
CA ALA B 307 -28.73 -7.55 2.07
C ALA B 307 -27.24 -7.67 2.33
N LEU B 308 -26.82 -7.69 3.61
CA LEU B 308 -25.41 -7.88 3.97
C LEU B 308 -24.90 -9.21 3.42
N ASN B 309 -25.75 -10.28 3.45
CA ASN B 309 -25.41 -11.59 2.88
C ASN B 309 -25.14 -11.49 1.37
N MET B 310 -25.98 -10.75 0.64
CA MET B 310 -25.83 -10.60 -0.81
C MET B 310 -24.59 -9.78 -1.12
N GLN B 311 -24.38 -8.66 -0.41
CA GLN B 311 -23.17 -7.85 -0.62
C GLN B 311 -21.91 -8.67 -0.29
N ARG B 312 -22.01 -9.56 0.73
CA ARG B 312 -20.93 -10.43 1.17
C ARG B 312 -20.56 -11.46 0.09
N SER B 313 -21.55 -12.06 -0.56
CA SER B 313 -21.26 -13.01 -1.65
C SER B 313 -20.55 -12.31 -2.81
N ARG B 314 -20.89 -11.05 -3.07
CA ARG B 314 -20.25 -10.28 -4.15
C ARG B 314 -18.84 -9.92 -3.77
N ASP B 315 -18.64 -9.50 -2.49
CA ASP B 315 -17.33 -9.20 -1.90
C ASP B 315 -16.42 -10.45 -2.05
N HIS B 316 -16.99 -11.61 -1.76
CA HIS B 316 -16.33 -12.91 -1.83
C HIS B 316 -16.18 -13.47 -3.24
N GLY B 317 -16.65 -12.75 -4.26
CA GLY B 317 -16.55 -13.16 -5.64
C GLY B 317 -17.23 -14.48 -5.92
N LEU B 318 -18.37 -14.75 -5.25
CA LEU B 318 -19.04 -16.02 -5.47
C LEU B 318 -19.79 -16.03 -6.76
N PRO B 319 -19.69 -17.12 -7.55
CA PRO B 319 -20.56 -17.24 -8.73
C PRO B 319 -22.06 -17.21 -8.34
N GLY B 320 -22.90 -16.89 -9.29
CA GLY B 320 -24.33 -16.81 -9.07
C GLY B 320 -25.00 -18.17 -9.04
N TYR B 321 -26.31 -18.15 -8.89
CA TYR B 321 -27.21 -19.28 -8.82
C TYR B 321 -26.92 -20.46 -9.81
N ASN B 322 -27.10 -20.26 -11.14
CA ASN B 322 -26.86 -21.26 -12.19
C ASN B 322 -25.52 -21.95 -12.17
N ALA B 323 -24.44 -21.23 -11.83
CA ALA B 323 -23.12 -21.86 -11.75
C ALA B 323 -23.08 -22.87 -10.58
N TRP B 324 -23.75 -22.53 -9.46
CA TRP B 324 -23.81 -23.45 -8.32
C TRP B 324 -24.78 -24.59 -8.60
N ARG B 325 -25.88 -24.34 -9.34
CA ARG B 325 -26.82 -25.39 -9.74
C ARG B 325 -26.09 -26.37 -10.66
N ARG B 326 -25.19 -25.89 -11.56
CA ARG B 326 -24.37 -26.72 -12.45
C ARG B 326 -23.39 -27.53 -11.64
N PHE B 327 -22.67 -26.90 -10.70
CA PHE B 327 -21.72 -27.57 -9.82
C PHE B 327 -22.39 -28.78 -9.09
N CYS B 328 -23.64 -28.60 -8.65
CA CYS B 328 -24.38 -29.65 -7.94
C CYS B 328 -25.00 -30.72 -8.89
N GLY B 329 -24.90 -30.52 -10.20
CA GLY B 329 -25.51 -31.40 -11.19
C GLY B 329 -27.02 -31.20 -11.27
N LEU B 330 -27.46 -29.96 -11.04
CA LEU B 330 -28.87 -29.59 -11.06
C LEU B 330 -29.16 -28.74 -12.30
N PRO B 331 -30.35 -28.90 -12.90
CA PRO B 331 -30.70 -28.11 -14.10
C PRO B 331 -30.58 -26.61 -13.88
N GLN B 332 -30.11 -25.87 -14.89
CA GLN B 332 -29.88 -24.43 -14.74
C GLN B 332 -30.86 -23.63 -15.57
N PRO B 333 -31.88 -23.05 -14.90
CA PRO B 333 -32.89 -22.26 -15.63
C PRO B 333 -32.34 -21.00 -16.30
N GLU B 334 -32.70 -20.74 -17.57
CA GLU B 334 -32.23 -19.56 -18.29
C GLU B 334 -33.29 -18.43 -18.29
N THR B 335 -34.56 -18.71 -18.03
CA THR B 335 -35.62 -17.70 -18.11
C THR B 335 -36.59 -17.73 -16.90
N VAL B 336 -37.50 -16.73 -16.79
CA VAL B 336 -38.52 -16.72 -15.74
C VAL B 336 -39.44 -17.95 -15.91
N GLY B 337 -39.67 -18.42 -17.15
CA GLY B 337 -40.45 -19.62 -17.38
C GLY B 337 -39.80 -20.83 -16.74
N GLN B 338 -38.49 -21.03 -17.01
CA GLN B 338 -37.68 -22.13 -16.50
C GLN B 338 -37.52 -22.09 -14.98
N LEU B 339 -37.24 -20.91 -14.45
CA LEU B 339 -37.02 -20.67 -13.03
C LEU B 339 -38.32 -20.89 -12.23
N GLY B 340 -39.48 -20.59 -12.84
CA GLY B 340 -40.77 -20.80 -12.20
C GLY B 340 -41.00 -22.27 -11.90
N THR B 341 -40.54 -23.13 -12.83
CA THR B 341 -40.62 -24.57 -12.71
C THR B 341 -39.69 -25.06 -11.58
N VAL B 342 -38.47 -24.54 -11.52
CA VAL B 342 -37.50 -24.92 -10.49
C VAL B 342 -38.03 -24.53 -9.10
N LEU B 343 -38.51 -23.30 -8.95
CA LEU B 343 -39.05 -22.83 -7.67
C LEU B 343 -40.49 -23.28 -7.40
N ARG B 344 -41.16 -23.98 -8.34
CA ARG B 344 -42.58 -24.36 -8.26
C ARG B 344 -43.41 -23.12 -7.85
N ASN B 345 -43.00 -21.94 -8.37
CA ASN B 345 -43.61 -20.68 -7.98
C ASN B 345 -43.17 -19.61 -8.95
N LEU B 346 -44.05 -19.28 -9.92
CA LEU B 346 -43.81 -18.27 -10.95
C LEU B 346 -43.79 -16.84 -10.42
N LYS B 347 -44.62 -16.52 -9.40
CA LYS B 347 -44.63 -15.16 -8.85
C LYS B 347 -43.28 -14.79 -8.22
N LEU B 348 -42.56 -15.77 -7.64
CA LEU B 348 -41.23 -15.50 -7.09
C LEU B 348 -40.20 -15.42 -8.21
N ALA B 349 -40.31 -16.31 -9.21
CA ALA B 349 -39.42 -16.31 -10.38
C ALA B 349 -39.45 -14.95 -11.09
N ARG B 350 -40.65 -14.36 -11.18
CA ARG B 350 -40.89 -13.06 -11.80
C ARG B 350 -40.19 -11.93 -11.03
N LYS B 351 -40.31 -11.95 -9.69
CA LYS B 351 -39.69 -10.97 -8.81
C LYS B 351 -38.18 -11.06 -8.90
N LEU B 352 -37.66 -12.30 -8.95
CA LEU B 352 -36.22 -12.55 -9.05
C LEU B 352 -35.68 -12.08 -10.39
N MET B 353 -36.39 -12.35 -11.47
CA MET B 353 -35.98 -11.92 -12.82
C MET B 353 -36.03 -10.41 -12.97
N GLU B 354 -36.95 -9.76 -12.26
CA GLU B 354 -37.08 -8.31 -12.30
C GLU B 354 -35.85 -7.65 -11.68
N GLN B 355 -35.28 -8.26 -10.63
CA GLN B 355 -34.11 -7.72 -9.98
C GLN B 355 -32.84 -8.10 -10.72
N TYR B 356 -32.68 -9.39 -11.03
CA TYR B 356 -31.45 -9.92 -11.57
C TYR B 356 -31.30 -9.95 -13.09
N GLY B 357 -32.40 -10.09 -13.81
CA GLY B 357 -32.36 -10.14 -15.27
C GLY B 357 -32.12 -11.53 -15.84
N THR B 358 -31.32 -12.33 -15.12
CA THR B 358 -30.98 -13.69 -15.49
C THR B 358 -30.72 -14.53 -14.23
N PRO B 359 -31.14 -15.82 -14.24
CA PRO B 359 -30.83 -16.68 -13.10
C PRO B 359 -29.33 -16.90 -12.89
N ASN B 360 -28.49 -16.53 -13.87
CA ASN B 360 -27.04 -16.63 -13.71
C ASN B 360 -26.56 -15.65 -12.62
N ASN B 361 -27.22 -14.50 -12.46
CA ASN B 361 -26.82 -13.46 -11.54
C ASN B 361 -27.46 -13.49 -10.18
N ILE B 362 -28.46 -14.36 -9.93
CA ILE B 362 -29.09 -14.41 -8.60
C ILE B 362 -28.04 -14.77 -7.54
N ASP B 363 -27.90 -13.95 -6.47
CA ASP B 363 -26.94 -14.18 -5.41
C ASP B 363 -27.19 -15.55 -4.74
N ILE B 364 -26.12 -16.32 -4.48
CA ILE B 364 -26.27 -17.67 -3.93
C ILE B 364 -27.22 -17.77 -2.69
N TRP B 365 -27.16 -16.84 -1.71
CA TRP B 365 -28.09 -16.91 -0.56
C TRP B 365 -29.53 -16.75 -1.04
N MET B 366 -29.78 -15.75 -1.88
CA MET B 366 -31.09 -15.44 -2.38
C MET B 366 -31.72 -16.60 -3.19
N GLY B 367 -30.96 -17.18 -4.12
CA GLY B 367 -31.46 -18.29 -4.93
C GLY B 367 -31.69 -19.52 -4.08
N GLY B 368 -30.73 -19.77 -3.19
CA GLY B 368 -30.80 -20.88 -2.26
C GLY B 368 -32.01 -20.84 -1.34
N VAL B 369 -32.27 -19.72 -0.63
CA VAL B 369 -33.43 -19.63 0.27
C VAL B 369 -34.77 -19.54 -0.45
N SER B 370 -34.77 -19.33 -1.79
CA SER B 370 -35.99 -19.23 -2.62
C SER B 370 -36.51 -20.61 -3.05
N GLU B 371 -35.64 -21.60 -3.23
CA GLU B 371 -36.04 -22.94 -3.66
C GLU B 371 -37.00 -23.60 -2.69
N PRO B 372 -37.91 -24.45 -3.20
CA PRO B 372 -38.85 -25.14 -2.31
C PRO B 372 -38.12 -26.10 -1.41
N LEU B 373 -38.59 -26.22 -0.16
CA LEU B 373 -37.97 -27.09 0.84
C LEU B 373 -38.08 -28.58 0.48
N LYS B 374 -37.06 -29.37 0.82
CA LYS B 374 -37.13 -30.81 0.55
C LYS B 374 -38.00 -31.48 1.61
N ARG B 375 -38.66 -32.61 1.26
CA ARG B 375 -39.53 -33.32 2.21
C ARG B 375 -38.83 -33.62 3.53
N LYS B 376 -39.40 -33.12 4.65
CA LYS B 376 -38.84 -33.27 6.00
C LYS B 376 -37.47 -32.57 6.20
N GLY B 377 -37.24 -31.54 5.40
CA GLY B 377 -36.02 -30.73 5.41
C GLY B 377 -36.34 -29.26 5.37
N ARG B 378 -35.38 -28.41 5.74
CA ARG B 378 -35.61 -26.98 5.75
C ARG B 378 -34.79 -26.20 4.72
N VAL B 379 -34.25 -26.88 3.68
CA VAL B 379 -33.50 -26.28 2.57
C VAL B 379 -33.95 -26.96 1.27
N GLY B 380 -33.72 -26.33 0.13
CA GLY B 380 -34.05 -26.93 -1.17
C GLY B 380 -32.91 -27.78 -1.69
N PRO B 381 -33.00 -28.22 -2.97
CA PRO B 381 -31.91 -29.04 -3.56
C PRO B 381 -30.51 -28.42 -3.61
N LEU B 382 -30.40 -27.12 -3.94
CA LEU B 382 -29.10 -26.45 -4.05
C LEU B 382 -28.40 -26.31 -2.71
N LEU B 383 -29.10 -25.77 -1.71
CA LEU B 383 -28.51 -25.63 -0.39
C LEU B 383 -28.25 -26.97 0.26
N ALA B 384 -29.10 -27.97 -0.02
CA ALA B 384 -28.89 -29.33 0.48
C ALA B 384 -27.57 -29.90 -0.05
N CYS B 385 -27.23 -29.57 -1.30
CA CYS B 385 -25.99 -30.01 -1.89
C CYS B 385 -24.78 -29.36 -1.27
N ILE B 386 -24.75 -28.02 -1.19
CA ILE B 386 -23.62 -27.30 -0.64
C ILE B 386 -23.44 -27.66 0.82
N ILE B 387 -24.52 -27.62 1.61
CA ILE B 387 -24.45 -27.98 3.02
C ILE B 387 -24.03 -29.44 3.21
N GLY B 388 -24.71 -30.36 2.53
CA GLY B 388 -24.44 -31.80 2.57
C GLY B 388 -22.99 -32.13 2.23
N THR B 389 -22.48 -31.55 1.13
CA THR B 389 -21.10 -31.72 0.65
C THR B 389 -20.12 -31.24 1.68
N GLN B 390 -20.40 -30.09 2.30
CA GLN B 390 -19.51 -29.55 3.30
C GLN B 390 -19.42 -30.46 4.51
N PHE B 391 -20.57 -30.84 5.10
CA PHE B 391 -20.56 -31.68 6.29
C PHE B 391 -19.97 -33.08 6.08
N ARG B 392 -19.97 -33.61 4.83
CA ARG B 392 -19.32 -34.90 4.61
C ARG B 392 -17.80 -34.75 4.65
N LYS B 393 -17.29 -33.63 4.13
CA LYS B 393 -15.88 -33.33 4.14
C LYS B 393 -15.39 -33.14 5.58
N LEU B 394 -16.20 -32.50 6.45
CA LEU B 394 -15.84 -32.31 7.86
C LEU B 394 -15.86 -33.62 8.67
N ARG B 395 -16.67 -34.62 8.24
CA ARG B 395 -16.77 -35.90 8.95
C ARG B 395 -15.69 -36.90 8.45
N ASP B 396 -15.62 -37.11 7.10
CA ASP B 396 -14.67 -38.03 6.47
C ASP B 396 -13.23 -37.50 6.41
N GLY B 397 -13.05 -36.19 6.57
CA GLY B 397 -11.73 -35.57 6.60
C GLY B 397 -11.25 -35.19 8.00
N ASP B 398 -11.92 -35.67 9.04
CA ASP B 398 -11.57 -35.36 10.42
C ASP B 398 -10.93 -36.57 11.07
N ARG B 399 -9.60 -36.50 11.32
CA ARG B 399 -8.85 -37.59 11.93
C ARG B 399 -9.31 -37.86 13.36
N PHE B 400 -9.87 -36.86 14.04
CA PHE B 400 -10.38 -37.01 15.40
C PHE B 400 -11.90 -37.12 15.44
N TRP B 401 -12.52 -37.64 14.34
CA TRP B 401 -13.98 -37.87 14.29
C TRP B 401 -14.29 -38.92 15.35
N TRP B 402 -15.31 -38.69 16.18
CA TRP B 402 -15.60 -39.55 17.32
C TRP B 402 -15.71 -41.07 16.98
N GLU B 403 -16.19 -41.41 15.76
CA GLU B 403 -16.29 -42.81 15.36
C GLU B 403 -15.03 -43.41 14.76
N ASN B 404 -14.01 -42.59 14.45
CA ASN B 404 -12.78 -43.08 13.84
C ASN B 404 -12.03 -43.97 14.82
N GLU B 405 -11.56 -45.16 14.38
CA GLU B 405 -10.85 -46.09 15.25
C GLU B 405 -9.64 -45.43 15.90
N GLY B 406 -9.52 -45.58 17.22
CA GLY B 406 -8.40 -44.98 17.93
C GLY B 406 -8.73 -43.67 18.65
N VAL B 407 -9.81 -42.98 18.24
CA VAL B 407 -10.21 -41.74 18.92
C VAL B 407 -10.82 -42.14 20.30
N PHE B 408 -11.90 -42.92 20.28
CA PHE B 408 -12.51 -43.45 21.49
C PHE B 408 -12.49 -44.99 21.44
N SER B 409 -12.62 -45.64 22.60
CA SER B 409 -12.67 -47.10 22.64
C SER B 409 -14.12 -47.55 22.33
N MET B 410 -14.33 -48.82 21.92
CA MET B 410 -15.67 -49.36 21.59
C MET B 410 -16.72 -49.02 22.68
N GLN B 411 -16.32 -49.13 23.96
CA GLN B 411 -17.16 -48.85 25.12
C GLN B 411 -17.45 -47.35 25.28
N GLN B 412 -16.44 -46.48 25.03
CA GLN B 412 -16.65 -45.04 25.12
C GLN B 412 -17.59 -44.56 24.02
N ARG B 413 -17.52 -45.17 22.81
CA ARG B 413 -18.44 -44.81 21.73
C ARG B 413 -19.85 -45.24 22.11
N GLN B 414 -19.99 -46.45 22.69
CA GLN B 414 -21.28 -46.99 23.16
C GLN B 414 -21.90 -46.05 24.22
N ALA B 415 -21.05 -45.44 25.06
CA ALA B 415 -21.46 -44.49 26.11
C ALA B 415 -21.87 -43.14 25.50
N LEU B 416 -21.09 -42.63 24.54
CA LEU B 416 -21.33 -41.35 23.87
C LEU B 416 -22.60 -41.35 23.04
N ALA B 417 -23.01 -42.51 22.52
CA ALA B 417 -24.23 -42.61 21.73
C ALA B 417 -25.50 -42.25 22.57
N GLN B 418 -25.43 -42.35 23.91
CA GLN B 418 -26.55 -42.04 24.78
C GLN B 418 -26.75 -40.55 25.08
N ILE B 419 -25.84 -39.68 24.61
CA ILE B 419 -25.98 -38.25 24.87
C ILE B 419 -27.14 -37.65 24.05
N SER B 420 -27.59 -36.46 24.45
CA SER B 420 -28.61 -35.65 23.82
C SER B 420 -28.50 -34.23 24.38
N LEU B 421 -28.96 -33.25 23.62
CA LEU B 421 -28.96 -31.86 24.07
C LEU B 421 -29.92 -31.63 25.29
N PRO B 422 -31.13 -32.24 25.36
CA PRO B 422 -31.96 -32.06 26.55
C PRO B 422 -31.27 -32.52 27.84
N ARG B 423 -30.52 -33.63 27.75
CA ARG B 423 -29.78 -34.17 28.89
C ARG B 423 -28.69 -33.19 29.34
N ILE B 424 -27.97 -32.57 28.40
CA ILE B 424 -26.93 -31.57 28.70
C ILE B 424 -27.54 -30.39 29.46
N ILE B 425 -28.78 -30.00 29.12
CA ILE B 425 -29.52 -28.93 29.81
C ILE B 425 -29.89 -29.36 31.27
N CYS B 426 -30.33 -30.62 31.46
CA CYS B 426 -30.68 -31.13 32.79
C CYS B 426 -29.47 -31.07 33.72
N ASP B 427 -28.32 -31.50 33.22
CA ASP B 427 -27.08 -31.58 33.98
C ASP B 427 -26.50 -30.23 34.35
N ASN B 428 -26.82 -29.16 33.59
CA ASN B 428 -26.19 -27.87 33.82
C ASN B 428 -27.11 -26.68 34.10
N THR B 429 -28.41 -26.91 34.33
CA THR B 429 -29.34 -25.82 34.62
C THR B 429 -30.35 -26.22 35.76
N GLY B 430 -31.20 -25.28 36.18
CA GLY B 430 -32.26 -25.58 37.13
C GLY B 430 -33.53 -26.03 36.42
N ILE B 431 -33.47 -26.31 35.10
CA ILE B 431 -34.61 -26.75 34.30
C ILE B 431 -34.86 -28.23 34.58
N THR B 432 -36.07 -28.56 35.03
CA THR B 432 -36.40 -29.94 35.37
C THR B 432 -37.28 -30.64 34.32
N THR B 433 -37.83 -29.90 33.35
CA THR B 433 -38.67 -30.46 32.29
C THR B 433 -38.08 -30.00 30.96
N VAL B 434 -37.58 -30.94 30.13
CA VAL B 434 -36.92 -30.65 28.86
C VAL B 434 -37.63 -31.28 27.64
N SER B 435 -37.22 -30.89 26.40
CA SER B 435 -37.78 -31.39 25.15
C SER B 435 -37.63 -32.92 25.01
N LYS B 436 -38.65 -33.58 24.47
CA LYS B 436 -38.56 -35.01 24.17
C LYS B 436 -37.79 -35.07 22.85
N ASN B 437 -36.81 -35.96 22.74
CA ASN B 437 -35.98 -36.09 21.52
C ASN B 437 -36.83 -36.49 20.30
N ASN B 438 -36.61 -35.89 19.09
CA ASN B 438 -35.55 -34.94 18.72
C ASN B 438 -35.88 -33.53 19.20
N ILE B 439 -34.96 -32.91 19.97
CA ILE B 439 -35.11 -31.55 20.53
C ILE B 439 -35.38 -30.47 19.45
N PHE B 440 -34.85 -30.67 18.25
CA PHE B 440 -35.02 -29.74 17.14
C PHE B 440 -36.42 -29.79 16.52
N MET B 441 -37.16 -30.91 16.72
CA MET B 441 -38.50 -31.06 16.20
C MET B 441 -39.56 -30.72 17.28
N SER B 442 -39.30 -31.14 18.53
CA SER B 442 -40.18 -30.88 19.66
C SER B 442 -40.28 -29.37 19.90
N ASN B 443 -41.51 -28.82 20.01
CA ASN B 443 -41.68 -27.37 20.20
C ASN B 443 -42.96 -26.94 20.91
N SER B 444 -43.70 -27.87 21.53
CA SER B 444 -44.96 -27.49 22.17
C SER B 444 -45.09 -28.02 23.58
N TYR B 445 -45.28 -27.12 24.55
CA TYR B 445 -45.41 -27.52 25.95
C TYR B 445 -46.89 -27.72 26.34
N PRO B 446 -47.23 -28.83 27.00
CA PRO B 446 -46.38 -29.92 27.47
C PRO B 446 -46.42 -31.18 26.61
N ARG B 447 -46.96 -31.10 25.39
CA ARG B 447 -47.08 -32.24 24.48
C ARG B 447 -45.73 -32.87 24.14
N ASP B 448 -44.74 -32.06 23.77
CA ASP B 448 -43.43 -32.55 23.37
C ASP B 448 -42.41 -32.48 24.50
N PHE B 449 -42.84 -32.51 25.77
CA PHE B 449 -41.90 -32.37 26.88
C PHE B 449 -41.87 -33.59 27.80
N VAL B 450 -40.71 -33.86 28.41
CA VAL B 450 -40.51 -34.98 29.35
C VAL B 450 -39.74 -34.52 30.61
N ASN B 451 -39.78 -35.33 31.70
CA ASN B 451 -39.04 -34.98 32.92
C ASN B 451 -37.58 -35.37 32.81
N CYS B 452 -36.68 -34.56 33.41
CA CYS B 452 -35.24 -34.75 33.40
C CYS B 452 -34.78 -36.10 33.96
N SER B 453 -35.54 -36.66 34.89
CA SER B 453 -35.27 -37.95 35.52
C SER B 453 -35.37 -39.11 34.50
N THR B 454 -36.27 -38.98 33.52
CA THR B 454 -36.53 -40.00 32.49
C THR B 454 -35.36 -40.19 31.55
N LEU B 455 -34.61 -39.12 31.28
CA LEU B 455 -33.47 -39.17 30.36
C LEU B 455 -32.25 -39.74 31.06
N PRO B 456 -31.50 -40.63 30.39
CA PRO B 456 -30.30 -41.19 31.02
C PRO B 456 -29.05 -40.32 30.85
N ALA B 457 -28.20 -40.26 31.90
CA ALA B 457 -26.97 -39.48 31.89
C ALA B 457 -25.80 -40.18 31.11
N LEU B 458 -24.73 -39.43 30.79
CA LEU B 458 -23.58 -40.01 30.11
C LEU B 458 -22.77 -40.73 31.20
N ASN B 459 -22.59 -42.05 31.03
CA ASN B 459 -21.82 -42.90 31.94
C ASN B 459 -20.34 -42.80 31.60
N LEU B 460 -19.52 -42.26 32.53
CA LEU B 460 -18.10 -42.12 32.29
C LEU B 460 -17.25 -43.32 32.73
N ALA B 461 -17.88 -44.44 33.10
CA ALA B 461 -17.19 -45.65 33.56
C ALA B 461 -16.03 -46.10 32.66
N SER B 462 -16.22 -46.06 31.33
CA SER B 462 -15.16 -46.48 30.42
C SER B 462 -13.98 -45.51 30.30
N TRP B 463 -14.01 -44.40 31.05
CA TRP B 463 -12.92 -43.41 31.02
C TRP B 463 -11.88 -43.63 32.15
N ARG B 464 -12.12 -44.58 33.07
CA ARG B 464 -11.22 -44.88 34.18
C ARG B 464 -9.94 -45.64 33.79
N GLU B 465 -8.84 -45.30 34.45
CA GLU B 465 -7.54 -45.94 34.29
C GLU B 465 -7.19 -46.75 35.54
N CYS C 1 -14.11 -6.07 -19.97
CA CYS C 1 -14.42 -7.28 -20.74
C CYS C 1 -15.42 -6.99 -21.87
N PRO C 2 -14.97 -6.91 -23.16
CA PRO C 2 -15.92 -6.60 -24.25
C PRO C 2 -17.05 -7.62 -24.47
N GLU C 3 -18.26 -7.11 -24.77
CA GLU C 3 -19.44 -7.94 -25.00
C GLU C 3 -19.34 -8.75 -26.32
N GLN C 4 -18.66 -8.20 -27.34
CA GLN C 4 -18.46 -8.90 -28.60
C GLN C 4 -17.01 -8.71 -29.04
N ASP C 5 -16.33 -9.79 -29.52
CA ASP C 5 -14.93 -9.77 -29.91
C ASP C 5 -14.59 -10.83 -30.97
N LYS C 6 -13.69 -10.51 -31.90
CA LYS C 6 -13.37 -11.43 -32.98
C LYS C 6 -12.10 -12.23 -32.75
N TYR C 7 -11.13 -11.68 -32.01
CA TYR C 7 -9.86 -12.36 -31.82
C TYR C 7 -9.47 -12.56 -30.36
N ARG C 8 -8.50 -13.43 -30.10
CA ARG C 8 -8.01 -13.62 -28.74
C ARG C 8 -7.23 -12.39 -28.29
N THR C 9 -7.18 -12.17 -26.99
CA THR C 9 -6.31 -11.14 -26.44
C THR C 9 -4.92 -11.78 -26.36
N ILE C 10 -3.86 -10.97 -26.39
CA ILE C 10 -2.51 -11.53 -26.29
C ILE C 10 -2.29 -12.20 -24.93
N THR C 11 -2.82 -11.61 -23.85
CA THR C 11 -2.63 -12.16 -22.51
C THR C 11 -3.57 -13.34 -22.19
N GLY C 12 -4.58 -13.60 -23.00
CA GLY C 12 -5.54 -14.66 -22.71
C GLY C 12 -6.71 -14.18 -21.86
N MET C 13 -6.65 -12.92 -21.41
CA MET C 13 -7.68 -12.23 -20.67
C MET C 13 -8.98 -12.25 -21.47
N CYS C 14 -10.12 -12.33 -20.79
CA CYS C 14 -11.45 -12.29 -21.39
C CYS C 14 -11.85 -13.53 -22.14
N ASN C 15 -11.02 -14.62 -22.16
CA ASN C 15 -11.44 -15.83 -22.86
C ASN C 15 -12.66 -16.41 -22.11
N ASN C 16 -12.52 -16.61 -20.78
CA ASN C 16 -13.67 -17.00 -19.98
C ASN C 16 -14.30 -15.70 -19.54
N ARG C 17 -15.56 -15.45 -19.90
CA ARG C 17 -16.18 -14.17 -19.57
C ARG C 17 -16.64 -14.06 -18.10
N ARG C 18 -17.05 -15.16 -17.42
CA ARG C 18 -17.48 -15.08 -16.01
C ARG C 18 -16.30 -14.83 -15.06
N SER C 19 -15.13 -15.45 -15.36
CA SER C 19 -13.90 -15.26 -14.60
C SER C 19 -12.83 -14.92 -15.66
N PRO C 20 -12.67 -13.62 -15.99
CA PRO C 20 -11.85 -13.25 -17.15
C PRO C 20 -10.35 -13.42 -17.07
N THR C 21 -9.79 -13.94 -15.96
CA THR C 21 -8.35 -14.20 -15.89
C THR C 21 -8.04 -15.67 -16.12
N LEU C 22 -9.04 -16.58 -16.23
CA LEU C 22 -8.77 -18.00 -16.35
C LEU C 22 -8.06 -18.34 -17.67
N GLY C 23 -6.84 -18.85 -17.55
CA GLY C 23 -6.03 -19.13 -18.72
C GLY C 23 -5.13 -17.98 -19.11
N ALA C 24 -5.38 -16.77 -18.58
CA ALA C 24 -4.57 -15.59 -18.82
C ALA C 24 -3.15 -15.73 -18.20
N SER C 25 -2.20 -14.95 -18.72
CA SER C 25 -0.81 -15.02 -18.28
C SER C 25 -0.59 -14.30 -16.95
N ASN C 26 0.50 -14.65 -16.26
CA ASN C 26 0.96 -14.09 -14.99
C ASN C 26 -0.05 -14.22 -13.87
N ARG C 27 -0.61 -15.43 -13.77
CA ARG C 27 -1.56 -15.83 -12.73
C ARG C 27 -1.08 -17.14 -12.07
N ALA C 28 -1.53 -17.40 -10.83
CA ALA C 28 -1.16 -18.65 -10.14
C ALA C 28 -1.80 -19.86 -10.83
N PHE C 29 -1.11 -21.01 -10.79
CA PHE C 29 -1.62 -22.24 -11.37
C PHE C 29 -2.84 -22.69 -10.61
N VAL C 30 -3.70 -23.49 -11.26
CA VAL C 30 -4.78 -24.14 -10.50
C VAL C 30 -4.12 -25.32 -9.71
N ARG C 31 -4.75 -25.75 -8.61
CA ARG C 31 -4.27 -26.91 -7.87
C ARG C 31 -5.31 -28.02 -8.00
N TRP C 32 -4.90 -29.27 -8.35
CA TRP C 32 -5.85 -30.40 -8.39
C TRP C 32 -5.89 -31.16 -7.04
N LEU C 33 -4.84 -31.00 -6.18
CA LEU C 33 -4.77 -31.58 -4.82
C LEU C 33 -4.11 -30.53 -3.93
N PRO C 34 -4.45 -30.47 -2.62
CA PRO C 34 -3.80 -29.50 -1.74
C PRO C 34 -2.30 -29.72 -1.68
N ALA C 35 -1.54 -28.64 -1.54
CA ALA C 35 -0.08 -28.73 -1.51
C ALA C 35 0.46 -29.44 -0.26
N GLU C 36 1.61 -30.08 -0.42
CA GLU C 36 2.30 -30.82 0.62
C GLU C 36 3.68 -30.23 0.86
N TYR C 37 3.79 -29.46 1.95
CA TYR C 37 5.02 -28.82 2.37
C TYR C 37 5.34 -29.31 3.77
N GLU C 38 6.63 -29.31 4.07
CA GLU C 38 7.24 -29.64 5.35
C GLU C 38 6.61 -28.89 6.53
N ASP C 39 6.20 -27.62 6.34
CA ASP C 39 5.52 -26.84 7.41
C ASP C 39 3.99 -26.60 7.12
N GLY C 40 3.46 -27.27 6.12
CA GLY C 40 2.07 -27.12 5.74
C GLY C 40 1.81 -26.05 4.69
N PHE C 41 2.64 -25.00 4.64
CA PHE C 41 2.36 -23.90 3.72
C PHE C 41 3.52 -23.35 2.84
N SER C 42 4.82 -23.63 3.09
CA SER C 42 5.88 -23.05 2.25
C SER C 42 7.18 -23.85 2.10
N LEU C 43 7.70 -24.47 3.17
CA LEU C 43 8.96 -25.20 3.09
C LEU C 43 8.86 -26.51 2.34
N PRO C 44 9.73 -26.72 1.36
CA PRO C 44 9.65 -27.98 0.58
C PRO C 44 10.19 -29.18 1.35
N TYR C 45 9.69 -30.39 1.04
CA TYR C 45 10.24 -31.60 1.66
C TYR C 45 11.71 -31.74 1.20
N GLY C 46 12.59 -31.89 2.16
CA GLY C 46 14.03 -31.90 1.90
C GLY C 46 14.71 -30.64 2.44
N TRP C 47 13.94 -29.61 2.79
CA TRP C 47 14.49 -28.36 3.28
C TRP C 47 15.19 -28.52 4.60
N THR C 48 14.57 -29.23 5.56
CA THR C 48 15.15 -29.38 6.89
C THR C 48 15.77 -30.75 7.12
N PRO C 49 17.06 -30.77 7.45
CA PRO C 49 17.73 -32.07 7.66
C PRO C 49 17.06 -32.91 8.72
N GLY C 50 16.79 -34.16 8.39
CA GLY C 50 16.18 -35.08 9.34
C GLY C 50 14.66 -35.05 9.42
N VAL C 51 14.01 -34.03 8.80
CA VAL C 51 12.54 -33.98 8.82
C VAL C 51 12.00 -34.97 7.83
N LYS C 52 11.38 -36.04 8.36
CA LYS C 52 10.82 -37.09 7.53
C LYS C 52 9.53 -36.64 6.84
N ARG C 53 9.20 -37.28 5.73
CA ARG C 53 7.95 -37.08 5.02
C ARG C 53 7.18 -38.38 5.19
N ASN C 54 5.96 -38.31 5.76
CA ASN C 54 5.12 -39.49 5.95
C ASN C 54 5.85 -40.67 6.65
N GLY C 55 6.66 -40.36 7.66
CA GLY C 55 7.40 -41.37 8.41
C GLY C 55 8.69 -41.87 7.78
N PHE C 56 9.09 -41.32 6.59
CA PHE C 56 10.30 -41.77 5.90
C PHE C 56 11.26 -40.64 5.57
N PRO C 57 12.57 -40.89 5.64
CA PRO C 57 13.54 -39.84 5.28
C PRO C 57 13.36 -39.42 3.83
N VAL C 58 13.61 -38.13 3.56
CA VAL C 58 13.48 -37.61 2.22
C VAL C 58 14.73 -37.98 1.42
N ALA C 59 14.56 -38.71 0.31
CA ALA C 59 15.67 -39.08 -0.55
C ALA C 59 16.15 -37.85 -1.30
N LEU C 60 17.44 -37.72 -1.53
CA LEU C 60 17.99 -36.57 -2.26
C LEU C 60 17.60 -36.75 -3.72
N ALA C 61 17.19 -35.69 -4.43
CA ALA C 61 16.84 -35.79 -5.85
C ALA C 61 18.01 -36.32 -6.69
N ARG C 62 19.21 -35.87 -6.36
CA ARG C 62 20.42 -36.32 -7.05
C ARG C 62 20.67 -37.82 -6.80
N ALA C 63 20.41 -38.31 -5.58
CA ALA C 63 20.58 -39.72 -5.26
C ALA C 63 19.57 -40.54 -6.04
N VAL C 64 18.32 -40.09 -6.13
CA VAL C 64 17.29 -40.79 -6.89
C VAL C 64 17.68 -40.87 -8.37
N SER C 65 18.17 -39.74 -8.90
CA SER C 65 18.62 -39.67 -10.28
C SER C 65 19.80 -40.61 -10.53
N ASN C 66 20.72 -40.74 -9.57
CA ASN C 66 21.88 -41.60 -9.70
C ASN C 66 21.52 -43.09 -9.69
N GLU C 67 20.62 -43.49 -8.79
CA GLU C 67 20.26 -44.89 -8.63
C GLU C 67 19.22 -45.39 -9.60
N ILE C 68 18.23 -44.55 -9.94
CA ILE C 68 17.15 -44.98 -10.80
C ILE C 68 17.32 -44.50 -12.24
N VAL C 69 17.62 -43.19 -12.45
CA VAL C 69 17.66 -42.62 -13.80
C VAL C 69 18.93 -42.97 -14.60
N ARG C 70 20.12 -42.76 -14.04
CA ARG C 70 21.42 -43.05 -14.66
C ARG C 70 21.48 -44.37 -15.40
N PHE C 71 22.03 -44.38 -16.61
CA PHE C 71 22.20 -45.60 -17.40
C PHE C 71 23.28 -45.38 -18.46
N PRO C 72 23.93 -46.47 -18.93
CA PRO C 72 24.98 -46.31 -19.96
C PRO C 72 24.40 -45.87 -21.30
N THR C 73 24.87 -44.73 -21.83
CA THR C 73 24.35 -44.20 -23.09
C THR C 73 24.35 -45.20 -24.24
N ASP C 74 25.39 -46.05 -24.34
CA ASP C 74 25.48 -47.07 -25.40
C ASP C 74 24.30 -48.06 -25.43
N GLN C 75 23.49 -48.09 -24.34
CA GLN C 75 22.33 -48.96 -24.21
C GLN C 75 21.03 -48.38 -24.77
N LEU C 76 20.99 -47.07 -25.07
CA LEU C 76 19.81 -46.37 -25.61
C LEU C 76 19.01 -47.19 -26.64
N THR C 77 17.69 -47.34 -26.45
CA THR C 77 16.86 -48.07 -27.40
C THR C 77 16.15 -47.06 -28.27
N PRO C 78 16.44 -46.99 -29.59
CA PRO C 78 15.67 -46.08 -30.44
C PRO C 78 14.22 -46.57 -30.54
N ASP C 79 13.26 -45.64 -30.59
CA ASP C 79 11.86 -45.99 -30.69
C ASP C 79 11.56 -46.30 -32.14
N GLN C 80 11.10 -47.53 -32.43
CA GLN C 80 10.79 -47.90 -33.81
C GLN C 80 9.53 -47.20 -34.35
N GLU C 81 8.66 -46.68 -33.46
CA GLU C 81 7.41 -46.05 -33.90
C GLU C 81 7.25 -44.60 -33.55
N ARG C 82 8.34 -43.89 -33.24
CA ARG C 82 8.32 -42.47 -32.96
C ARG C 82 9.56 -41.81 -33.52
N SER C 83 9.42 -40.58 -34.01
CA SER C 83 10.53 -39.77 -34.54
C SER C 83 10.99 -38.75 -33.49
N LEU C 84 12.18 -38.14 -33.66
CA LEU C 84 12.61 -37.07 -32.75
C LEU C 84 11.65 -35.86 -32.85
N MET C 85 10.90 -35.73 -33.96
CA MET C 85 9.89 -34.70 -34.11
C MET C 85 8.81 -34.87 -33.02
N PHE C 86 8.52 -36.11 -32.60
CA PHE C 86 7.57 -36.39 -31.52
C PHE C 86 8.06 -35.76 -30.20
N MET C 87 9.36 -35.85 -29.95
CA MET C 87 9.97 -35.22 -28.80
C MET C 87 9.89 -33.70 -28.95
N GLN C 88 10.38 -33.16 -30.07
CA GLN C 88 10.43 -31.72 -30.31
C GLN C 88 9.08 -31.01 -30.31
N TRP C 89 8.02 -31.65 -30.84
CA TRP C 89 6.69 -31.04 -30.81
C TRP C 89 6.22 -30.87 -29.37
N GLY C 90 6.51 -31.87 -28.52
CA GLY C 90 6.13 -31.83 -27.12
C GLY C 90 6.73 -30.65 -26.38
N GLN C 91 7.99 -30.30 -26.68
CA GLN C 91 8.62 -29.16 -26.02
C GLN C 91 8.06 -27.85 -26.56
N LEU C 92 7.82 -27.78 -27.88
CA LEU C 92 7.26 -26.58 -28.51
C LEU C 92 5.85 -26.31 -27.95
N LEU C 93 5.05 -27.37 -27.85
CA LEU C 93 3.70 -27.33 -27.29
C LEU C 93 3.78 -26.91 -25.80
N ASP C 94 4.66 -27.50 -25.00
CA ASP C 94 4.85 -27.13 -23.60
C ASP C 94 5.17 -25.63 -23.44
N HIS C 95 5.86 -25.06 -24.42
CA HIS C 95 6.23 -23.65 -24.38
C HIS C 95 5.09 -22.69 -24.78
N ASP C 96 3.94 -23.26 -25.16
CA ASP C 96 2.68 -22.58 -25.44
C ASP C 96 1.78 -22.66 -24.17
N LEU C 97 2.06 -23.58 -23.23
CA LEU C 97 1.24 -23.84 -22.05
C LEU C 97 1.75 -23.28 -20.76
N ASP C 98 3.01 -23.56 -20.38
CA ASP C 98 3.49 -23.05 -19.09
C ASP C 98 4.95 -22.66 -19.05
N PHE C 99 5.23 -21.65 -18.22
CA PHE C 99 6.57 -21.16 -17.91
C PHE C 99 6.48 -20.65 -16.50
N THR C 100 7.24 -21.28 -15.59
CA THR C 100 7.23 -20.92 -14.18
C THR C 100 8.39 -20.01 -13.91
N PRO C 101 8.14 -18.71 -13.66
CA PRO C 101 9.26 -17.79 -13.43
C PRO C 101 10.00 -18.00 -12.12
N GLU C 102 11.30 -17.70 -12.13
CA GLU C 102 12.16 -17.78 -10.95
C GLU C 102 12.93 -16.46 -10.76
N PRO C 103 13.50 -16.19 -9.58
CA PRO C 103 14.23 -14.92 -9.37
C PRO C 103 15.63 -14.89 -10.01
N ALA C 104 16.37 -13.75 -9.88
CA ALA C 104 17.75 -13.68 -10.36
C ALA C 104 18.76 -13.48 -9.19
N VAL D 1 20.40 -15.26 -0.84
CA VAL D 1 21.80 -15.27 -1.29
C VAL D 1 21.91 -15.48 -2.83
N ASN D 2 23.13 -15.57 -3.44
CA ASN D 2 23.19 -15.83 -4.88
C ASN D 2 23.12 -17.35 -5.13
N CYS D 3 21.98 -17.85 -5.70
CA CYS D 3 21.85 -19.30 -5.94
C CYS D 3 22.79 -19.82 -7.01
N GLU D 4 23.21 -18.97 -7.97
CA GLU D 4 24.12 -19.41 -9.01
C GLU D 4 25.46 -19.81 -8.46
N THR D 5 25.98 -19.06 -7.47
CA THR D 5 27.33 -19.29 -6.96
C THR D 5 27.49 -19.82 -5.52
N SER D 6 26.45 -19.78 -4.68
CA SER D 6 26.57 -20.26 -3.31
C SER D 6 25.85 -21.58 -3.08
N CYS D 7 26.28 -22.33 -2.06
CA CYS D 7 25.60 -23.57 -1.67
C CYS D 7 24.76 -23.45 -0.40
N VAL D 8 24.61 -22.23 0.12
CA VAL D 8 23.84 -21.95 1.31
C VAL D 8 22.34 -22.05 1.00
N GLN D 9 21.57 -22.68 1.87
CA GLN D 9 20.12 -22.81 1.67
C GLN D 9 19.39 -21.68 2.41
N GLN D 10 19.39 -20.52 1.78
CA GLN D 10 18.74 -19.32 2.28
C GLN D 10 17.78 -18.91 1.16
N PRO D 11 16.53 -18.55 1.46
CA PRO D 11 15.59 -18.15 0.39
C PRO D 11 16.15 -17.10 -0.58
N PRO D 12 15.89 -17.25 -1.89
CA PRO D 12 15.06 -18.26 -2.55
C PRO D 12 15.82 -19.47 -3.04
N CYS D 13 16.99 -19.76 -2.46
CA CYS D 13 17.82 -20.87 -2.92
C CYS D 13 17.40 -22.18 -2.31
N PHE D 14 17.31 -23.22 -3.12
CA PHE D 14 17.02 -24.57 -2.64
C PHE D 14 17.98 -25.52 -3.33
N PRO D 15 19.30 -25.37 -3.09
CA PRO D 15 20.28 -26.22 -3.78
C PRO D 15 20.12 -27.69 -3.56
N LEU D 16 20.45 -28.46 -4.57
CA LEU D 16 20.35 -29.91 -4.49
C LEU D 16 21.64 -30.42 -3.85
N LYS D 17 21.56 -31.05 -2.67
CA LYS D 17 22.75 -31.59 -2.00
C LYS D 17 23.30 -32.81 -2.75
N ILE D 18 24.62 -33.07 -2.57
CA ILE D 18 25.32 -34.14 -3.27
C ILE D 18 25.45 -35.41 -2.41
N PRO D 19 25.06 -36.58 -2.95
CA PRO D 19 25.14 -37.82 -2.18
C PRO D 19 26.53 -38.41 -2.17
N PRO D 20 26.82 -39.30 -1.20
CA PRO D 20 28.14 -39.96 -1.18
C PRO D 20 28.32 -40.82 -2.42
N ASN D 21 29.56 -41.01 -2.86
CA ASN D 21 29.90 -41.81 -4.05
C ASN D 21 29.13 -41.35 -5.27
N ASP D 22 29.20 -40.05 -5.57
CA ASP D 22 28.52 -39.51 -6.74
C ASP D 22 29.41 -39.82 -7.97
N PRO D 23 28.80 -40.18 -9.12
CA PRO D 23 29.62 -40.47 -10.32
C PRO D 23 30.31 -39.25 -10.93
N ARG D 24 29.91 -38.02 -10.55
CA ARG D 24 30.47 -36.82 -11.15
C ARG D 24 30.95 -35.79 -10.13
N ILE D 25 30.11 -35.44 -9.17
CA ILE D 25 30.45 -34.43 -8.17
C ILE D 25 31.09 -35.07 -6.94
N LYS D 26 32.43 -35.06 -6.90
CA LYS D 26 33.15 -35.68 -5.78
C LYS D 26 33.09 -34.84 -4.50
N ASN D 27 32.95 -33.50 -4.63
CA ASN D 27 32.87 -32.65 -3.44
C ASN D 27 31.48 -32.65 -2.86
N GLN D 28 31.31 -33.19 -1.64
CA GLN D 28 29.98 -33.17 -1.01
C GLN D 28 29.60 -31.78 -0.47
N ALA D 29 30.56 -30.84 -0.37
CA ALA D 29 30.29 -29.45 0.03
C ALA D 29 29.76 -28.63 -1.18
N ASP D 30 29.89 -29.16 -2.42
CA ASP D 30 29.35 -28.52 -3.63
C ASP D 30 27.83 -28.89 -3.74
N CYS D 31 27.14 -28.37 -4.76
CA CYS D 31 25.71 -28.60 -4.93
C CYS D 31 25.29 -28.29 -6.38
N ILE D 32 24.05 -28.66 -6.75
CA ILE D 32 23.51 -28.31 -8.04
C ILE D 32 22.61 -27.12 -7.76
N PRO D 33 22.89 -25.97 -8.41
CA PRO D 33 22.11 -24.75 -8.13
C PRO D 33 20.61 -24.91 -8.40
N PHE D 34 19.82 -24.23 -7.59
CA PHE D 34 18.39 -24.27 -7.75
C PHE D 34 17.76 -23.07 -7.06
N PHE D 35 16.88 -22.35 -7.78
CA PHE D 35 16.12 -21.20 -7.25
C PHE D 35 14.69 -21.68 -7.14
N ARG D 36 14.03 -21.42 -6.01
CA ARG D 36 12.63 -21.75 -5.83
C ARG D 36 11.80 -20.89 -6.78
N SER D 37 10.76 -21.46 -7.35
CA SER D 37 9.86 -20.74 -8.25
C SER D 37 9.18 -19.60 -7.52
N CSO D 38 9.00 -18.47 -8.21
CA CSO D 38 8.38 -17.30 -7.60
CB CSO D 38 8.24 -16.25 -8.73
SG CSO D 38 9.83 -15.46 -9.06
C CSO D 38 7.01 -17.63 -7.01
O CSO D 38 6.16 -18.25 -7.67
OD CSO D 38 10.05 -14.20 -8.12
N PRO D 39 6.79 -17.27 -5.74
CA PRO D 39 5.47 -17.52 -5.13
C PRO D 39 4.40 -16.56 -5.69
N ALA D 40 3.15 -16.99 -5.74
CA ALA D 40 2.06 -16.11 -6.17
C ALA D 40 1.77 -15.05 -5.13
N CYS D 41 1.94 -15.39 -3.85
CA CYS D 41 1.73 -14.46 -2.75
C CYS D 41 3.03 -14.38 -1.89
N PRO D 42 3.93 -13.45 -2.26
CA PRO D 42 5.23 -13.37 -1.54
C PRO D 42 5.16 -13.02 -0.07
N GLY D 43 5.93 -13.77 0.72
CA GLY D 43 6.06 -13.59 2.17
C GLY D 43 4.84 -13.85 3.04
N SER D 44 3.91 -14.65 2.55
CA SER D 44 2.68 -14.91 3.29
C SER D 44 2.77 -16.00 4.34
N ASN D 45 2.28 -15.69 5.52
CA ASN D 45 2.15 -16.65 6.64
C ASN D 45 0.71 -17.28 6.68
N ILE D 46 -0.18 -16.97 5.67
CA ILE D 46 -1.57 -17.39 5.63
C ILE D 46 -1.90 -18.28 4.44
N THR D 47 -1.33 -17.93 3.29
CA THR D 47 -1.63 -18.66 2.06
C THR D 47 -0.72 -19.87 1.87
N ILE D 48 -1.26 -20.94 1.25
CA ILE D 48 -0.42 -22.10 0.96
C ILE D 48 0.30 -21.75 -0.32
N ARG D 49 1.61 -21.70 -0.27
CA ARG D 49 2.44 -21.31 -1.40
C ARG D 49 2.09 -21.97 -2.72
N ASN D 50 1.90 -21.15 -3.74
CA ASN D 50 1.62 -21.61 -5.09
C ASN D 50 2.58 -20.88 -6.06
N GLN D 51 2.69 -21.37 -7.30
CA GLN D 51 3.59 -20.80 -8.27
C GLN D 51 2.83 -20.13 -9.42
N ILE D 52 3.52 -19.39 -10.28
CA ILE D 52 2.87 -18.61 -11.33
C ILE D 52 3.08 -19.20 -12.71
N ASN D 53 2.07 -19.05 -13.60
CA ASN D 53 2.21 -19.42 -15.01
C ASN D 53 2.40 -18.09 -15.72
N ALA D 54 3.51 -17.92 -16.43
CA ALA D 54 3.78 -16.65 -17.13
C ALA D 54 3.16 -16.59 -18.56
N LEU D 55 2.56 -17.71 -19.02
CA LEU D 55 1.99 -17.82 -20.35
C LEU D 55 0.45 -17.99 -20.32
N THR D 56 -0.18 -17.87 -21.49
CA THR D 56 -1.59 -18.15 -21.64
C THR D 56 -1.69 -19.69 -21.70
N SER D 57 -2.52 -20.29 -20.87
CA SER D 57 -2.68 -21.74 -20.84
C SER D 57 -3.23 -22.31 -22.14
N PHE D 58 -3.93 -21.51 -22.93
CA PHE D 58 -4.51 -21.95 -24.19
C PHE D 58 -3.48 -22.38 -25.23
N VAL D 59 -3.89 -23.33 -26.07
CA VAL D 59 -3.07 -23.78 -27.18
C VAL D 59 -3.44 -22.75 -28.25
N ASP D 60 -2.80 -21.58 -28.19
CA ASP D 60 -3.06 -20.41 -29.04
C ASP D 60 -1.82 -19.85 -29.75
N ALA D 61 -0.78 -20.68 -29.90
CA ALA D 61 0.51 -20.28 -30.47
C ALA D 61 1.16 -19.12 -29.72
N SER D 62 0.99 -19.04 -28.39
CA SER D 62 1.61 -17.99 -27.60
C SER D 62 3.14 -18.08 -27.64
N MET D 63 3.72 -19.25 -27.98
CA MET D 63 5.18 -19.38 -28.12
C MET D 63 5.69 -18.67 -29.41
N VAL D 64 4.77 -18.19 -30.27
CA VAL D 64 5.08 -17.46 -31.46
C VAL D 64 4.73 -15.98 -31.23
N TYR D 65 3.55 -15.70 -30.65
CA TYR D 65 3.01 -14.34 -30.52
C TYR D 65 3.31 -13.62 -29.19
N GLY D 66 3.53 -14.36 -28.12
CA GLY D 66 3.79 -13.77 -26.82
C GLY D 66 2.56 -13.81 -25.94
N SER D 67 2.76 -13.75 -24.61
CA SER D 67 1.65 -13.74 -23.68
C SER D 67 1.50 -12.41 -22.93
N GLU D 68 2.25 -11.37 -23.33
CA GLU D 68 2.23 -10.01 -22.77
C GLU D 68 2.25 -9.04 -23.94
N GLU D 69 1.41 -7.97 -23.87
CA GLU D 69 1.23 -7.00 -24.93
C GLU D 69 2.50 -6.27 -25.39
N PRO D 70 3.42 -5.80 -24.52
CA PRO D 70 4.63 -5.13 -25.03
C PRO D 70 5.50 -6.05 -25.89
N LEU D 71 5.67 -7.30 -25.45
CA LEU D 71 6.41 -8.31 -26.18
C LEU D 71 5.73 -8.60 -27.51
N ALA D 72 4.40 -8.82 -27.48
CA ALA D 72 3.63 -9.11 -28.68
C ALA D 72 3.78 -8.02 -29.75
N ARG D 73 3.83 -6.75 -29.32
CA ARG D 73 4.01 -5.60 -30.22
C ARG D 73 5.40 -5.65 -30.84
N ASN D 74 6.45 -5.85 -30.00
CA ASN D 74 7.84 -5.90 -30.45
C ASN D 74 8.11 -7.03 -31.43
N LEU D 75 7.36 -8.13 -31.36
CA LEU D 75 7.53 -9.24 -32.29
C LEU D 75 6.95 -8.97 -33.68
N ARG D 76 6.26 -7.83 -33.90
CA ARG D 76 5.64 -7.52 -35.17
C ARG D 76 6.41 -6.54 -36.04
N ASN D 77 6.26 -6.70 -37.36
CA ASN D 77 6.85 -5.78 -38.33
C ASN D 77 5.94 -4.58 -38.38
N MET D 78 6.26 -3.56 -37.57
CA MET D 78 5.47 -2.34 -37.52
C MET D 78 5.84 -1.34 -38.63
N SER D 79 6.79 -1.69 -39.52
CA SER D 79 7.23 -0.82 -40.62
C SER D 79 6.19 -0.68 -41.74
N ASN D 80 5.21 -1.60 -41.83
CA ASN D 80 4.22 -1.56 -42.90
C ASN D 80 2.82 -2.10 -42.50
N GLN D 81 1.87 -2.10 -43.45
CA GLN D 81 0.53 -2.58 -43.20
C GLN D 81 0.34 -3.99 -43.79
N LEU D 82 1.37 -4.85 -43.68
CA LEU D 82 1.27 -6.21 -44.22
C LEU D 82 0.96 -7.29 -43.19
N GLY D 83 0.89 -6.90 -41.91
CA GLY D 83 0.58 -7.79 -40.79
C GLY D 83 1.61 -8.88 -40.54
N LEU D 84 2.87 -8.59 -40.83
CA LEU D 84 3.96 -9.54 -40.70
C LEU D 84 4.54 -9.58 -39.31
N LEU D 85 5.15 -10.69 -38.97
CA LEU D 85 5.93 -10.81 -37.75
C LEU D 85 7.35 -10.35 -38.15
N ALA D 86 8.08 -9.68 -37.24
CA ALA D 86 9.44 -9.21 -37.52
C ALA D 86 10.43 -10.38 -37.72
N VAL D 87 11.39 -10.18 -38.63
CA VAL D 87 12.39 -11.21 -38.93
C VAL D 87 13.81 -10.66 -38.69
N ASN D 88 14.82 -11.56 -38.63
CA ASN D 88 16.21 -11.16 -38.42
C ASN D 88 16.64 -10.25 -39.55
N GLN D 89 17.34 -9.16 -39.21
CA GLN D 89 17.82 -8.21 -40.20
C GLN D 89 19.24 -8.49 -40.66
N ARG D 90 20.05 -9.13 -39.81
CA ARG D 90 21.44 -9.40 -40.14
C ARG D 90 21.62 -10.66 -40.99
N PHE D 91 20.74 -11.68 -40.80
CA PHE D 91 20.89 -12.97 -41.49
C PHE D 91 19.61 -13.62 -42.03
N GLN D 92 19.78 -14.50 -43.03
CA GLN D 92 18.71 -15.29 -43.65
C GLN D 92 19.15 -16.76 -43.78
N ASP D 93 18.21 -17.71 -43.92
CA ASP D 93 18.53 -19.13 -44.11
C ASP D 93 18.23 -19.50 -45.57
N ASN D 94 19.21 -19.22 -46.46
CA ASN D 94 19.11 -19.48 -47.89
C ASN D 94 17.92 -18.69 -48.46
N GLY D 95 17.89 -17.38 -48.14
CA GLY D 95 16.83 -16.47 -48.55
C GLY D 95 15.56 -16.50 -47.70
N ARG D 96 15.43 -17.53 -46.84
CA ARG D 96 14.27 -17.68 -45.99
C ARG D 96 14.49 -16.99 -44.63
N ALA D 97 13.42 -16.62 -43.94
CA ALA D 97 13.50 -15.86 -42.70
C ALA D 97 14.03 -16.60 -41.50
N LEU D 98 14.70 -15.85 -40.61
CA LEU D 98 15.17 -16.34 -39.32
C LEU D 98 14.53 -15.49 -38.20
N LEU D 99 14.39 -16.03 -36.96
CA LEU D 99 13.84 -15.22 -35.86
C LEU D 99 14.72 -13.99 -35.60
N PRO D 100 14.15 -12.87 -35.10
CA PRO D 100 15.01 -11.71 -34.79
C PRO D 100 15.92 -12.01 -33.58
N PHE D 101 16.93 -11.15 -33.33
CA PHE D 101 17.80 -11.34 -32.19
C PHE D 101 17.24 -10.63 -30.95
N ASP D 102 17.53 -11.19 -29.76
CA ASP D 102 17.11 -10.61 -28.49
C ASP D 102 18.15 -9.57 -28.00
N ASN D 103 17.78 -8.78 -27.00
CA ASN D 103 18.65 -7.77 -26.45
C ASN D 103 18.89 -8.07 -24.97
N LEU D 104 19.39 -9.28 -24.66
CA LEU D 104 19.64 -9.70 -23.28
C LEU D 104 20.87 -9.02 -22.69
N HIS D 105 20.82 -8.72 -21.38
CA HIS D 105 21.99 -8.11 -20.73
C HIS D 105 22.99 -9.26 -20.50
N ASP D 106 22.52 -10.36 -19.90
CA ASP D 106 23.33 -11.55 -19.70
C ASP D 106 22.87 -12.59 -20.74
N ASP D 107 23.58 -12.66 -21.89
CA ASP D 107 23.25 -13.55 -23.00
C ASP D 107 24.01 -14.88 -22.93
N PRO D 108 23.30 -16.00 -22.71
CA PRO D 108 23.99 -17.30 -22.66
C PRO D 108 24.41 -17.83 -24.02
N CYS D 109 23.76 -17.39 -25.12
CA CYS D 109 24.10 -17.87 -26.47
C CYS D 109 25.45 -17.36 -26.94
N LEU D 110 25.87 -16.18 -26.47
CA LEU D 110 27.16 -15.62 -26.81
C LEU D 110 28.31 -16.42 -26.19
N LEU D 111 28.06 -17.16 -25.09
CA LEU D 111 29.09 -18.00 -24.46
C LEU D 111 29.37 -19.29 -25.21
N THR D 112 28.45 -19.74 -26.05
CA THR D 112 28.61 -21.01 -26.77
C THR D 112 29.70 -20.90 -27.90
N ASN D 113 30.02 -19.67 -28.33
CA ASN D 113 31.06 -19.42 -29.32
C ASN D 113 31.31 -17.92 -29.32
N ARG D 114 32.47 -17.52 -28.77
CA ARG D 114 32.81 -16.09 -28.71
C ARG D 114 33.04 -15.52 -30.10
N SER D 115 33.79 -16.24 -30.97
CA SER D 115 34.11 -15.83 -32.35
C SER D 115 32.85 -15.45 -33.16
N ALA D 116 31.82 -16.33 -33.14
CA ALA D 116 30.57 -16.19 -33.86
C ALA D 116 29.76 -14.94 -33.51
N ARG D 117 29.77 -14.53 -32.23
CA ARG D 117 29.02 -13.37 -31.72
C ARG D 117 27.52 -13.46 -32.10
N ILE D 118 26.90 -14.64 -31.94
CA ILE D 118 25.49 -14.81 -32.29
C ILE D 118 24.65 -14.85 -31.02
N PRO D 119 23.88 -13.79 -30.76
CA PRO D 119 23.03 -13.76 -29.56
C PRO D 119 21.77 -14.64 -29.65
N CYS D 120 20.97 -14.70 -28.57
CA CYS D 120 19.74 -15.47 -28.51
C CYS D 120 18.70 -14.91 -29.46
N PHE D 121 17.76 -15.75 -29.89
CA PHE D 121 16.67 -15.32 -30.73
C PHE D 121 15.52 -14.76 -29.87
N LEU D 122 14.67 -13.95 -30.50
CA LEU D 122 13.51 -13.34 -29.87
C LEU D 122 12.27 -14.01 -30.43
N ALA D 123 11.47 -14.58 -29.53
CA ALA D 123 10.27 -15.30 -29.92
C ALA D 123 9.11 -15.03 -28.90
N GLY D 124 7.92 -15.61 -29.12
CA GLY D 124 6.80 -15.48 -28.20
C GLY D 124 7.15 -16.00 -26.81
N ASP D 125 8.01 -17.01 -26.75
CA ASP D 125 8.50 -17.59 -25.52
C ASP D 125 10.03 -17.39 -25.39
N THR D 126 10.52 -17.15 -24.17
CA THR D 126 11.92 -16.89 -23.89
C THR D 126 12.87 -18.08 -24.08
N ARG D 127 12.35 -19.30 -24.20
CA ARG D 127 13.20 -20.49 -24.32
C ARG D 127 13.56 -20.90 -25.74
N SER D 128 13.21 -20.10 -26.74
CA SER D 128 13.45 -20.36 -28.17
C SER D 128 14.85 -20.83 -28.55
N SER D 129 15.89 -20.39 -27.81
CA SER D 129 17.26 -20.76 -28.14
C SER D 129 17.85 -21.87 -27.30
N GLU D 130 17.03 -22.48 -26.40
CA GLU D 130 17.43 -23.55 -25.48
C GLU D 130 18.11 -24.68 -26.24
N MET D 131 17.54 -25.12 -27.36
CA MET D 131 18.22 -26.07 -28.23
C MET D 131 17.85 -25.78 -29.70
N PRO D 132 18.78 -25.99 -30.65
CA PRO D 132 18.50 -25.59 -32.04
C PRO D 132 17.35 -26.33 -32.69
N GLU D 133 16.96 -27.51 -32.17
CA GLU D 133 15.79 -28.22 -32.69
C GLU D 133 14.52 -27.43 -32.33
N LEU D 134 14.51 -26.79 -31.15
CA LEU D 134 13.38 -25.98 -30.70
C LEU D 134 13.31 -24.74 -31.54
N THR D 135 14.46 -24.07 -31.75
CA THR D 135 14.59 -22.86 -32.54
C THR D 135 14.07 -23.08 -33.96
N SER D 136 14.35 -24.25 -34.53
CA SER D 136 13.93 -24.57 -35.88
C SER D 136 12.41 -24.63 -36.01
N MET D 137 11.74 -25.13 -34.97
CA MET D 137 10.29 -25.19 -34.92
C MET D 137 9.69 -23.79 -34.73
N HIS D 138 10.38 -22.91 -33.99
CA HIS D 138 9.96 -21.53 -33.82
C HIS D 138 10.08 -20.81 -35.14
N THR D 139 11.20 -21.01 -35.86
CA THR D 139 11.48 -20.39 -37.16
C THR D 139 10.50 -20.89 -38.24
N LEU D 140 10.12 -22.17 -38.15
CA LEU D 140 9.16 -22.74 -39.09
C LEU D 140 7.82 -22.05 -38.94
N LEU D 141 7.35 -21.88 -37.68
CA LEU D 141 6.08 -21.21 -37.40
C LEU D 141 6.08 -19.71 -37.71
N LEU D 142 7.26 -19.05 -37.64
CA LEU D 142 7.42 -17.63 -38.01
C LEU D 142 7.19 -17.49 -39.52
N ARG D 143 7.80 -18.40 -40.30
CA ARG D 143 7.66 -18.37 -41.77
C ARG D 143 6.23 -18.66 -42.19
N GLU D 144 5.55 -19.56 -41.46
CA GLU D 144 4.17 -19.92 -41.79
C GLU D 144 3.24 -18.72 -41.59
N HIS D 145 3.40 -17.93 -40.50
CA HIS D 145 2.58 -16.73 -40.30
C HIS D 145 2.74 -15.74 -41.47
N ASN D 146 3.97 -15.46 -41.87
CA ASN D 146 4.24 -14.49 -42.92
C ASN D 146 3.82 -15.01 -44.29
N ARG D 147 3.92 -16.31 -44.52
CA ARG D 147 3.48 -16.95 -45.76
C ARG D 147 1.96 -16.79 -45.85
N LEU D 148 1.24 -17.04 -44.71
CA LEU D 148 -0.20 -16.88 -44.59
C LEU D 148 -0.65 -15.42 -44.78
N ALA D 149 0.02 -14.45 -44.13
CA ALA D 149 -0.33 -13.03 -44.24
C ALA D 149 -0.07 -12.47 -45.67
N THR D 150 0.89 -13.06 -46.39
CA THR D 150 1.21 -12.67 -47.76
C THR D 150 0.11 -13.21 -48.68
N GLU D 151 -0.29 -14.49 -48.48
CA GLU D 151 -1.34 -15.16 -49.24
C GLU D 151 -2.69 -14.44 -49.04
N LEU D 152 -2.99 -14.04 -47.78
CA LEU D 152 -4.20 -13.32 -47.42
C LEU D 152 -4.22 -11.88 -47.96
N LYS D 153 -3.05 -11.24 -48.10
CA LYS D 153 -2.97 -9.88 -48.65
C LYS D 153 -3.33 -9.86 -50.14
N SER D 154 -2.95 -10.92 -50.87
CA SER D 154 -3.28 -11.01 -52.29
C SER D 154 -4.78 -11.31 -52.49
N LEU D 155 -5.36 -12.09 -51.57
CA LEU D 155 -6.77 -12.43 -51.61
C LEU D 155 -7.65 -11.23 -51.23
N ASN D 156 -7.25 -10.45 -50.21
CA ASN D 156 -8.02 -9.30 -49.73
C ASN D 156 -7.15 -8.03 -49.64
N PRO D 157 -6.82 -7.39 -50.77
CA PRO D 157 -5.94 -6.20 -50.71
C PRO D 157 -6.50 -5.03 -49.90
N ARG D 158 -7.80 -5.04 -49.60
CA ARG D 158 -8.41 -4.01 -48.79
C ARG D 158 -8.08 -4.18 -47.28
N TRP D 159 -7.66 -5.40 -46.84
CA TRP D 159 -7.35 -5.67 -45.44
C TRP D 159 -6.11 -4.93 -44.95
N ASP D 160 -6.17 -4.35 -43.74
CA ASP D 160 -5.03 -3.62 -43.17
C ASP D 160 -4.08 -4.56 -42.37
N GLY D 161 -2.98 -3.99 -41.86
CA GLY D 161 -1.99 -4.73 -41.08
C GLY D 161 -2.54 -5.51 -39.90
N GLU D 162 -3.40 -4.88 -39.10
CA GLU D 162 -3.97 -5.54 -37.92
C GLU D 162 -4.88 -6.71 -38.30
N ARG D 163 -5.68 -6.56 -39.36
CA ARG D 163 -6.58 -7.62 -39.80
C ARG D 163 -5.76 -8.80 -40.32
N LEU D 164 -4.74 -8.53 -41.15
CA LEU D 164 -3.87 -9.56 -41.71
C LEU D 164 -3.12 -10.32 -40.60
N TYR D 165 -2.62 -9.60 -39.58
CA TYR D 165 -1.92 -10.20 -38.45
C TYR D 165 -2.85 -11.11 -37.69
N GLN D 166 -4.03 -10.59 -37.33
CA GLN D 166 -4.99 -11.35 -36.56
C GLN D 166 -5.53 -12.58 -37.30
N GLU D 167 -5.76 -12.44 -38.62
CA GLU D 167 -6.27 -13.57 -39.40
C GLU D 167 -5.21 -14.69 -39.55
N ALA D 168 -3.93 -14.30 -39.76
CA ALA D 168 -2.82 -15.25 -39.88
C ALA D 168 -2.60 -15.92 -38.54
N ARG D 169 -2.65 -15.14 -37.43
CA ARG D 169 -2.45 -15.61 -36.06
C ARG D 169 -3.47 -16.71 -35.71
N LYS D 170 -4.74 -16.46 -36.02
CA LYS D 170 -5.86 -17.36 -35.81
C LYS D 170 -5.62 -18.71 -36.54
N ILE D 171 -5.12 -18.68 -37.80
CA ILE D 171 -4.82 -19.88 -38.58
C ILE D 171 -3.65 -20.67 -37.97
N VAL D 172 -2.58 -19.97 -37.55
CA VAL D 172 -1.42 -20.61 -36.93
C VAL D 172 -1.83 -21.32 -35.63
N GLY D 173 -2.63 -20.63 -34.81
CA GLY D 173 -3.15 -21.20 -33.56
C GLY D 173 -4.01 -22.44 -33.80
N ALA D 174 -4.80 -22.43 -34.88
CA ALA D 174 -5.65 -23.57 -35.23
C ALA D 174 -4.78 -24.74 -35.67
N MET D 175 -3.69 -24.48 -36.43
CA MET D 175 -2.79 -25.52 -36.88
C MET D 175 -2.11 -26.17 -35.68
N VAL D 176 -1.71 -25.38 -34.66
CA VAL D 176 -1.10 -25.93 -33.44
C VAL D 176 -2.12 -26.86 -32.72
N GLN D 177 -3.39 -26.44 -32.63
CA GLN D 177 -4.43 -27.25 -32.02
C GLN D 177 -4.69 -28.54 -32.81
N ILE D 178 -4.75 -28.47 -34.15
CA ILE D 178 -5.00 -29.63 -34.98
C ILE D 178 -3.84 -30.65 -34.90
N ILE D 179 -2.56 -30.21 -35.12
CA ILE D 179 -1.42 -31.12 -35.02
C ILE D 179 -1.33 -31.74 -33.61
N THR D 180 -1.61 -30.96 -32.57
CA THR D 180 -1.57 -31.46 -31.20
C THR D 180 -2.66 -32.49 -30.88
N TYR D 181 -3.93 -32.19 -31.17
CA TYR D 181 -5.04 -33.06 -30.81
C TYR D 181 -5.35 -34.17 -31.80
N ARG D 182 -4.95 -34.00 -33.06
CA ARG D 182 -5.21 -35.02 -34.07
C ARG D 182 -4.02 -35.95 -34.18
N ASP D 183 -2.79 -35.41 -34.16
CA ASP D 183 -1.61 -36.23 -34.43
C ASP D 183 -0.69 -36.52 -33.24
N TYR D 184 -0.43 -35.52 -32.39
CA TYR D 184 0.47 -35.66 -31.27
C TYR D 184 -0.12 -36.47 -30.11
N LEU D 185 -1.17 -35.94 -29.45
CA LEU D 185 -1.80 -36.54 -28.27
C LEU D 185 -2.21 -38.01 -28.45
N PRO D 186 -2.82 -38.45 -29.58
CA PRO D 186 -3.16 -39.88 -29.69
C PRO D 186 -1.96 -40.80 -29.52
N LEU D 187 -0.79 -40.36 -29.96
CA LEU D 187 0.47 -41.11 -29.87
C LEU D 187 1.16 -41.01 -28.49
N VAL D 188 0.75 -40.03 -27.66
CA VAL D 188 1.27 -39.89 -26.31
C VAL D 188 0.44 -40.77 -25.40
N LEU D 189 -0.90 -40.66 -25.49
CA LEU D 189 -1.80 -41.38 -24.60
C LEU D 189 -2.10 -42.82 -25.01
N GLY D 190 -2.09 -43.07 -26.30
CA GLY D 190 -2.56 -44.35 -26.81
C GLY D 190 -4.06 -44.24 -27.03
N PRO D 191 -4.62 -45.19 -27.76
CA PRO D 191 -6.06 -45.10 -28.12
C PRO D 191 -7.09 -45.21 -26.99
N THR D 192 -6.92 -46.10 -25.99
CA THR D 192 -7.93 -46.21 -24.94
C THR D 192 -7.94 -44.98 -24.06
N ALA D 193 -6.77 -44.44 -23.70
CA ALA D 193 -6.71 -43.21 -22.90
C ALA D 193 -7.22 -42.04 -23.72
N MET D 194 -6.94 -42.02 -25.03
CA MET D 194 -7.44 -40.95 -25.90
C MET D 194 -8.97 -40.86 -25.88
N ARG D 195 -9.66 -42.03 -25.91
CA ARG D 195 -11.11 -42.07 -25.85
C ARG D 195 -11.62 -41.70 -24.45
N LYS D 196 -10.89 -42.10 -23.40
CA LYS D 196 -11.29 -41.80 -22.03
C LYS D 196 -11.20 -40.32 -21.67
N TYR D 197 -10.03 -39.69 -21.90
CA TYR D 197 -9.80 -38.32 -21.49
C TYR D 197 -10.13 -37.28 -22.55
N LEU D 198 -10.28 -37.69 -23.81
CA LEU D 198 -10.59 -36.76 -24.89
C LEU D 198 -11.69 -37.32 -25.80
N PRO D 199 -12.92 -37.44 -25.26
CA PRO D 199 -14.02 -37.88 -26.13
C PRO D 199 -14.29 -36.82 -27.23
N THR D 200 -15.03 -37.20 -28.30
CA THR D 200 -15.36 -36.28 -29.39
C THR D 200 -15.84 -34.91 -28.92
N TYR D 201 -15.19 -33.84 -29.41
CA TYR D 201 -15.53 -32.47 -29.05
C TYR D 201 -16.98 -32.14 -29.31
N ARG D 202 -17.71 -31.61 -28.29
CA ARG D 202 -19.10 -31.22 -28.49
C ARG D 202 -19.14 -29.69 -28.75
N SER D 203 -18.91 -28.88 -27.71
CA SER D 203 -18.86 -27.42 -27.86
C SER D 203 -18.16 -26.75 -26.67
N TYR D 204 -17.88 -25.43 -26.78
CA TYR D 204 -17.27 -24.68 -25.68
C TYR D 204 -18.17 -24.70 -24.45
N ASN D 205 -17.59 -24.97 -23.26
CA ASN D 205 -18.33 -24.95 -22.02
C ASN D 205 -17.60 -23.94 -21.09
N ASP D 206 -18.27 -22.86 -20.69
CA ASP D 206 -17.68 -21.81 -19.86
C ASP D 206 -17.55 -22.16 -18.36
N SER D 207 -17.85 -23.40 -17.99
CA SER D 207 -17.63 -23.85 -16.62
C SER D 207 -16.43 -24.81 -16.54
N VAL D 208 -15.63 -24.91 -17.61
CA VAL D 208 -14.45 -25.75 -17.69
C VAL D 208 -13.25 -24.83 -17.45
N ASP D 209 -12.58 -25.02 -16.29
CA ASP D 209 -11.43 -24.25 -15.90
C ASP D 209 -10.28 -24.58 -16.87
N PRO D 210 -9.84 -23.57 -17.67
CA PRO D 210 -8.79 -23.85 -18.66
C PRO D 210 -7.39 -23.64 -18.14
N ARG D 211 -7.19 -23.35 -16.82
CA ARG D 211 -5.85 -23.12 -16.28
C ARG D 211 -4.98 -24.39 -16.29
N ILE D 212 -3.67 -24.21 -16.32
CA ILE D 212 -2.71 -25.31 -16.25
C ILE D 212 -2.61 -25.65 -14.78
N ALA D 213 -2.72 -26.92 -14.44
CA ALA D 213 -2.60 -27.35 -13.06
C ALA D 213 -1.15 -27.41 -12.72
N ASN D 214 -0.81 -27.14 -11.45
CA ASN D 214 0.56 -27.14 -10.94
C ASN D 214 1.29 -28.46 -11.29
N VAL D 215 0.61 -29.62 -11.08
CA VAL D 215 1.13 -30.96 -11.36
C VAL D 215 1.51 -31.15 -12.83
N PHE D 216 0.73 -30.58 -13.77
CA PHE D 216 0.99 -30.73 -15.20
C PHE D 216 2.35 -30.16 -15.59
N THR D 217 2.80 -29.05 -14.95
CA THR D 217 4.13 -28.50 -15.25
C THR D 217 5.26 -29.50 -14.99
N ASN D 218 5.00 -30.53 -14.18
CA ASN D 218 6.01 -31.52 -13.84
C ASN D 218 5.72 -32.85 -14.55
N ALA D 219 4.43 -33.25 -14.60
CA ALA D 219 4.02 -34.47 -15.25
C ALA D 219 4.34 -34.42 -16.74
N PHE D 220 4.14 -33.26 -17.38
CA PHE D 220 4.47 -33.14 -18.82
C PHE D 220 5.98 -33.20 -19.12
N ARG D 221 6.82 -33.15 -18.09
CA ARG D 221 8.26 -33.33 -18.28
C ARG D 221 8.62 -34.78 -18.64
N TYR D 222 7.61 -35.68 -18.83
CA TYR D 222 7.83 -37.06 -19.29
C TYR D 222 8.67 -37.04 -20.61
N GLY D 223 8.53 -35.95 -21.41
CA GLY D 223 9.22 -35.72 -22.66
C GLY D 223 10.72 -35.78 -22.50
N HIS D 224 11.24 -35.60 -21.25
CA HIS D 224 12.67 -35.73 -20.99
C HIS D 224 13.16 -37.17 -21.26
N THR D 225 12.28 -38.18 -21.12
CA THR D 225 12.62 -39.58 -21.40
C THR D 225 12.73 -39.90 -22.90
N LEU D 226 12.29 -38.97 -23.78
CA LEU D 226 12.35 -39.12 -25.24
C LEU D 226 13.60 -38.51 -25.89
N ILE D 227 14.28 -37.63 -25.17
CA ILE D 227 15.47 -36.91 -25.63
C ILE D 227 16.66 -37.83 -26.04
N GLN D 228 17.23 -37.58 -27.24
CA GLN D 228 18.40 -38.30 -27.74
C GLN D 228 19.66 -37.55 -27.28
N PRO D 229 20.83 -38.20 -27.15
CA PRO D 229 22.04 -37.47 -26.71
C PRO D 229 22.69 -36.58 -27.75
N PHE D 230 22.24 -36.64 -29.02
CA PHE D 230 22.83 -35.84 -30.09
C PHE D 230 21.80 -35.01 -30.83
N MET D 231 22.27 -33.96 -31.52
CA MET D 231 21.45 -33.22 -32.46
C MET D 231 21.86 -33.79 -33.82
N PHE D 232 20.92 -34.35 -34.55
CA PHE D 232 21.20 -35.01 -35.81
C PHE D 232 20.90 -34.09 -36.98
N ARG D 233 21.89 -33.89 -37.86
CA ARG D 233 21.69 -33.05 -39.05
C ARG D 233 21.86 -33.86 -40.31
N LEU D 234 20.89 -33.77 -41.23
CA LEU D 234 20.93 -34.56 -42.46
C LEU D 234 20.90 -33.68 -43.70
N ASP D 235 21.63 -34.08 -44.74
CA ASP D 235 21.69 -33.35 -46.00
C ASP D 235 20.45 -33.61 -46.89
N ASN D 236 20.45 -33.04 -48.11
CA ASN D 236 19.38 -33.17 -49.10
C ASN D 236 18.88 -34.61 -49.29
N ARG D 237 19.79 -35.61 -49.32
CA ARG D 237 19.42 -37.02 -49.51
C ARG D 237 19.21 -37.79 -48.20
N TYR D 238 19.04 -37.08 -47.07
CA TYR D 238 18.84 -37.62 -45.72
C TYR D 238 20.02 -38.45 -45.20
N GLN D 239 21.22 -38.15 -45.70
CA GLN D 239 22.47 -38.76 -45.28
C GLN D 239 23.14 -37.81 -44.26
N PRO D 240 23.98 -38.30 -43.34
CA PRO D 240 24.59 -37.40 -42.34
C PRO D 240 25.29 -36.17 -42.93
N MET D 241 24.98 -34.98 -42.41
CA MET D 241 25.57 -33.72 -42.88
C MET D 241 26.92 -33.52 -42.20
N GLU D 242 28.02 -33.93 -42.85
CA GLU D 242 29.39 -33.85 -42.30
C GLU D 242 30.07 -32.52 -42.67
N PRO D 243 30.93 -31.93 -41.80
CA PRO D 243 31.29 -32.38 -40.45
C PRO D 243 30.21 -32.04 -39.42
N ASN D 244 30.30 -32.67 -38.24
CA ASN D 244 29.39 -32.49 -37.10
C ASN D 244 27.93 -32.96 -37.37
N PRO D 245 27.72 -34.20 -37.90
CA PRO D 245 26.34 -34.66 -38.13
C PRO D 245 25.58 -35.12 -36.88
N ARG D 246 26.30 -35.43 -35.77
CA ARG D 246 25.74 -35.91 -34.50
C ARG D 246 26.40 -35.12 -33.35
N VAL D 247 25.96 -33.87 -33.11
CA VAL D 247 26.56 -33.05 -32.05
C VAL D 247 26.01 -33.38 -30.64
N PRO D 248 26.87 -33.68 -29.64
CA PRO D 248 26.36 -33.92 -28.27
C PRO D 248 25.50 -32.76 -27.80
N LEU D 249 24.35 -33.06 -27.16
CA LEU D 249 23.42 -32.03 -26.70
C LEU D 249 24.07 -30.98 -25.82
N SER D 250 25.03 -31.39 -24.94
CA SER D 250 25.75 -30.42 -24.08
C SER D 250 26.53 -29.36 -24.84
N ARG D 251 26.61 -29.50 -26.18
CA ARG D 251 27.26 -28.57 -27.05
C ARG D 251 26.30 -27.79 -27.95
N VAL D 252 25.01 -28.12 -27.93
CA VAL D 252 24.01 -27.39 -28.71
C VAL D 252 23.10 -26.51 -27.82
N PHE D 253 23.11 -26.68 -26.46
CA PHE D 253 22.31 -25.83 -25.58
C PHE D 253 22.71 -24.39 -25.72
N PHE D 254 21.75 -23.54 -26.07
CA PHE D 254 21.93 -22.11 -26.31
C PHE D 254 22.82 -21.79 -27.53
N ALA D 255 23.07 -22.77 -28.41
CA ALA D 255 23.96 -22.53 -29.56
C ALA D 255 23.25 -21.99 -30.80
N SER D 256 22.69 -20.77 -30.68
CA SER D 256 22.00 -20.12 -31.79
C SER D 256 22.92 -19.89 -33.02
N TRP D 257 24.24 -19.86 -32.80
CA TRP D 257 25.21 -19.71 -33.89
C TRP D 257 25.15 -20.91 -34.84
N ARG D 258 24.82 -22.13 -34.33
CA ARG D 258 24.73 -23.32 -35.19
C ARG D 258 23.59 -23.21 -36.19
N VAL D 259 22.57 -22.39 -35.92
CA VAL D 259 21.46 -22.20 -36.86
C VAL D 259 21.90 -21.17 -37.93
N VAL D 260 22.55 -20.07 -37.50
CA VAL D 260 23.01 -18.99 -38.38
C VAL D 260 24.20 -19.42 -39.28
N LEU D 261 25.20 -20.07 -38.69
CA LEU D 261 26.41 -20.41 -39.40
C LEU D 261 26.58 -21.88 -39.79
N GLU D 262 25.89 -22.83 -39.11
CA GLU D 262 26.12 -24.24 -39.44
C GLU D 262 25.07 -24.89 -40.34
N GLY D 263 24.40 -24.10 -41.21
CA GLY D 263 23.48 -24.69 -42.19
C GLY D 263 22.00 -24.42 -42.12
N GLY D 264 21.55 -23.60 -41.17
CA GLY D 264 20.13 -23.27 -41.07
C GLY D 264 19.28 -24.37 -40.46
N ILE D 265 17.94 -24.19 -40.56
CA ILE D 265 16.96 -25.10 -39.97
C ILE D 265 16.67 -26.35 -40.82
N ASP D 266 16.92 -26.32 -42.14
CA ASP D 266 16.62 -27.47 -42.99
C ASP D 266 17.30 -28.79 -42.54
N PRO D 267 18.63 -28.84 -42.29
CA PRO D 267 19.24 -30.09 -41.84
C PRO D 267 18.77 -30.52 -40.45
N ILE D 268 18.31 -29.58 -39.61
CA ILE D 268 17.82 -29.90 -38.27
C ILE D 268 16.44 -30.55 -38.35
N LEU D 269 15.56 -30.01 -39.21
CA LEU D 269 14.22 -30.54 -39.41
C LEU D 269 14.28 -31.93 -40.06
N ARG D 270 15.23 -32.15 -41.00
CA ARG D 270 15.44 -33.46 -41.65
C ARG D 270 15.84 -34.49 -40.58
N GLY D 271 16.74 -34.09 -39.70
CA GLY D 271 17.21 -34.92 -38.62
C GLY D 271 16.10 -35.29 -37.66
N LEU D 272 15.18 -34.34 -37.34
CA LEU D 272 14.06 -34.63 -36.44
C LEU D 272 13.07 -35.62 -37.03
N MET D 273 12.83 -35.52 -38.31
CA MET D 273 11.89 -36.38 -39.01
C MET D 273 12.42 -37.80 -39.24
N ALA D 274 13.69 -37.94 -39.67
CA ALA D 274 14.29 -39.23 -40.01
C ALA D 274 15.13 -39.91 -38.92
N THR D 275 15.06 -39.44 -37.68
CA THR D 275 15.80 -40.08 -36.58
C THR D 275 14.77 -40.51 -35.59
N PRO D 276 14.85 -41.75 -35.11
CA PRO D 276 13.89 -42.20 -34.09
C PRO D 276 14.15 -41.51 -32.76
N ALA D 277 13.09 -41.35 -31.97
CA ALA D 277 13.19 -40.77 -30.64
C ALA D 277 13.78 -41.80 -29.69
N LYS D 278 14.28 -41.39 -28.50
CA LYS D 278 14.76 -42.34 -27.50
C LYS D 278 13.52 -42.99 -26.91
N LEU D 279 13.50 -44.31 -26.79
CA LEU D 279 12.36 -45.01 -26.20
C LEU D 279 12.55 -45.08 -24.69
N ASN D 280 11.53 -44.67 -23.90
CA ASN D 280 11.61 -44.76 -22.45
C ASN D 280 11.45 -46.23 -22.06
N ARG D 281 12.44 -46.73 -21.31
CA ARG D 281 12.48 -48.10 -20.77
C ARG D 281 12.79 -47.99 -19.30
N GLN D 282 12.23 -48.86 -18.45
CA GLN D 282 12.43 -48.76 -17.00
C GLN D 282 13.88 -48.79 -16.53
N ASN D 283 14.78 -49.30 -17.36
CA ASN D 283 16.21 -49.34 -17.02
C ASN D 283 17.06 -48.43 -17.93
N GLN D 284 16.42 -47.54 -18.71
CA GLN D 284 16.99 -46.58 -19.66
C GLN D 284 16.05 -45.36 -19.68
N ILE D 285 15.86 -44.71 -18.52
CA ILE D 285 14.92 -43.61 -18.40
C ILE D 285 15.37 -42.31 -19.10
N ALA D 286 16.52 -41.70 -18.73
CA ALA D 286 16.97 -40.44 -19.35
C ALA D 286 18.48 -40.41 -19.53
N VAL D 287 19.00 -39.89 -20.69
CA VAL D 287 20.43 -39.87 -21.05
C VAL D 287 21.27 -38.88 -20.20
N ASP D 288 22.58 -39.16 -20.09
CA ASP D 288 23.48 -38.34 -19.29
C ASP D 288 23.80 -36.97 -19.91
N GLU D 289 23.37 -36.71 -21.16
CA GLU D 289 23.54 -35.39 -21.75
C GLU D 289 22.73 -34.35 -20.94
N ILE D 290 21.54 -34.76 -20.44
CA ILE D 290 20.66 -33.95 -19.59
C ILE D 290 20.84 -34.29 -18.11
N ARG D 291 21.21 -35.51 -17.77
CA ARG D 291 21.41 -35.93 -16.39
C ARG D 291 22.74 -35.46 -15.78
N GLU D 292 23.75 -35.17 -16.61
CA GLU D 292 25.08 -34.77 -16.12
C GLU D 292 25.60 -33.50 -16.72
N ARG D 293 25.25 -33.26 -17.99
CA ARG D 293 25.79 -32.14 -18.73
C ARG D 293 24.77 -31.12 -19.17
N LEU D 294 23.58 -31.07 -18.51
CA LEU D 294 22.58 -30.07 -18.87
C LEU D 294 23.13 -28.66 -18.59
N PHE D 295 23.26 -27.86 -19.66
CA PHE D 295 23.77 -26.47 -19.71
C PHE D 295 25.18 -26.33 -19.21
N GLU D 296 25.97 -27.40 -19.33
CA GLU D 296 27.34 -27.52 -18.87
C GLU D 296 28.26 -26.42 -19.36
N GLN D 297 28.02 -25.96 -20.58
CA GLN D 297 28.85 -24.96 -21.23
C GLN D 297 28.76 -23.58 -20.62
N VAL D 298 27.57 -23.18 -20.18
CA VAL D 298 27.33 -21.82 -19.69
C VAL D 298 27.21 -21.71 -18.16
N MET D 299 27.24 -22.85 -17.43
CA MET D 299 27.11 -22.81 -15.97
C MET D 299 28.41 -23.18 -15.26
N ARG D 300 28.47 -22.95 -13.95
CA ARG D 300 29.65 -23.32 -13.17
C ARG D 300 29.75 -24.85 -12.95
N ILE D 301 28.66 -25.58 -13.19
CA ILE D 301 28.56 -27.02 -13.02
C ILE D 301 27.40 -27.52 -13.93
N GLY D 302 27.54 -28.72 -14.45
CA GLY D 302 26.49 -29.30 -15.30
C GLY D 302 25.30 -29.69 -14.46
N LEU D 303 24.10 -29.26 -14.86
CA LEU D 303 22.90 -29.59 -14.12
C LEU D 303 22.43 -31.02 -14.43
N ASP D 304 21.47 -31.52 -13.61
CA ASP D 304 20.87 -32.85 -13.72
C ASP D 304 19.35 -32.60 -13.92
N LEU D 305 18.88 -32.67 -15.16
CA LEU D 305 17.47 -32.38 -15.47
C LEU D 305 16.49 -33.29 -14.69
N PRO D 306 16.60 -34.64 -14.72
CA PRO D 306 15.71 -35.46 -13.88
C PRO D 306 15.68 -35.07 -12.40
N ALA D 307 16.83 -34.72 -11.81
CA ALA D 307 16.89 -34.31 -10.42
C ALA D 307 16.24 -32.95 -10.23
N LEU D 308 16.47 -32.00 -11.16
CA LEU D 308 15.81 -30.68 -11.10
C LEU D 308 14.29 -30.82 -11.09
N ASN D 309 13.74 -31.79 -11.88
CA ASN D 309 12.33 -32.10 -11.99
C ASN D 309 11.76 -32.53 -10.65
N MET D 310 12.54 -33.36 -9.90
CA MET D 310 12.14 -33.84 -8.58
C MET D 310 12.25 -32.75 -7.55
N GLN D 311 13.31 -31.94 -7.63
CA GLN D 311 13.45 -30.80 -6.70
C GLN D 311 12.34 -29.79 -6.94
N ARG D 312 11.97 -29.61 -8.20
CA ARG D 312 10.91 -28.70 -8.60
C ARG D 312 9.55 -29.16 -8.06
N SER D 313 9.26 -30.46 -8.10
CA SER D 313 7.99 -30.95 -7.55
C SER D 313 7.90 -30.70 -6.04
N ARG D 314 9.03 -30.80 -5.34
CA ARG D 314 9.08 -30.55 -3.91
C ARG D 314 8.91 -29.09 -3.63
N ASP D 315 9.59 -28.23 -4.41
CA ASP D 315 9.49 -26.77 -4.34
C ASP D 315 8.01 -26.36 -4.50
N HIS D 316 7.34 -26.99 -5.49
CA HIS D 316 5.95 -26.77 -5.82
C HIS D 316 4.95 -27.44 -4.87
N GLY D 317 5.43 -28.10 -3.82
CA GLY D 317 4.58 -28.76 -2.85
C GLY D 317 3.66 -29.79 -3.45
N LEU D 318 4.14 -30.54 -4.45
CA LEU D 318 3.27 -31.53 -5.07
C LEU D 318 3.17 -32.76 -4.23
N PRO D 319 1.96 -33.30 -4.03
CA PRO D 319 1.85 -34.62 -3.39
C PRO D 319 2.65 -35.71 -4.14
N GLY D 320 2.94 -36.80 -3.45
CA GLY D 320 3.65 -37.93 -4.04
C GLY D 320 2.80 -38.79 -4.93
N TYR D 321 3.41 -39.83 -5.42
CA TYR D 321 2.83 -40.78 -6.36
C TYR D 321 1.43 -41.34 -5.95
N ASN D 322 1.32 -42.00 -4.78
CA ASN D 322 0.04 -42.60 -4.37
C ASN D 322 -1.16 -41.62 -4.34
N ALA D 323 -0.94 -40.36 -3.92
CA ALA D 323 -1.99 -39.34 -3.87
C ALA D 323 -2.48 -39.00 -5.29
N TRP D 324 -1.54 -38.99 -6.29
CA TRP D 324 -1.92 -38.73 -7.66
C TRP D 324 -2.57 -39.95 -8.28
N ARG D 325 -2.14 -41.19 -7.90
CA ARG D 325 -2.83 -42.40 -8.40
C ARG D 325 -4.26 -42.36 -7.89
N ARG D 326 -4.46 -42.02 -6.58
CA ARG D 326 -5.79 -41.90 -5.97
C ARG D 326 -6.65 -40.87 -6.69
N PHE D 327 -6.10 -39.68 -6.95
CA PHE D 327 -6.77 -38.62 -7.70
C PHE D 327 -7.27 -39.15 -9.07
N CYS D 328 -6.47 -39.98 -9.75
CA CYS D 328 -6.82 -40.58 -11.05
C CYS D 328 -7.75 -41.78 -10.96
N GLY D 329 -8.04 -42.25 -9.76
CA GLY D 329 -8.85 -43.44 -9.55
C GLY D 329 -8.08 -44.71 -9.84
N LEU D 330 -6.75 -44.68 -9.60
CA LEU D 330 -5.87 -45.79 -9.87
C LEU D 330 -5.44 -46.44 -8.54
N PRO D 331 -5.27 -47.77 -8.51
CA PRO D 331 -4.86 -48.43 -7.26
C PRO D 331 -3.54 -47.88 -6.73
N GLN D 332 -3.42 -47.75 -5.42
CA GLN D 332 -2.24 -47.18 -4.80
C GLN D 332 -1.46 -48.26 -4.03
N PRO D 333 -0.35 -48.74 -4.62
CA PRO D 333 0.47 -49.77 -3.96
C PRO D 333 1.07 -49.31 -2.61
N GLU D 334 0.99 -50.14 -1.57
CA GLU D 334 1.55 -49.81 -0.26
C GLU D 334 2.88 -50.51 -0.02
N THR D 335 2.95 -51.76 -0.48
CA THR D 335 3.99 -52.73 -0.36
C THR D 335 4.89 -52.76 -1.63
N VAL D 336 6.13 -53.20 -1.48
CA VAL D 336 7.06 -53.29 -2.60
C VAL D 336 6.54 -54.31 -3.62
N GLY D 337 5.93 -55.41 -3.16
CA GLY D 337 5.30 -56.42 -4.00
C GLY D 337 4.19 -55.81 -4.83
N GLN D 338 3.31 -55.03 -4.20
CA GLN D 338 2.24 -54.33 -4.89
C GLN D 338 2.82 -53.35 -5.93
N LEU D 339 3.86 -52.58 -5.58
CA LEU D 339 4.49 -51.66 -6.54
C LEU D 339 5.13 -52.44 -7.70
N GLY D 340 5.68 -53.62 -7.40
CA GLY D 340 6.28 -54.52 -8.37
C GLY D 340 5.25 -54.94 -9.40
N THR D 341 4.01 -55.17 -8.97
CA THR D 341 2.89 -55.55 -9.82
C THR D 341 2.50 -54.38 -10.72
N VAL D 342 2.39 -53.17 -10.15
CA VAL D 342 2.03 -51.98 -10.91
C VAL D 342 3.05 -51.72 -12.01
N LEU D 343 4.35 -51.74 -11.66
CA LEU D 343 5.41 -51.48 -12.62
C LEU D 343 5.77 -52.69 -13.49
N ARG D 344 5.19 -53.90 -13.21
CA ARG D 344 5.57 -55.17 -13.86
C ARG D 344 7.11 -55.35 -13.74
N ASN D 345 7.65 -54.96 -12.57
CA ASN D 345 9.07 -54.88 -12.29
C ASN D 345 9.32 -54.82 -10.78
N LEU D 346 9.78 -55.94 -10.23
CA LEU D 346 10.11 -56.00 -8.82
C LEU D 346 11.49 -55.36 -8.57
N LYS D 347 12.41 -55.40 -9.56
CA LYS D 347 13.73 -54.83 -9.41
C LYS D 347 13.64 -53.32 -9.23
N LEU D 348 12.94 -52.63 -10.14
CA LEU D 348 12.74 -51.20 -10.06
C LEU D 348 11.94 -50.84 -8.82
N ALA D 349 10.92 -51.66 -8.46
CA ALA D 349 10.12 -51.43 -7.25
C ALA D 349 11.02 -51.42 -6.00
N ARG D 350 11.93 -52.43 -5.85
CA ARG D 350 12.89 -52.54 -4.77
C ARG D 350 13.79 -51.30 -4.73
N LYS D 351 14.28 -50.84 -5.90
CA LYS D 351 15.13 -49.66 -6.00
C LYS D 351 14.40 -48.42 -5.57
N LEU D 352 13.12 -48.29 -5.97
CA LEU D 352 12.29 -47.15 -5.62
C LEU D 352 11.97 -47.15 -4.12
N MET D 353 11.70 -48.33 -3.54
CA MET D 353 11.43 -48.47 -2.10
C MET D 353 12.67 -48.17 -1.28
N GLU D 354 13.86 -48.47 -1.82
CA GLU D 354 15.13 -48.20 -1.14
C GLU D 354 15.36 -46.70 -0.99
N GLN D 355 14.95 -45.91 -2.01
CA GLN D 355 15.11 -44.47 -1.96
C GLN D 355 13.98 -43.82 -1.15
N TYR D 356 12.74 -44.17 -1.47
CA TYR D 356 11.58 -43.49 -0.92
C TYR D 356 10.99 -44.05 0.38
N GLY D 357 11.10 -45.36 0.60
CA GLY D 357 10.56 -46.01 1.80
C GLY D 357 9.11 -46.42 1.67
N THR D 358 8.34 -45.66 0.87
CA THR D 358 6.92 -45.89 0.62
C THR D 358 6.53 -45.34 -0.75
N PRO D 359 5.63 -46.02 -1.47
CA PRO D 359 5.16 -45.47 -2.75
C PRO D 359 4.41 -44.13 -2.59
N ASN D 360 4.00 -43.78 -1.36
CA ASN D 360 3.36 -42.50 -1.08
C ASN D 360 4.31 -41.33 -1.35
N ASN D 361 5.63 -41.54 -1.13
CA ASN D 361 6.62 -40.48 -1.25
C ASN D 361 7.33 -40.40 -2.59
N ILE D 362 7.10 -41.34 -3.53
CA ILE D 362 7.76 -41.27 -4.84
C ILE D 362 7.39 -39.95 -5.55
N ASP D 363 8.38 -39.17 -6.01
CA ASP D 363 8.11 -37.89 -6.68
C ASP D 363 7.30 -38.11 -7.95
N ILE D 364 6.29 -37.27 -8.21
CA ILE D 364 5.40 -37.44 -9.35
C ILE D 364 6.12 -37.72 -10.70
N TRP D 365 7.20 -36.99 -11.08
CA TRP D 365 7.88 -37.27 -12.34
C TRP D 365 8.48 -38.67 -12.32
N MET D 366 9.17 -39.01 -11.23
CA MET D 366 9.84 -40.29 -11.09
C MET D 366 8.86 -41.46 -11.15
N GLY D 367 7.75 -41.39 -10.40
CA GLY D 367 6.73 -42.43 -10.36
C GLY D 367 6.10 -42.58 -11.73
N GLY D 368 5.74 -41.45 -12.31
CA GLY D 368 5.14 -41.36 -13.63
C GLY D 368 5.97 -41.97 -14.73
N VAL D 369 7.25 -41.59 -14.88
CA VAL D 369 8.10 -42.15 -15.93
C VAL D 369 8.54 -43.60 -15.69
N SER D 370 8.28 -44.16 -14.49
CA SER D 370 8.61 -45.53 -14.11
C SER D 370 7.54 -46.53 -14.57
N GLU D 371 6.26 -46.12 -14.64
CA GLU D 371 5.17 -47.02 -15.03
C GLU D 371 5.34 -47.55 -16.45
N PRO D 372 4.89 -48.80 -16.70
CA PRO D 372 4.99 -49.34 -18.08
C PRO D 372 4.06 -48.56 -19.02
N LEU D 373 4.52 -48.33 -20.26
CA LEU D 373 3.82 -47.55 -21.27
C LEU D 373 2.52 -48.25 -21.71
N LYS D 374 1.51 -47.43 -22.05
CA LYS D 374 0.22 -47.95 -22.51
C LYS D 374 0.33 -48.37 -23.96
N ARG D 375 -0.43 -49.38 -24.42
CA ARG D 375 -0.38 -49.86 -25.80
C ARG D 375 -0.56 -48.71 -26.80
N LYS D 376 0.46 -48.54 -27.71
CA LYS D 376 0.49 -47.48 -28.71
C LYS D 376 0.56 -46.05 -28.10
N GLY D 377 1.08 -45.97 -26.89
CA GLY D 377 1.26 -44.74 -26.14
C GLY D 377 2.66 -44.64 -25.54
N ARG D 378 3.09 -43.44 -25.19
CA ARG D 378 4.42 -43.25 -24.63
C ARG D 378 4.41 -42.81 -23.16
N VAL D 379 3.31 -43.02 -22.44
CA VAL D 379 3.17 -42.73 -21.02
C VAL D 379 2.41 -43.90 -20.36
N GLY D 380 2.49 -44.02 -19.03
CA GLY D 380 1.75 -45.01 -18.28
C GLY D 380 0.40 -44.48 -17.83
N PRO D 381 -0.38 -45.30 -17.13
CA PRO D 381 -1.73 -44.85 -16.70
C PRO D 381 -1.80 -43.51 -15.96
N LEU D 382 -0.87 -43.26 -15.05
CA LEU D 382 -0.90 -42.02 -14.24
C LEU D 382 -0.66 -40.79 -15.07
N LEU D 383 0.43 -40.78 -15.87
CA LEU D 383 0.74 -39.63 -16.71
C LEU D 383 -0.30 -39.43 -17.79
N ALA D 384 -0.89 -40.53 -18.32
CA ALA D 384 -1.98 -40.45 -19.29
C ALA D 384 -3.15 -39.69 -18.68
N CYS D 385 -3.45 -39.93 -17.40
CA CYS D 385 -4.53 -39.26 -16.74
C CYS D 385 -4.29 -37.79 -16.55
N ILE D 386 -3.13 -37.40 -15.99
CA ILE D 386 -2.83 -36.00 -15.75
C ILE D 386 -2.75 -35.24 -17.04
N ILE D 387 -2.05 -35.81 -18.03
CA ILE D 387 -1.93 -35.17 -19.34
C ILE D 387 -3.28 -35.07 -20.04
N GLY D 388 -3.99 -36.17 -20.09
CA GLY D 388 -5.29 -36.22 -20.75
C GLY D 388 -6.30 -35.27 -20.16
N THR D 389 -6.37 -35.22 -18.81
CA THR D 389 -7.26 -34.33 -18.07
C THR D 389 -6.93 -32.86 -18.37
N GLN D 390 -5.62 -32.53 -18.46
CA GLN D 390 -5.23 -31.19 -18.76
C GLN D 390 -5.66 -30.79 -20.17
N PHE D 391 -5.32 -31.59 -21.17
CA PHE D 391 -5.67 -31.27 -22.56
C PHE D 391 -7.19 -31.20 -22.84
N ARG D 392 -8.04 -31.89 -22.03
CA ARG D 392 -9.46 -31.75 -22.24
C ARG D 392 -9.96 -30.39 -21.74
N LYS D 393 -9.38 -29.93 -20.64
CA LYS D 393 -9.68 -28.62 -20.06
C LYS D 393 -9.27 -27.50 -21.02
N LEU D 394 -8.12 -27.66 -21.71
CA LEU D 394 -7.66 -26.67 -22.68
C LEU D 394 -8.53 -26.63 -23.96
N ARG D 395 -9.22 -27.73 -24.30
CA ARG D 395 -10.05 -27.77 -25.51
C ARG D 395 -11.49 -27.34 -25.20
N ASP D 396 -12.12 -27.99 -24.18
CA ASP D 396 -13.50 -27.66 -23.76
C ASP D 396 -13.63 -26.31 -23.05
N GLY D 397 -12.54 -25.78 -22.52
CA GLY D 397 -12.54 -24.48 -21.85
C GLY D 397 -11.99 -23.34 -22.66
N ASP D 398 -11.77 -23.56 -23.96
CA ASP D 398 -11.26 -22.52 -24.83
C ASP D 398 -12.41 -21.97 -25.70
N ARG D 399 -12.70 -20.68 -25.52
CA ARG D 399 -13.76 -20.04 -26.28
C ARG D 399 -13.35 -19.86 -27.77
N PHE D 400 -12.03 -19.82 -28.05
CA PHE D 400 -11.52 -19.68 -29.40
C PHE D 400 -10.99 -21.01 -29.96
N TRP D 401 -11.54 -22.16 -29.48
CA TRP D 401 -11.15 -23.48 -29.99
C TRP D 401 -11.59 -23.54 -31.47
N TRP D 402 -10.72 -23.99 -32.38
CA TRP D 402 -10.98 -23.95 -33.82
C TRP D 402 -12.34 -24.57 -34.24
N GLU D 403 -12.82 -25.59 -33.55
CA GLU D 403 -14.11 -26.21 -33.87
C GLU D 403 -15.33 -25.53 -33.23
N ASN D 404 -15.14 -24.61 -32.29
CA ASN D 404 -16.25 -23.94 -31.61
C ASN D 404 -17.00 -23.07 -32.60
N GLU D 405 -18.35 -23.15 -32.63
CA GLU D 405 -19.17 -22.37 -33.56
C GLU D 405 -18.89 -20.88 -33.43
N GLY D 406 -18.66 -20.23 -34.56
CA GLY D 406 -18.35 -18.81 -34.55
C GLY D 406 -16.88 -18.46 -34.68
N VAL D 407 -15.98 -19.40 -34.38
CA VAL D 407 -14.53 -19.15 -34.52
C VAL D 407 -14.20 -19.17 -36.02
N PHE D 408 -14.45 -20.30 -36.68
CA PHE D 408 -14.27 -20.40 -38.14
C PHE D 408 -15.61 -20.77 -38.80
N SER D 409 -15.71 -20.57 -40.12
CA SER D 409 -16.89 -20.98 -40.87
C SER D 409 -16.84 -22.50 -41.12
N MET D 410 -17.97 -23.15 -41.49
CA MET D 410 -18.00 -24.59 -41.81
C MET D 410 -16.94 -24.90 -42.92
N GLN D 411 -16.82 -24.00 -43.91
CA GLN D 411 -15.88 -24.12 -45.03
C GLN D 411 -14.42 -23.94 -44.58
N GLN D 412 -14.15 -22.97 -43.69
CA GLN D 412 -12.80 -22.75 -43.16
C GLN D 412 -12.36 -23.93 -42.31
N ARG D 413 -13.28 -24.55 -41.55
CA ARG D 413 -12.94 -25.72 -40.76
C ARG D 413 -12.61 -26.88 -41.71
N GLN D 414 -13.42 -27.06 -42.78
CA GLN D 414 -13.19 -28.08 -43.78
C GLN D 414 -11.82 -27.92 -44.47
N ALA D 415 -11.38 -26.65 -44.65
CA ALA D 415 -10.08 -26.31 -45.23
C ALA D 415 -8.93 -26.60 -44.25
N LEU D 416 -9.12 -26.24 -42.95
CA LEU D 416 -8.13 -26.43 -41.90
C LEU D 416 -7.89 -27.90 -41.59
N ALA D 417 -8.87 -28.77 -41.81
CA ALA D 417 -8.71 -30.20 -41.59
C ALA D 417 -7.63 -30.81 -42.50
N GLN D 418 -7.31 -30.17 -43.63
CA GLN D 418 -6.30 -30.67 -44.56
C GLN D 418 -4.86 -30.34 -44.18
N ILE D 419 -4.63 -29.56 -43.11
CA ILE D 419 -3.27 -29.22 -42.71
C ILE D 419 -2.54 -30.44 -42.12
N SER D 420 -1.22 -30.36 -42.07
CA SER D 420 -0.31 -31.33 -41.50
C SER D 420 1.05 -30.65 -41.29
N LEU D 421 1.84 -31.15 -40.35
CA LEU D 421 3.17 -30.61 -40.10
C LEU D 421 4.14 -30.83 -41.32
N PRO D 422 4.13 -31.99 -42.02
CA PRO D 422 5.01 -32.13 -43.20
C PRO D 422 4.73 -31.09 -44.27
N ARG D 423 3.43 -30.76 -44.48
CA ARG D 423 3.03 -29.73 -45.43
C ARG D 423 3.57 -28.35 -45.04
N ILE D 424 3.50 -28.00 -43.74
CA ILE D 424 4.02 -26.73 -43.23
C ILE D 424 5.53 -26.62 -43.51
N ILE D 425 6.26 -27.74 -43.44
CA ILE D 425 7.68 -27.79 -43.75
C ILE D 425 7.95 -27.56 -45.25
N CYS D 426 7.13 -28.15 -46.16
CA CYS D 426 7.34 -27.96 -47.61
C CYS D 426 7.15 -26.51 -47.96
N ASP D 427 6.08 -25.90 -47.44
CA ASP D 427 5.75 -24.51 -47.72
C ASP D 427 6.80 -23.50 -47.24
N ASN D 428 7.60 -23.85 -46.21
CA ASN D 428 8.51 -22.88 -45.61
C ASN D 428 10.01 -23.24 -45.60
N THR D 429 10.41 -24.31 -46.31
CA THR D 429 11.82 -24.72 -46.32
C THR D 429 12.24 -25.20 -47.76
N GLY D 430 13.52 -25.52 -47.93
CA GLY D 430 14.01 -26.12 -49.16
C GLY D 430 13.93 -27.63 -49.15
N ILE D 431 13.20 -28.22 -48.18
CA ILE D 431 13.00 -29.65 -48.04
C ILE D 431 11.91 -30.09 -49.02
N THR D 432 12.26 -31.02 -49.91
CA THR D 432 11.33 -31.48 -50.94
C THR D 432 10.77 -32.89 -50.67
N THR D 433 11.33 -33.61 -49.68
CA THR D 433 10.91 -34.95 -49.30
C THR D 433 10.65 -34.93 -47.79
N VAL D 434 9.38 -35.09 -47.38
CA VAL D 434 8.96 -35.02 -45.97
C VAL D 434 8.32 -36.34 -45.46
N SER D 435 8.11 -36.43 -44.13
CA SER D 435 7.53 -37.61 -43.48
C SER D 435 6.13 -37.93 -44.02
N LYS D 436 5.81 -39.21 -44.18
CA LYS D 436 4.46 -39.63 -44.54
C LYS D 436 3.67 -39.57 -43.22
N ASN D 437 2.48 -38.97 -43.22
CA ASN D 437 1.66 -38.83 -42.00
C ASN D 437 1.29 -40.21 -41.42
N ASN D 438 1.34 -40.43 -40.09
CA ASN D 438 1.59 -39.43 -39.04
C ASN D 438 3.09 -39.13 -38.91
N ILE D 439 3.48 -37.84 -38.97
CA ILE D 439 4.87 -37.39 -38.88
C ILE D 439 5.57 -37.83 -37.57
N PHE D 440 4.80 -37.96 -36.49
CA PHE D 440 5.30 -38.38 -35.20
C PHE D 440 5.63 -39.88 -35.12
N MET D 441 5.06 -40.68 -35.99
CA MET D 441 5.34 -42.11 -36.03
C MET D 441 6.40 -42.44 -37.12
N SER D 442 6.32 -41.78 -38.28
CA SER D 442 7.28 -41.97 -39.37
C SER D 442 8.67 -41.56 -38.93
N ASN D 443 9.69 -42.43 -39.13
CA ASN D 443 11.05 -42.12 -38.66
C ASN D 443 12.18 -42.81 -39.45
N SER D 444 11.88 -43.40 -40.62
CA SER D 444 12.91 -44.11 -41.37
C SER D 444 12.97 -43.71 -42.81
N TYR D 445 14.13 -43.21 -43.29
CA TYR D 445 14.27 -42.81 -44.68
C TYR D 445 14.84 -43.97 -45.54
N PRO D 446 14.24 -44.25 -46.71
CA PRO D 446 13.09 -43.58 -47.34
C PRO D 446 11.76 -44.31 -47.19
N ARG D 447 11.67 -45.29 -46.29
CA ARG D 447 10.47 -46.10 -46.07
C ARG D 447 9.26 -45.25 -45.68
N ASP D 448 9.43 -44.37 -44.71
CA ASP D 448 8.34 -43.55 -44.22
C ASP D 448 8.32 -42.15 -44.82
N PHE D 449 8.90 -41.96 -46.04
CA PHE D 449 8.95 -40.62 -46.62
C PHE D 449 8.18 -40.51 -47.93
N VAL D 450 7.67 -39.29 -48.23
CA VAL D 450 6.90 -38.98 -49.44
C VAL D 450 7.35 -37.64 -50.06
N ASN D 451 7.00 -37.39 -51.34
CA ASN D 451 7.34 -36.12 -51.96
C ASN D 451 6.35 -35.05 -51.54
N CYS D 452 6.83 -33.82 -51.45
CA CYS D 452 6.03 -32.67 -51.06
C CYS D 452 4.91 -32.33 -52.04
N SER D 453 5.02 -32.80 -53.30
CA SER D 453 4.01 -32.61 -54.34
C SER D 453 2.73 -33.41 -54.01
N THR D 454 2.89 -34.59 -53.39
CA THR D 454 1.80 -35.50 -53.01
C THR D 454 0.88 -34.93 -51.94
N LEU D 455 1.42 -34.11 -51.04
CA LEU D 455 0.64 -33.52 -49.97
C LEU D 455 -0.09 -32.28 -50.46
N PRO D 456 -1.37 -32.13 -50.10
CA PRO D 456 -2.13 -30.94 -50.55
C PRO D 456 -1.94 -29.72 -49.62
N ALA D 457 -1.92 -28.53 -50.21
CA ALA D 457 -1.74 -27.27 -49.47
C ALA D 457 -3.03 -26.79 -48.76
N LEU D 458 -2.93 -25.83 -47.81
CA LEU D 458 -4.11 -25.26 -47.16
C LEU D 458 -4.70 -24.27 -48.16
N ASN D 459 -5.96 -24.50 -48.57
CA ASN D 459 -6.70 -23.63 -49.49
C ASN D 459 -7.32 -22.48 -48.73
N LEU D 460 -6.89 -21.23 -49.02
CA LEU D 460 -7.42 -20.07 -48.33
C LEU D 460 -8.66 -19.43 -49.00
N ALA D 461 -9.23 -20.10 -50.01
CA ALA D 461 -10.41 -19.59 -50.72
C ALA D 461 -11.55 -19.13 -49.82
N SER D 462 -11.88 -19.87 -48.75
CA SER D 462 -12.97 -19.48 -47.86
C SER D 462 -12.65 -18.27 -46.96
N TRP D 463 -11.46 -17.68 -47.09
CA TRP D 463 -11.07 -16.52 -46.29
C TRP D 463 -11.34 -15.17 -47.00
N ARG D 464 -11.76 -15.20 -48.29
CA ARG D 464 -12.01 -14.00 -49.08
C ARG D 464 -13.31 -13.25 -48.75
N GLU D 465 -13.25 -11.92 -48.82
CA GLU D 465 -14.37 -11.01 -48.61
C GLU D 465 -14.75 -10.36 -49.96
N CYS E 1 22.41 27.12 24.54
CA CYS E 1 21.68 25.88 24.81
C CYS E 1 22.39 24.97 25.84
N PRO E 2 21.95 24.96 27.12
CA PRO E 2 22.63 24.12 28.15
C PRO E 2 22.71 22.63 27.86
N GLU E 3 23.87 22.03 28.17
CA GLU E 3 24.14 20.61 27.96
C GLU E 3 23.33 19.71 28.91
N GLN E 4 23.03 20.20 30.12
CA GLN E 4 22.22 19.46 31.10
C GLN E 4 21.21 20.43 31.73
N ASP E 5 19.95 19.98 31.89
CA ASP E 5 18.87 20.80 32.45
C ASP E 5 17.77 19.94 33.09
N LYS E 6 17.15 20.41 34.17
CA LYS E 6 16.12 19.64 34.86
C LYS E 6 14.70 20.05 34.50
N TYR E 7 14.51 21.33 34.18
CA TYR E 7 13.16 21.85 33.93
C TYR E 7 13.02 22.54 32.59
N ARG E 8 11.77 22.75 32.15
CA ARG E 8 11.50 23.43 30.91
C ARG E 8 11.85 24.90 31.04
N THR E 9 12.17 25.53 29.92
CA THR E 9 12.36 26.96 29.88
C THR E 9 10.95 27.54 29.74
N ILE E 10 10.74 28.77 30.21
CA ILE E 10 9.46 29.41 30.09
C ILE E 10 9.07 29.63 28.61
N THR E 11 10.04 30.01 27.76
CA THR E 11 9.76 30.24 26.34
C THR E 11 9.70 28.98 25.48
N GLY E 12 10.11 27.82 26.00
CA GLY E 12 10.12 26.59 25.22
C GLY E 12 11.40 26.39 24.43
N MET E 13 12.29 27.42 24.42
CA MET E 13 13.60 27.41 23.80
C MET E 13 14.43 26.27 24.42
N CYS E 14 15.19 25.53 23.61
CA CYS E 14 16.08 24.46 24.05
C CYS E 14 15.39 23.12 24.24
N ASN E 15 14.09 22.99 24.01
CA ASN E 15 13.42 21.68 24.15
C ASN E 15 14.01 20.73 23.09
N ASN E 16 14.00 21.16 21.81
CA ASN E 16 14.67 20.38 20.76
C ASN E 16 16.06 20.91 20.73
N ARG E 17 17.06 20.08 20.99
CA ARG E 17 18.44 20.57 21.07
C ARG E 17 19.09 20.81 19.69
N ARG E 18 18.72 20.06 18.63
CA ARG E 18 19.32 20.29 17.30
C ARG E 18 18.82 21.59 16.66
N SER E 19 17.53 21.92 16.86
CA SER E 19 16.90 23.15 16.37
C SER E 19 16.19 23.77 17.61
N PRO E 20 16.93 24.58 18.39
CA PRO E 20 16.41 24.99 19.71
C PRO E 20 15.26 25.99 19.78
N THR E 21 14.72 26.45 18.64
CA THR E 21 13.53 27.30 18.66
C THR E 21 12.24 26.54 18.35
N LEU E 22 12.31 25.25 17.97
CA LEU E 22 11.10 24.49 17.64
C LEU E 22 10.18 24.30 18.86
N GLY E 23 8.96 24.83 18.74
CA GLY E 23 8.01 24.81 19.84
C GLY E 23 8.12 26.03 20.74
N ALA E 24 9.21 26.81 20.63
CA ALA E 24 9.40 28.03 21.41
C ALA E 24 8.38 29.14 20.99
N SER E 25 8.17 30.11 21.87
CA SER E 25 7.21 31.17 21.63
C SER E 25 7.74 32.24 20.68
N ASN E 26 6.84 33.04 20.07
CA ASN E 26 7.16 34.14 19.16
C ASN E 26 7.94 33.70 17.90
N ARG E 27 7.49 32.57 17.31
CA ARG E 27 8.09 32.02 16.11
C ARG E 27 6.99 31.70 15.09
N ALA E 28 7.33 31.71 13.78
CA ALA E 28 6.34 31.36 12.73
C ALA E 28 5.83 29.92 12.86
N PHE E 29 4.59 29.70 12.48
CA PHE E 29 3.98 28.39 12.53
C PHE E 29 4.66 27.48 11.49
N VAL E 30 4.61 26.15 11.69
CA VAL E 30 5.05 25.27 10.62
C VAL E 30 3.89 25.26 9.58
N ARG E 31 4.22 24.97 8.29
CA ARG E 31 3.16 24.84 7.29
C ARG E 31 3.15 23.36 6.82
N TRP E 32 1.98 22.72 6.73
CA TRP E 32 1.89 21.35 6.21
C TRP E 32 1.61 21.34 4.70
N LEU E 33 1.10 22.47 4.13
CA LEU E 33 0.84 22.66 2.71
C LEU E 33 1.25 24.09 2.35
N PRO E 34 1.75 24.32 1.12
CA PRO E 34 2.12 25.70 0.72
C PRO E 34 0.91 26.63 0.76
N ALA E 35 1.13 27.88 1.14
CA ALA E 35 0.04 28.84 1.26
C ALA E 35 -0.61 29.21 -0.08
N GLU E 36 -1.88 29.58 -0.05
CA GLU E 36 -2.67 29.96 -1.20
C GLU E 36 -3.21 31.37 -0.99
N TYR E 37 -2.58 32.30 -1.70
CA TYR E 37 -2.94 33.71 -1.69
C TYR E 37 -3.24 34.14 -3.12
N GLU E 38 -4.10 35.15 -3.24
CA GLU E 38 -4.55 35.80 -4.46
C GLU E 38 -3.37 36.23 -5.38
N ASP E 39 -2.24 36.67 -4.78
CA ASP E 39 -1.06 37.06 -5.55
C ASP E 39 0.13 36.04 -5.40
N GLY E 40 -0.13 34.89 -4.78
CA GLY E 40 0.88 33.87 -4.58
C GLY E 40 1.62 33.99 -3.27
N PHE E 41 1.76 35.21 -2.72
CA PHE E 41 2.58 35.38 -1.51
C PHE E 41 2.00 36.23 -0.34
N SER E 42 0.93 37.04 -0.50
CA SER E 42 0.44 37.85 0.63
C SER E 42 -1.04 38.21 0.65
N LEU E 43 -1.63 38.60 -0.48
CA LEU E 43 -3.02 39.03 -0.52
C LEU E 43 -4.00 37.88 -0.35
N PRO E 44 -4.94 38.01 0.59
CA PRO E 44 -5.89 36.91 0.81
C PRO E 44 -6.96 36.81 -0.25
N TYR E 45 -7.51 35.59 -0.45
CA TYR E 45 -8.62 35.42 -1.41
C TYR E 45 -9.82 36.19 -0.88
N GLY E 46 -10.37 37.05 -1.72
CA GLY E 46 -11.46 37.95 -1.35
C GLY E 46 -10.99 39.41 -1.29
N TRP E 47 -9.66 39.64 -1.30
CA TRP E 47 -9.09 40.98 -1.23
C TRP E 47 -9.47 41.84 -2.44
N THR E 48 -9.35 41.31 -3.65
CA THR E 48 -9.59 42.11 -4.86
C THR E 48 -10.94 41.80 -5.49
N PRO E 49 -11.77 42.85 -5.67
CA PRO E 49 -13.10 42.62 -6.25
C PRO E 49 -13.06 41.94 -7.59
N GLY E 50 -13.81 40.85 -7.71
CA GLY E 50 -13.91 40.10 -8.96
C GLY E 50 -12.83 39.07 -9.22
N VAL E 51 -11.76 39.06 -8.41
CA VAL E 51 -10.71 38.04 -8.59
C VAL E 51 -11.20 36.68 -8.09
N LYS E 52 -11.41 35.76 -9.03
CA LYS E 52 -11.86 34.42 -8.71
C LYS E 52 -10.75 33.57 -8.11
N ARG E 53 -11.12 32.55 -7.36
CA ARG E 53 -10.19 31.57 -6.81
C ARG E 53 -10.49 30.29 -7.56
N ASN E 54 -9.49 29.70 -8.22
CA ASN E 54 -9.65 28.45 -8.95
C ASN E 54 -10.85 28.43 -9.92
N GLY E 55 -11.10 29.54 -10.60
CA GLY E 55 -12.21 29.64 -11.54
C GLY E 55 -13.57 29.96 -10.94
N PHE E 56 -13.65 30.18 -9.61
CA PHE E 56 -14.93 30.47 -8.94
C PHE E 56 -14.89 31.74 -8.09
N PRO E 57 -16.01 32.50 -8.06
CA PRO E 57 -16.05 33.70 -7.21
C PRO E 57 -15.84 33.36 -5.74
N VAL E 58 -15.19 34.26 -5.01
CA VAL E 58 -14.94 33.99 -3.60
C VAL E 58 -16.19 34.35 -2.82
N ALA E 59 -16.78 33.38 -2.09
CA ALA E 59 -17.95 33.62 -1.27
C ALA E 59 -17.57 34.44 -0.06
N LEU E 60 -18.45 35.36 0.37
CA LEU E 60 -18.22 36.18 1.56
C LEU E 60 -18.31 35.26 2.78
N ALA E 61 -17.39 35.38 3.76
CA ALA E 61 -17.47 34.56 4.99
C ALA E 61 -18.82 34.76 5.71
N ARG E 62 -19.34 36.00 5.73
CA ARG E 62 -20.62 36.29 6.36
C ARG E 62 -21.77 35.58 5.61
N ALA E 63 -21.71 35.55 4.28
CA ALA E 63 -22.74 34.86 3.49
C ALA E 63 -22.70 33.36 3.78
N VAL E 64 -21.48 32.76 3.86
CA VAL E 64 -21.34 31.34 4.15
C VAL E 64 -21.91 31.03 5.54
N SER E 65 -21.62 31.90 6.50
CA SER E 65 -22.09 31.76 7.86
C SER E 65 -23.61 31.86 7.93
N ASN E 66 -24.20 32.76 7.13
CA ASN E 66 -25.65 32.94 7.07
C ASN E 66 -26.39 31.72 6.46
N GLU E 67 -25.85 31.18 5.37
CA GLU E 67 -26.51 30.10 4.64
C GLU E 67 -26.23 28.72 5.19
N ILE E 68 -25.02 28.47 5.68
CA ILE E 68 -24.64 27.17 6.16
C ILE E 68 -24.67 27.05 7.69
N VAL E 69 -24.06 28.01 8.42
CA VAL E 69 -23.92 27.91 9.87
C VAL E 69 -25.20 28.24 10.67
N ARG E 70 -25.84 29.40 10.37
CA ARG E 70 -27.06 29.85 11.03
C ARG E 70 -28.13 28.77 11.23
N PHE E 71 -28.75 28.74 12.43
CA PHE E 71 -29.81 27.80 12.76
C PHE E 71 -30.65 28.31 13.92
N PRO E 72 -31.93 27.88 14.03
CA PRO E 72 -32.75 28.35 15.16
C PRO E 72 -32.28 27.83 16.51
N THR E 73 -31.96 28.70 17.45
CA THR E 73 -31.44 28.28 18.76
C THR E 73 -32.35 27.26 19.48
N ASP E 74 -33.68 27.38 19.34
CA ASP E 74 -34.62 26.45 19.97
C ASP E 74 -34.44 24.98 19.50
N GLN E 75 -33.66 24.75 18.42
CA GLN E 75 -33.38 23.44 17.86
C GLN E 75 -32.17 22.74 18.47
N LEU E 76 -31.32 23.47 19.21
CA LEU E 76 -30.10 22.95 19.85
C LEU E 76 -30.26 21.53 20.41
N THR E 77 -29.37 20.59 20.02
CA THR E 77 -29.45 19.22 20.53
C THR E 77 -28.40 19.07 21.61
N PRO E 78 -28.79 18.87 22.88
CA PRO E 78 -27.76 18.63 23.91
C PRO E 78 -27.06 17.29 23.63
N ASP E 79 -25.76 17.21 23.87
CA ASP E 79 -25.00 15.99 23.65
C ASP E 79 -25.22 15.09 24.83
N GLN E 80 -25.76 13.88 24.57
CA GLN E 80 -26.00 12.93 25.65
C GLN E 80 -24.70 12.32 26.24
N GLU E 81 -23.57 12.40 25.50
CA GLU E 81 -22.35 11.82 25.99
C GLU E 81 -21.19 12.78 26.18
N ARG E 82 -21.47 14.10 26.27
CA ARG E 82 -20.43 15.09 26.51
C ARG E 82 -20.96 16.16 27.43
N SER E 83 -20.10 16.67 28.32
CA SER E 83 -20.41 17.75 29.25
C SER E 83 -19.85 19.08 28.73
N LEU E 84 -20.31 20.22 29.29
CA LEU E 84 -19.74 21.52 28.90
C LEU E 84 -18.26 21.61 29.30
N MET E 85 -17.81 20.78 30.27
CA MET E 85 -16.41 20.66 30.65
C MET E 85 -15.57 20.21 29.43
N PHE E 86 -16.16 19.36 28.54
CA PHE E 86 -15.50 18.90 27.31
C PHE E 86 -15.22 20.09 26.40
N MET E 87 -16.17 21.03 26.30
CA MET E 87 -16.00 22.26 25.55
C MET E 87 -14.92 23.10 26.22
N GLN E 88 -15.09 23.39 27.52
CA GLN E 88 -14.16 24.27 28.24
C GLN E 88 -12.72 23.79 28.31
N TRP E 89 -12.48 22.47 28.46
CA TRP E 89 -11.10 21.95 28.47
C TRP E 89 -10.44 22.21 27.12
N GLY E 90 -11.18 22.04 26.02
CA GLY E 90 -10.66 22.29 24.70
C GLY E 90 -10.17 23.71 24.50
N GLN E 91 -10.91 24.70 25.04
CA GLN E 91 -10.49 26.09 24.90
C GLN E 91 -9.26 26.35 25.76
N LEU E 92 -9.26 25.85 27.00
CA LEU E 92 -8.13 25.99 27.91
C LEU E 92 -6.85 25.35 27.27
N LEU E 93 -7.03 24.22 26.60
CA LEU E 93 -5.99 23.47 25.92
C LEU E 93 -5.47 24.27 24.74
N ASP E 94 -6.37 24.85 23.95
CA ASP E 94 -5.98 25.71 22.83
C ASP E 94 -5.12 26.90 23.30
N HIS E 95 -5.36 27.36 24.53
CA HIS E 95 -4.66 28.51 25.07
C HIS E 95 -3.28 28.15 25.67
N ASP E 96 -2.92 26.86 25.64
CA ASP E 96 -1.62 26.30 25.97
C ASP E 96 -0.82 26.05 24.66
N LEU E 97 -1.48 26.01 23.48
CA LEU E 97 -0.89 25.69 22.19
C LEU E 97 -0.66 26.85 21.27
N ASP E 98 -1.68 27.69 20.99
CA ASP E 98 -1.47 28.79 20.04
C ASP E 98 -2.24 30.05 20.34
N PHE E 99 -1.62 31.19 20.00
CA PHE E 99 -2.19 32.53 20.04
C PHE E 99 -1.55 33.28 18.88
N THR E 100 -2.35 33.70 17.91
CA THR E 100 -1.86 34.38 16.74
C THR E 100 -2.00 35.89 16.96
N PRO E 101 -0.88 36.60 17.18
CA PRO E 101 -0.98 38.04 17.45
C PRO E 101 -1.43 38.86 16.24
N GLU E 102 -2.13 39.95 16.54
CA GLU E 102 -2.72 40.91 15.62
C GLU E 102 -2.15 42.30 15.93
N PRO E 103 -2.21 43.26 14.99
CA PRO E 103 -1.77 44.65 15.30
C PRO E 103 -2.77 45.41 16.19
N ALA E 104 -2.40 46.62 16.66
CA ALA E 104 -3.31 47.42 17.49
C ALA E 104 -4.13 48.45 16.71
N ASN F 2 -7.77 52.57 10.96
CA ASN F 2 -8.27 51.93 12.18
C ASN F 2 -9.31 50.83 11.86
N CYS F 3 -8.93 49.52 12.05
CA CYS F 3 -9.85 48.42 11.73
C CYS F 3 -11.05 48.37 12.66
N GLU F 4 -10.93 48.87 13.88
CA GLU F 4 -12.06 48.88 14.82
C GLU F 4 -13.21 49.74 14.33
N THR F 5 -12.89 50.93 13.74
CA THR F 5 -13.93 51.88 13.38
C THR F 5 -14.17 52.14 11.88
N SER F 6 -13.24 51.74 11.00
CA SER F 6 -13.42 51.98 9.56
C SER F 6 -13.76 50.73 8.77
N CYS F 7 -14.38 50.91 7.61
CA CYS F 7 -14.68 49.78 6.71
C CYS F 7 -13.77 49.73 5.48
N VAL F 8 -12.75 50.60 5.43
CA VAL F 8 -11.82 50.67 4.32
C VAL F 8 -10.86 49.49 4.37
N GLN F 9 -10.60 48.89 3.22
CA GLN F 9 -9.67 47.77 3.13
C GLN F 9 -8.28 48.30 2.82
N GLN F 10 -7.55 48.67 3.85
CA GLN F 10 -6.18 49.15 3.75
C GLN F 10 -5.39 48.35 4.82
N PRO F 11 -4.21 47.79 4.48
CA PRO F 11 -3.45 47.02 5.49
C PRO F 11 -3.28 47.74 6.83
N PRO F 12 -3.43 47.04 7.96
CA PRO F 12 -3.65 45.60 8.11
C PRO F 12 -5.10 45.19 8.20
N CYS F 13 -6.05 46.02 7.72
CA CYS F 13 -7.47 45.72 7.84
C CYS F 13 -7.94 44.82 6.74
N PHE F 14 -8.74 43.82 7.08
CA PHE F 14 -9.36 42.93 6.09
C PHE F 14 -10.82 42.73 6.50
N PRO F 15 -11.62 43.84 6.52
CA PRO F 15 -13.00 43.73 7.00
C PRO F 15 -13.86 42.76 6.22
N LEU F 16 -14.81 42.15 6.92
CA LEU F 16 -15.71 41.22 6.29
C LEU F 16 -16.87 42.05 5.70
N LYS F 17 -17.07 42.01 4.38
CA LYS F 17 -18.15 42.72 3.72
C LYS F 17 -19.49 42.06 4.06
N ILE F 18 -20.59 42.84 3.98
CA ILE F 18 -21.92 42.39 4.34
C ILE F 18 -22.75 41.97 3.11
N PRO F 19 -23.33 40.77 3.12
CA PRO F 19 -24.09 40.30 1.95
C PRO F 19 -25.49 40.89 1.90
N PRO F 20 -26.11 40.88 0.71
CA PRO F 20 -27.50 41.38 0.62
C PRO F 20 -28.45 40.50 1.44
N ASN F 21 -29.51 41.14 1.97
CA ASN F 21 -30.51 40.53 2.81
C ASN F 21 -29.88 39.80 3.99
N ASP F 22 -29.11 40.51 4.78
CA ASP F 22 -28.47 39.95 5.96
C ASP F 22 -29.50 39.92 7.09
N PRO F 23 -29.51 38.86 7.93
CA PRO F 23 -30.50 38.80 9.02
C PRO F 23 -30.26 39.81 10.14
N ARG F 24 -29.09 40.45 10.20
CA ARG F 24 -28.78 41.39 11.27
C ARG F 24 -28.28 42.75 10.78
N ILE F 25 -27.28 42.75 9.90
CA ILE F 25 -26.68 43.99 9.40
C ILE F 25 -27.35 44.44 8.12
N LYS F 26 -28.34 45.32 8.23
CA LYS F 26 -29.09 45.79 7.06
C LYS F 26 -28.28 46.77 6.20
N ASN F 27 -27.36 47.54 6.83
CA ASN F 27 -26.54 48.50 6.10
C ASN F 27 -25.36 47.78 5.41
N GLN F 28 -25.39 47.66 4.06
CA GLN F 28 -24.31 47.01 3.30
C GLN F 28 -23.02 47.82 3.22
N ALA F 29 -23.03 49.10 3.59
CA ALA F 29 -21.80 49.91 3.65
C ALA F 29 -21.01 49.62 4.95
N ASP F 30 -21.66 49.02 5.96
CA ASP F 30 -21.06 48.59 7.21
C ASP F 30 -20.26 47.28 6.98
N CYS F 31 -19.58 46.78 8.04
CA CYS F 31 -18.73 45.59 7.95
C CYS F 31 -18.48 44.97 9.33
N ILE F 32 -17.89 43.75 9.34
CA ILE F 32 -17.45 43.12 10.58
C ILE F 32 -15.96 43.36 10.64
N PRO F 33 -15.49 44.05 11.69
CA PRO F 33 -14.06 44.38 11.77
C PRO F 33 -13.14 43.17 11.78
N PHE F 34 -11.98 43.30 11.18
CA PHE F 34 -11.00 42.22 11.12
C PHE F 34 -9.65 42.84 10.84
N PHE F 35 -8.63 42.38 11.59
CA PHE F 35 -7.23 42.79 11.44
C PHE F 35 -6.49 41.55 10.97
N ARG F 36 -5.66 41.67 9.95
CA ARG F 36 -4.85 40.57 9.47
C ARG F 36 -3.84 40.19 10.53
N SER F 37 -3.60 38.91 10.73
CA SER F 37 -2.63 38.41 11.69
C SER F 37 -1.24 38.92 11.35
N CSO F 38 -0.44 39.24 12.39
CA CSO F 38 0.90 39.75 12.17
CB CSO F 38 1.57 39.97 13.52
SG CSO F 38 0.83 41.32 14.50
C CSO F 38 1.72 38.78 11.33
O CSO F 38 1.72 37.56 11.58
OD CSO F 38 1.50 42.75 14.02
N PRO F 39 2.35 39.27 10.25
CA PRO F 39 3.17 38.38 9.43
C PRO F 39 4.54 38.17 10.06
N ALA F 40 5.14 36.99 9.88
CA ALA F 40 6.46 36.65 10.41
C ALA F 40 7.57 37.47 9.74
N CYS F 41 7.38 37.83 8.46
CA CYS F 41 8.33 38.65 7.75
C CYS F 41 7.64 39.90 7.16
N PRO F 42 7.56 40.98 7.95
CA PRO F 42 6.84 42.18 7.48
C PRO F 42 7.41 42.89 6.25
N GLY F 43 6.52 43.21 5.32
CA GLY F 43 6.84 43.93 4.09
C GLY F 43 7.65 43.19 3.05
N SER F 44 7.69 41.86 3.11
CA SER F 44 8.49 41.09 2.16
C SER F 44 7.86 40.82 0.82
N ASN F 45 8.64 41.08 -0.24
CA ASN F 45 8.26 40.79 -1.62
C ASN F 45 8.82 39.45 -2.08
N ILE F 46 9.50 38.65 -1.19
CA ILE F 46 10.14 37.37 -1.51
C ILE F 46 9.51 36.19 -0.79
N THR F 47 9.20 36.40 0.50
CA THR F 47 8.69 35.33 1.33
C THR F 47 7.19 35.14 1.18
N ILE F 48 6.70 33.89 1.28
CA ILE F 48 5.28 33.65 1.24
C ILE F 48 4.80 33.92 2.64
N ARG F 49 3.93 34.92 2.81
CA ARG F 49 3.42 35.32 4.11
C ARG F 49 3.00 34.15 5.04
N ASN F 50 3.53 34.19 6.26
CA ASN F 50 3.20 33.25 7.31
C ASN F 50 2.84 34.03 8.60
N GLN F 51 2.23 33.37 9.58
CA GLN F 51 1.81 34.00 10.82
C GLN F 51 2.61 33.50 12.01
N ILE F 52 2.48 34.17 13.18
CA ILE F 52 3.28 33.86 14.35
C ILE F 52 2.49 33.20 15.45
N ASN F 53 3.13 32.25 16.20
CA ASN F 53 2.57 31.63 17.38
C ASN F 53 3.23 32.33 18.52
N ALA F 54 2.46 32.99 19.39
CA ALA F 54 3.04 33.72 20.53
C ALA F 54 3.30 32.84 21.77
N LEU F 55 2.85 31.57 21.72
CA LEU F 55 2.94 30.61 22.84
C LEU F 55 3.90 29.46 22.57
N THR F 56 4.28 28.73 23.62
CA THR F 56 5.07 27.51 23.50
C THR F 56 4.08 26.45 23.00
N SER F 57 4.40 25.79 21.89
CA SER F 57 3.52 24.76 21.34
C SER F 57 3.33 23.57 22.28
N PHE F 58 4.25 23.33 23.19
CA PHE F 58 4.20 22.21 24.12
C PHE F 58 3.02 22.27 25.07
N VAL F 59 2.53 21.09 25.45
CA VAL F 59 1.45 20.99 26.41
C VAL F 59 2.21 21.03 27.74
N ASP F 60 2.56 22.27 28.17
CA ASP F 60 3.39 22.55 29.36
C ASP F 60 2.74 23.50 30.36
N ALA F 61 1.42 23.64 30.33
CA ALA F 61 0.69 24.58 31.17
C ALA F 61 1.13 26.04 30.97
N SER F 62 1.51 26.44 29.74
CA SER F 62 1.88 27.85 29.52
C SER F 62 0.70 28.82 29.66
N MET F 63 -0.55 28.31 29.67
CA MET F 63 -1.70 29.19 29.98
C MET F 63 -1.73 29.56 31.49
N VAL F 64 -0.87 28.93 32.32
CA VAL F 64 -0.76 29.20 33.72
C VAL F 64 0.55 29.97 33.98
N TYR F 65 1.66 29.54 33.37
CA TYR F 65 2.97 30.06 33.66
C TYR F 65 3.47 31.18 32.73
N GLY F 66 2.99 31.19 31.49
CA GLY F 66 3.40 32.20 30.53
C GLY F 66 4.40 31.63 29.54
N SER F 67 4.52 32.26 28.38
CA SER F 67 5.48 31.82 27.36
C SER F 67 6.64 32.80 27.17
N GLU F 68 6.72 33.87 28.00
CA GLU F 68 7.79 34.89 27.98
C GLU F 68 8.25 35.12 29.42
N GLU F 69 9.56 35.25 29.61
CA GLU F 69 10.20 35.37 30.93
C GLU F 69 9.72 36.55 31.78
N PRO F 70 9.53 37.79 31.26
CA PRO F 70 9.05 38.88 32.14
C PRO F 70 7.66 38.60 32.69
N LEU F 71 6.74 38.08 31.84
CA LEU F 71 5.39 37.71 32.24
C LEU F 71 5.45 36.60 33.29
N ALA F 72 6.25 35.54 33.02
CA ALA F 72 6.40 34.42 33.94
C ALA F 72 6.85 34.87 35.32
N ARG F 73 7.76 35.86 35.39
CA ARG F 73 8.25 36.40 36.65
C ARG F 73 7.11 37.13 37.38
N ASN F 74 6.37 38.00 36.67
CA ASN F 74 5.27 38.76 37.24
C ASN F 74 4.15 37.91 37.79
N LEU F 75 3.95 36.71 37.23
CA LEU F 75 2.90 35.79 37.71
C LEU F 75 3.30 35.07 39.02
N ARG F 76 4.52 35.26 39.54
CA ARG F 76 4.98 34.57 40.74
C ARG F 76 4.94 35.42 41.97
N ASN F 77 4.70 34.77 43.13
CA ASN F 77 4.76 35.44 44.41
C ASN F 77 6.25 35.55 44.75
N MET F 78 6.85 36.70 44.44
CA MET F 78 8.26 36.93 44.72
C MET F 78 8.51 37.49 46.15
N SER F 79 7.46 37.62 46.98
CA SER F 79 7.60 38.12 48.35
C SER F 79 8.25 37.09 49.31
N ASN F 80 8.28 35.79 48.92
CA ASN F 80 8.83 34.77 49.80
C ASN F 80 9.54 33.61 49.06
N GLN F 81 10.04 32.62 49.82
CA GLN F 81 10.73 31.47 49.21
C GLN F 81 9.80 30.25 49.24
N LEU F 82 8.51 30.45 48.95
CA LEU F 82 7.55 29.33 48.95
C LEU F 82 7.19 28.78 47.56
N GLY F 83 7.68 29.41 46.49
CA GLY F 83 7.46 28.97 45.12
C GLY F 83 6.03 29.03 44.61
N LEU F 84 5.27 29.99 45.13
CA LEU F 84 3.87 30.16 44.76
C LEU F 84 3.68 31.11 43.60
N LEU F 85 2.51 31.01 42.93
CA LEU F 85 2.04 31.93 41.90
C LEU F 85 1.28 33.03 42.66
N ALA F 86 1.39 34.27 42.21
CA ALA F 86 0.72 35.41 42.85
C ALA F 86 -0.81 35.29 42.76
N VAL F 87 -1.50 35.79 43.78
CA VAL F 87 -2.96 35.74 43.83
C VAL F 87 -3.56 37.17 43.98
N ASN F 88 -4.89 37.30 43.76
CA ASN F 88 -5.59 38.57 43.90
C ASN F 88 -5.46 39.09 45.32
N GLN F 89 -5.10 40.36 45.49
CA GLN F 89 -4.95 40.95 46.82
C GLN F 89 -6.24 41.61 47.34
N ARG F 90 -7.12 42.04 46.42
CA ARG F 90 -8.36 42.69 46.80
C ARG F 90 -9.46 41.66 47.14
N PHE F 91 -9.47 40.48 46.46
CA PHE F 91 -10.55 39.51 46.64
C PHE F 91 -10.15 38.04 46.78
N GLN F 92 -11.03 37.24 47.42
CA GLN F 92 -10.94 35.79 47.60
C GLN F 92 -12.30 35.11 47.26
N ASP F 93 -12.31 33.80 46.95
CA ASP F 93 -13.54 33.06 46.65
C ASP F 93 -13.81 32.13 47.83
N ASN F 94 -14.48 32.64 48.89
CA ASN F 94 -14.78 31.89 50.11
C ASN F 94 -13.45 31.42 50.75
N GLY F 95 -12.52 32.35 50.89
CA GLY F 95 -11.20 32.06 51.45
C GLY F 95 -10.19 31.49 50.47
N ARG F 96 -10.66 31.08 49.28
CA ARG F 96 -9.80 30.50 48.27
C ARG F 96 -9.22 31.55 47.34
N ALA F 97 -8.13 31.23 46.66
CA ALA F 97 -7.45 32.18 45.80
C ALA F 97 -8.13 32.48 44.46
N LEU F 98 -7.98 33.70 43.97
CA LEU F 98 -8.46 34.17 42.68
C LEU F 98 -7.25 34.68 41.88
N LEU F 99 -7.32 34.67 40.53
CA LEU F 99 -6.21 35.18 39.72
C LEU F 99 -5.94 36.67 40.04
N PRO F 100 -4.70 37.16 39.89
CA PRO F 100 -4.44 38.60 40.09
C PRO F 100 -5.11 39.43 38.99
N PHE F 101 -5.20 40.75 39.21
CA PHE F 101 -5.78 41.65 38.20
C PHE F 101 -4.70 42.15 37.24
N ASP F 102 -5.10 42.40 36.01
CA ASP F 102 -4.21 42.92 34.98
C ASP F 102 -4.20 44.47 35.03
N ASN F 103 -3.22 45.08 34.35
CA ASN F 103 -3.12 46.53 34.31
C ASN F 103 -3.24 47.00 32.86
N LEU F 104 -4.37 46.68 32.21
CA LEU F 104 -4.59 47.07 30.82
C LEU F 104 -4.92 48.56 30.68
N HIS F 105 -4.50 49.18 29.57
CA HIS F 105 -4.81 50.58 29.33
C HIS F 105 -6.28 50.63 28.87
N ASP F 106 -6.62 49.80 27.87
CA ASP F 106 -8.01 49.70 27.41
C ASP F 106 -8.51 48.34 27.92
N ASP F 107 -9.26 48.36 29.05
CA ASP F 107 -9.77 47.16 29.70
C ASP F 107 -11.20 46.82 29.27
N PRO F 108 -11.40 45.71 28.56
CA PRO F 108 -12.75 45.36 28.13
C PRO F 108 -13.65 44.81 29.24
N CYS F 109 -13.06 44.26 30.32
CA CYS F 109 -13.84 43.72 31.43
C CYS F 109 -14.56 44.78 32.23
N LEU F 110 -13.99 46.00 32.29
CA LEU F 110 -14.61 47.12 32.96
C LEU F 110 -15.90 47.58 32.24
N LEU F 111 -16.04 47.31 30.93
CA LEU F 111 -17.24 47.70 30.16
C LEU F 111 -18.44 46.79 30.41
N THR F 112 -18.21 45.58 30.92
CA THR F 112 -19.29 44.62 31.14
C THR F 112 -20.19 45.04 32.37
N ASN F 113 -19.63 45.78 33.32
CA ASN F 113 -20.38 46.28 34.46
C ASN F 113 -19.64 47.50 34.97
N ARG F 114 -20.16 48.72 34.70
CA ARG F 114 -19.45 49.93 35.12
C ARG F 114 -19.33 50.01 36.62
N SER F 115 -20.47 49.80 37.33
CA SER F 115 -20.60 49.87 38.79
C SER F 115 -19.55 49.02 39.52
N ALA F 116 -19.42 47.73 39.10
CA ALA F 116 -18.52 46.74 39.70
C ALA F 116 -17.05 47.10 39.68
N ARG F 117 -16.58 47.78 38.62
CA ARG F 117 -15.18 48.17 38.46
C ARG F 117 -14.22 46.98 38.62
N ILE F 118 -14.55 45.82 38.00
CA ILE F 118 -13.69 44.66 38.11
C ILE F 118 -12.91 44.47 36.81
N PRO F 119 -11.60 44.71 36.85
CA PRO F 119 -10.79 44.56 35.62
C PRO F 119 -10.48 43.11 35.24
N CYS F 120 -9.79 42.91 34.09
CA CYS F 120 -9.41 41.60 33.61
C CYS F 120 -8.43 40.92 34.54
N PHE F 121 -8.40 39.58 34.49
CA PHE F 121 -7.47 38.82 35.29
C PHE F 121 -6.14 38.66 34.51
N LEU F 122 -5.07 38.40 35.27
CA LEU F 122 -3.74 38.21 34.76
C LEU F 122 -3.41 36.73 34.88
N ALA F 123 -3.04 36.11 33.76
CA ALA F 123 -2.76 34.67 33.73
C ALA F 123 -1.58 34.38 32.73
N GLY F 124 -1.18 33.12 32.57
CA GLY F 124 -0.13 32.76 31.62
C GLY F 124 -0.48 33.11 30.20
N ASP F 125 -1.77 33.01 29.85
CA ASP F 125 -2.31 33.39 28.55
C ASP F 125 -3.19 34.65 28.73
N THR F 126 -3.22 35.57 27.74
CA THR F 126 -3.95 36.84 27.81
C THR F 126 -5.47 36.71 27.68
N ARG F 127 -5.98 35.54 27.27
CA ARG F 127 -7.41 35.37 27.07
C ARG F 127 -8.18 34.81 28.27
N SER F 128 -7.54 34.71 29.46
CA SER F 128 -8.17 34.19 30.70
C SER F 128 -9.54 34.80 31.09
N SER F 129 -9.83 36.04 30.66
CA SER F 129 -11.10 36.66 31.01
C SER F 129 -12.15 36.62 29.91
N GLU F 130 -11.87 35.90 28.79
CA GLU F 130 -12.78 35.82 27.63
C GLU F 130 -14.15 35.34 28.03
N MET F 131 -14.23 34.26 28.78
CA MET F 131 -15.50 33.78 29.30
C MET F 131 -15.28 33.28 30.74
N PRO F 132 -16.21 33.52 31.70
CA PRO F 132 -15.95 33.11 33.07
C PRO F 132 -15.74 31.61 33.27
N GLU F 133 -16.19 30.77 32.33
CA GLU F 133 -15.92 29.34 32.42
C GLU F 133 -14.40 29.08 32.20
N LEU F 134 -13.75 29.90 31.36
CA LEU F 134 -12.33 29.78 31.10
C LEU F 134 -11.57 30.23 32.36
N THR F 135 -11.99 31.38 32.91
CA THR F 135 -11.42 31.97 34.11
C THR F 135 -11.45 30.98 35.28
N SER F 136 -12.55 30.23 35.40
CA SER F 136 -12.70 29.23 36.45
C SER F 136 -11.61 28.16 36.34
N MET F 137 -11.30 27.73 35.10
CA MET F 137 -10.27 26.74 34.84
C MET F 137 -8.88 27.26 35.10
N HIS F 138 -8.61 28.54 34.82
CA HIS F 138 -7.29 29.13 35.10
C HIS F 138 -7.12 29.28 36.61
N THR F 139 -8.19 29.69 37.32
CA THR F 139 -8.20 29.83 38.78
C THR F 139 -8.01 28.47 39.46
N LEU F 140 -8.62 27.42 38.89
CA LEU F 140 -8.49 26.07 39.40
C LEU F 140 -7.03 25.62 39.32
N LEU F 141 -6.37 25.85 38.17
CA LEU F 141 -4.97 25.46 37.99
C LEU F 141 -4.00 26.32 38.80
N LEU F 142 -4.38 27.58 39.11
CA LEU F 142 -3.60 28.50 39.95
C LEU F 142 -3.58 27.97 41.40
N ARG F 143 -4.72 27.47 41.86
CA ARG F 143 -4.83 26.91 43.22
C ARG F 143 -4.07 25.59 43.31
N GLU F 144 -4.09 24.79 42.24
CA GLU F 144 -3.42 23.50 42.24
C GLU F 144 -1.91 23.68 42.38
N HIS F 145 -1.32 24.71 41.71
CA HIS F 145 0.13 24.95 41.85
C HIS F 145 0.49 25.35 43.28
N ASN F 146 -0.31 26.22 43.91
CA ASN F 146 -0.03 26.65 45.28
C ASN F 146 -0.27 25.53 46.28
N ARG F 147 -1.25 24.67 46.03
CA ARG F 147 -1.55 23.53 46.89
C ARG F 147 -0.39 22.56 46.82
N LEU F 148 0.15 22.29 45.60
CA LEU F 148 1.29 21.40 45.36
C LEU F 148 2.57 21.93 46.00
N ALA F 149 2.91 23.22 45.84
CA ALA F 149 4.11 23.79 46.44
C ALA F 149 4.06 23.80 47.97
N THR F 150 2.84 23.95 48.53
CA THR F 150 2.65 23.93 49.99
C THR F 150 2.91 22.52 50.48
N GLU F 151 2.34 21.50 49.80
CA GLU F 151 2.50 20.09 50.13
C GLU F 151 3.99 19.69 50.01
N LEU F 152 4.67 20.15 48.94
CA LEU F 152 6.09 19.89 48.70
C LEU F 152 7.00 20.60 49.71
N LYS F 153 6.60 21.78 50.22
CA LYS F 153 7.41 22.51 51.21
C LYS F 153 7.43 21.74 52.55
N SER F 154 6.30 21.09 52.92
CA SER F 154 6.28 20.30 54.16
C SER F 154 7.18 19.07 54.00
N LEU F 155 7.09 18.43 52.84
CA LEU F 155 7.85 17.24 52.56
C LEU F 155 9.35 17.55 52.46
N ASN F 156 9.70 18.67 51.87
CA ASN F 156 11.09 19.06 51.68
C ASN F 156 11.32 20.49 52.16
N PRO F 157 11.54 20.69 53.46
CA PRO F 157 11.74 22.06 53.97
C PRO F 157 13.05 22.73 53.53
N ARG F 158 14.04 21.94 53.11
CA ARG F 158 15.32 22.49 52.63
C ARG F 158 15.20 23.12 51.23
N TRP F 159 14.16 22.78 50.45
CA TRP F 159 13.92 23.30 49.10
C TRP F 159 13.61 24.81 49.11
N ASP F 160 14.23 25.56 48.21
CA ASP F 160 14.00 27.00 48.10
C ASP F 160 12.81 27.34 47.15
N GLY F 161 12.48 28.63 47.01
CA GLY F 161 11.39 29.11 46.19
C GLY F 161 11.44 28.65 44.75
N GLU F 162 12.62 28.75 44.11
CA GLU F 162 12.78 28.33 42.70
C GLU F 162 12.57 26.82 42.51
N ARG F 163 13.06 25.99 43.45
CA ARG F 163 12.90 24.54 43.36
C ARG F 163 11.44 24.18 43.52
N LEU F 164 10.77 24.76 44.54
CA LEU F 164 9.35 24.52 44.79
C LEU F 164 8.48 24.93 43.60
N TYR F 165 8.79 26.09 42.97
CA TYR F 165 8.04 26.59 41.81
C TYR F 165 8.21 25.63 40.67
N GLN F 166 9.46 25.25 40.37
CA GLN F 166 9.75 24.37 39.26
C GLN F 166 9.17 22.95 39.44
N GLU F 167 9.19 22.42 40.67
CA GLU F 167 8.66 21.09 40.92
C GLU F 167 7.12 21.05 40.81
N ALA F 168 6.44 22.12 41.31
CA ALA F 168 4.98 22.22 41.19
C ALA F 168 4.58 22.46 39.74
N ARG F 169 5.35 23.27 39.01
CA ARG F 169 5.11 23.57 37.60
C ARG F 169 5.15 22.29 36.75
N LYS F 170 6.17 21.46 36.99
CA LYS F 170 6.37 20.17 36.32
C LYS F 170 5.16 19.22 36.55
N ILE F 171 4.61 19.18 37.79
CA ILE F 171 3.45 18.36 38.12
C ILE F 171 2.18 18.88 37.42
N VAL F 172 1.97 20.21 37.41
CA VAL F 172 0.80 20.82 36.78
C VAL F 172 0.82 20.53 35.29
N GLY F 173 1.98 20.68 34.65
CA GLY F 173 2.13 20.40 33.23
C GLY F 173 1.87 18.94 32.91
N ALA F 174 2.26 18.01 33.81
CA ALA F 174 2.03 16.59 33.60
C ALA F 174 0.55 16.29 33.71
N MET F 175 -0.14 16.95 34.66
CA MET F 175 -1.58 16.76 34.82
C MET F 175 -2.31 17.22 33.56
N VAL F 176 -1.92 18.37 32.97
CA VAL F 176 -2.51 18.85 31.71
C VAL F 176 -2.31 17.80 30.57
N GLN F 177 -1.10 17.25 30.46
CA GLN F 177 -0.82 16.22 29.48
C GLN F 177 -1.66 14.93 29.71
N ILE F 178 -1.79 14.49 30.96
CA ILE F 178 -2.56 13.27 31.29
C ILE F 178 -4.04 13.46 31.00
N ILE F 179 -4.62 14.57 31.47
CA ILE F 179 -6.04 14.85 31.25
C ILE F 179 -6.33 14.97 29.75
N THR F 180 -5.44 15.61 29.01
CA THR F 180 -5.60 15.79 27.56
C THR F 180 -5.48 14.50 26.76
N TYR F 181 -4.44 13.71 26.98
CA TYR F 181 -4.18 12.52 26.17
C TYR F 181 -4.90 11.26 26.65
N ARG F 182 -5.26 11.20 27.94
CA ARG F 182 -5.94 10.05 28.47
C ARG F 182 -7.45 10.25 28.39
N ASP F 183 -7.93 11.47 28.73
CA ASP F 183 -9.38 11.68 28.83
C ASP F 183 -10.02 12.54 27.73
N TYR F 184 -9.37 13.65 27.34
CA TYR F 184 -9.94 14.57 26.36
C TYR F 184 -9.88 14.05 24.92
N LEU F 185 -8.67 13.87 24.36
CA LEU F 185 -8.44 13.45 22.98
C LEU F 185 -9.17 12.18 22.58
N PRO F 186 -9.24 11.09 23.39
CA PRO F 186 -10.01 9.91 22.95
C PRO F 186 -11.46 10.22 22.60
N LEU F 187 -12.06 11.18 23.32
CA LEU F 187 -13.44 11.60 23.12
C LEU F 187 -13.62 12.60 21.96
N VAL F 188 -12.52 13.22 21.49
CA VAL F 188 -12.58 14.13 20.34
C VAL F 188 -12.45 13.32 19.06
N LEU F 189 -11.44 12.44 18.96
CA LEU F 189 -11.20 11.69 17.73
C LEU F 189 -11.96 10.38 17.62
N GLY F 190 -12.36 9.81 18.76
CA GLY F 190 -12.97 8.49 18.73
C GLY F 190 -11.88 7.43 18.79
N PRO F 191 -12.26 6.18 19.03
CA PRO F 191 -11.25 5.12 19.20
C PRO F 191 -10.41 4.73 17.98
N THR F 192 -10.98 4.64 16.75
CA THR F 192 -10.16 4.24 15.60
C THR F 192 -9.17 5.34 15.25
N ALA F 193 -9.58 6.62 15.28
CA ALA F 193 -8.65 7.71 15.00
C ALA F 193 -7.61 7.81 16.12
N MET F 194 -8.02 7.57 17.38
CA MET F 194 -7.07 7.60 18.50
C MET F 194 -5.94 6.57 18.30
N ARG F 195 -6.27 5.34 17.80
CA ARG F 195 -5.24 4.33 17.52
C ARG F 195 -4.40 4.72 16.30
N LYS F 196 -5.02 5.35 15.29
CA LYS F 196 -4.30 5.74 14.08
C LYS F 196 -3.29 6.89 14.30
N TYR F 197 -3.74 8.01 14.88
CA TYR F 197 -2.88 9.17 15.03
C TYR F 197 -2.12 9.24 16.36
N LEU F 198 -2.52 8.43 17.36
CA LEU F 198 -1.87 8.46 18.68
C LEU F 198 -1.59 7.05 19.23
N PRO F 199 -0.75 6.28 18.51
CA PRO F 199 -0.43 4.93 19.02
C PRO F 199 0.32 4.97 20.35
N THR F 200 0.41 3.83 21.06
CA THR F 200 1.12 3.78 22.35
C THR F 200 2.48 4.48 22.34
N TYR F 201 2.66 5.46 23.25
CA TYR F 201 3.90 6.23 23.37
C TYR F 201 5.10 5.32 23.59
N ARG F 202 6.17 5.48 22.77
CA ARG F 202 7.39 4.69 22.95
C ARG F 202 8.39 5.55 23.76
N SER F 203 8.98 6.59 23.13
CA SER F 203 9.90 7.51 23.79
C SER F 203 10.07 8.80 22.96
N TYR F 204 10.73 9.81 23.54
CA TYR F 204 11.01 11.09 22.89
C TYR F 204 11.81 10.87 21.60
N ASN F 205 11.40 11.52 20.49
CA ASN F 205 12.08 11.44 19.20
C ASN F 205 12.42 12.87 18.72
N ASP F 206 13.72 13.26 18.77
CA ASP F 206 14.14 14.63 18.44
C ASP F 206 14.04 15.00 16.96
N SER F 207 13.48 14.12 16.13
CA SER F 207 13.25 14.42 14.72
C SER F 207 11.77 14.70 14.42
N VAL F 208 10.95 14.83 15.48
CA VAL F 208 9.54 15.11 15.40
C VAL F 208 9.38 16.61 15.67
N ASP F 209 8.98 17.34 14.63
CA ASP F 209 8.75 18.78 14.68
C ASP F 209 7.60 19.04 15.65
N PRO F 210 7.85 19.71 16.79
CA PRO F 210 6.77 19.94 17.75
C PRO F 210 6.00 21.23 17.52
N ARG F 211 6.26 21.97 16.44
CA ARG F 211 5.55 23.23 16.19
C ARG F 211 4.07 23.04 15.89
N ILE F 212 3.26 24.07 16.16
CA ILE F 212 1.83 24.05 15.83
C ILE F 212 1.78 24.44 14.36
N ALA F 213 1.08 23.66 13.54
CA ALA F 213 0.94 23.97 12.13
C ALA F 213 -0.08 25.09 12.00
N ASN F 214 0.08 25.94 10.98
CA ASN F 214 -0.83 27.05 10.69
C ASN F 214 -2.30 26.58 10.61
N VAL F 215 -2.54 25.44 9.90
CA VAL F 215 -3.88 24.86 9.73
C VAL F 215 -4.53 24.50 11.07
N PHE F 216 -3.75 24.04 12.06
CA PHE F 216 -4.27 23.63 13.35
C PHE F 216 -4.93 24.80 14.09
N THR F 217 -4.40 26.02 13.95
CA THR F 217 -5.03 27.19 14.56
C THR F 217 -6.45 27.42 14.08
N ASN F 218 -6.84 26.85 12.92
CA ASN F 218 -8.17 27.00 12.37
C ASN F 218 -8.95 25.70 12.56
N ALA F 219 -8.32 24.56 12.32
CA ALA F 219 -8.98 23.26 12.42
C ALA F 219 -9.45 23.02 13.85
N PHE F 220 -8.64 23.42 14.86
CA PHE F 220 -9.02 23.22 16.26
C PHE F 220 -10.17 24.10 16.71
N ARG F 221 -10.53 25.13 15.91
CA ARG F 221 -11.68 25.96 16.22
C ARG F 221 -12.99 25.18 16.07
N TYR F 222 -12.96 23.81 15.77
CA TYR F 222 -14.14 22.91 15.73
C TYR F 222 -14.93 23.05 17.06
N GLY F 223 -14.22 23.36 18.16
CA GLY F 223 -14.79 23.54 19.49
C GLY F 223 -15.87 24.59 19.54
N HIS F 224 -15.92 25.49 18.53
CA HIS F 224 -16.97 26.50 18.42
C HIS F 224 -18.34 25.84 18.19
N THR F 225 -18.37 24.62 17.59
CA THR F 225 -19.61 23.87 17.37
C THR F 225 -20.16 23.24 18.65
N LEU F 226 -19.38 23.20 19.75
CA LEU F 226 -19.78 22.63 21.04
C LEU F 226 -20.37 23.66 22.02
N ILE F 227 -20.14 24.95 21.76
CA ILE F 227 -20.56 26.06 22.62
C ILE F 227 -22.07 26.15 22.81
N GLN F 228 -22.52 26.28 24.09
CA GLN F 228 -23.92 26.44 24.46
C GLN F 228 -24.25 27.95 24.48
N PRO F 229 -25.52 28.36 24.30
CA PRO F 229 -25.85 29.80 24.31
C PRO F 229 -25.80 30.49 25.68
N PHE F 230 -25.58 29.75 26.77
CA PHE F 230 -25.55 30.37 28.11
C PHE F 230 -24.37 29.90 28.91
N MET F 231 -24.17 30.57 30.05
CA MET F 231 -23.27 30.15 31.09
C MET F 231 -24.21 29.60 32.19
N PHE F 232 -24.02 28.32 32.54
CA PHE F 232 -24.88 27.67 33.52
C PHE F 232 -24.25 27.65 34.88
N ARG F 233 -24.98 28.12 35.90
CA ARG F 233 -24.47 28.12 37.27
C ARG F 233 -25.38 27.29 38.17
N LEU F 234 -24.81 26.36 38.94
CA LEU F 234 -25.61 25.53 39.84
C LEU F 234 -25.17 25.70 41.29
N ASP F 235 -26.10 25.46 42.24
CA ASP F 235 -25.91 25.58 43.69
C ASP F 235 -25.25 24.32 44.31
N ASN F 236 -25.04 24.28 45.64
CA ASN F 236 -24.49 23.13 46.38
C ASN F 236 -25.18 21.80 46.01
N ARG F 237 -26.49 21.80 45.76
CA ARG F 237 -27.22 20.59 45.39
C ARG F 237 -27.39 20.38 43.87
N TYR F 238 -26.60 21.11 43.06
CA TYR F 238 -26.62 21.10 41.59
C TYR F 238 -27.94 21.57 40.97
N GLN F 239 -28.67 22.41 41.71
CA GLN F 239 -29.92 23.00 41.24
C GLN F 239 -29.61 24.38 40.67
N PRO F 240 -30.39 24.88 39.70
CA PRO F 240 -30.09 26.20 39.11
C PRO F 240 -29.88 27.30 40.14
N MET F 241 -28.68 27.89 40.18
CA MET F 241 -28.40 28.93 41.16
C MET F 241 -29.26 30.17 40.85
N GLU F 242 -30.32 30.39 41.64
CA GLU F 242 -31.22 31.52 41.48
C GLU F 242 -30.53 32.85 41.93
N PRO F 243 -30.89 34.01 41.33
CA PRO F 243 -31.97 34.25 40.37
C PRO F 243 -31.59 34.17 38.90
N ASN F 244 -30.28 34.00 38.57
CA ASN F 244 -29.86 33.96 37.19
C ASN F 244 -29.14 32.66 36.89
N PRO F 245 -29.92 31.59 36.65
CA PRO F 245 -29.28 30.30 36.38
C PRO F 245 -28.56 30.25 35.02
N ARG F 246 -29.25 30.54 33.91
CA ARG F 246 -28.66 30.56 32.57
C ARG F 246 -28.43 32.03 32.21
N VAL F 247 -27.20 32.43 31.85
CA VAL F 247 -26.95 33.81 31.44
C VAL F 247 -26.47 33.80 30.00
N PRO F 248 -27.14 34.52 29.08
CA PRO F 248 -26.71 34.50 27.67
C PRO F 248 -25.23 34.78 27.51
N LEU F 249 -24.55 33.97 26.71
CA LEU F 249 -23.12 34.07 26.48
C LEU F 249 -22.67 35.48 26.09
N SER F 250 -23.48 36.18 25.27
CA SER F 250 -23.15 37.55 24.86
C SER F 250 -23.05 38.53 26.03
N ARG F 251 -23.50 38.14 27.23
CA ARG F 251 -23.46 38.94 28.46
C ARG F 251 -22.38 38.46 29.46
N VAL F 252 -21.63 37.37 29.13
CA VAL F 252 -20.56 36.82 29.97
C VAL F 252 -19.14 37.06 29.37
N PHE F 253 -18.99 37.31 28.03
CA PHE F 253 -17.67 37.61 27.46
C PHE F 253 -17.05 38.81 28.17
N PHE F 254 -15.86 38.60 28.71
CA PHE F 254 -15.09 39.57 29.47
C PHE F 254 -15.72 39.95 30.82
N ALA F 255 -16.72 39.22 31.32
CA ALA F 255 -17.39 39.59 32.58
C ALA F 255 -16.71 39.03 33.84
N SER F 256 -15.46 39.45 34.08
CA SER F 256 -14.71 39.03 35.26
C SER F 256 -15.42 39.39 36.58
N TRP F 257 -16.30 40.41 36.56
CA TRP F 257 -17.06 40.79 37.76
C TRP F 257 -17.99 39.65 38.21
N ARG F 258 -18.49 38.83 37.26
CA ARG F 258 -19.37 37.72 37.61
C ARG F 258 -18.63 36.67 38.48
N VAL F 259 -17.30 36.57 38.36
CA VAL F 259 -16.53 35.63 39.16
C VAL F 259 -16.34 36.21 40.57
N VAL F 260 -15.99 37.50 40.65
CA VAL F 260 -15.73 38.20 41.89
C VAL F 260 -17.02 38.44 42.75
N LEU F 261 -18.08 38.89 42.11
CA LEU F 261 -19.29 39.27 42.81
C LEU F 261 -20.47 38.31 42.67
N GLU F 262 -20.48 37.45 41.63
CA GLU F 262 -21.66 36.59 41.45
C GLU F 262 -21.49 35.14 41.94
N GLY F 263 -20.64 34.92 42.94
CA GLY F 263 -20.48 33.60 43.56
C GLY F 263 -19.22 32.78 43.40
N GLY F 264 -18.20 33.32 42.75
CA GLY F 264 -16.94 32.60 42.56
C GLY F 264 -16.98 31.54 41.49
N ILE F 265 -15.95 30.68 41.46
CA ILE F 265 -15.79 29.64 40.45
C ILE F 265 -16.58 28.35 40.73
N ASP F 266 -16.96 28.09 41.98
CA ASP F 266 -17.68 26.87 42.33
C ASP F 266 -18.98 26.67 41.53
N PRO F 267 -19.92 27.66 41.45
CA PRO F 267 -21.14 27.43 40.66
C PRO F 267 -20.89 27.32 39.16
N ILE F 268 -19.78 27.88 38.67
CA ILE F 268 -19.42 27.80 37.26
C ILE F 268 -18.90 26.41 36.91
N LEU F 269 -18.05 25.85 37.79
CA LEU F 269 -17.51 24.51 37.62
C LEU F 269 -18.61 23.47 37.71
N ARG F 270 -19.59 23.65 38.62
CA ARG F 270 -20.73 22.75 38.79
C ARG F 270 -21.56 22.73 37.50
N GLY F 271 -21.77 23.91 36.92
CA GLY F 271 -22.50 24.06 35.67
C GLY F 271 -21.80 23.38 34.52
N LEU F 272 -20.45 23.48 34.45
CA LEU F 272 -19.71 22.84 33.36
C LEU F 272 -19.78 21.33 33.41
N MET F 273 -19.78 20.77 34.61
CA MET F 273 -19.79 19.33 34.81
C MET F 273 -21.15 18.72 34.58
N ALA F 274 -22.21 19.36 35.09
CA ALA F 274 -23.58 18.83 35.05
C ALA F 274 -24.47 19.35 33.90
N THR F 275 -23.91 20.03 32.91
CA THR F 275 -24.69 20.49 31.75
C THR F 275 -24.07 19.84 30.52
N PRO F 276 -24.90 19.27 29.65
CA PRO F 276 -24.35 18.68 28.42
C PRO F 276 -23.85 19.75 27.45
N ALA F 277 -22.90 19.36 26.58
CA ALA F 277 -22.38 20.28 25.57
C ALA F 277 -23.38 20.36 24.38
N LYS F 278 -23.25 21.37 23.51
CA LYS F 278 -24.07 21.45 22.31
C LYS F 278 -23.51 20.40 21.34
N LEU F 279 -24.39 19.58 20.73
CA LEU F 279 -23.93 18.58 19.79
C LEU F 279 -23.85 19.20 18.40
N ASN F 280 -22.73 19.04 17.70
CA ASN F 280 -22.59 19.52 16.33
C ASN F 280 -23.44 18.62 15.40
N ARG F 281 -24.41 19.22 14.72
CA ARG F 281 -25.25 18.53 13.73
C ARG F 281 -25.18 19.36 12.42
N GLN F 282 -25.37 18.71 11.24
CA GLN F 282 -25.18 19.42 9.96
C GLN F 282 -26.15 20.59 9.71
N ASN F 283 -27.26 20.62 10.43
CA ASN F 283 -28.23 21.71 10.36
C ASN F 283 -28.32 22.55 11.64
N GLN F 284 -27.35 22.35 12.58
CA GLN F 284 -27.23 23.02 13.87
C GLN F 284 -25.72 23.14 14.16
N ILE F 285 -24.96 23.82 13.29
CA ILE F 285 -23.52 23.91 13.41
C ILE F 285 -23.07 24.80 14.58
N ALA F 286 -23.39 26.11 14.58
CA ALA F 286 -22.94 27.00 15.66
C ALA F 286 -24.04 27.99 16.07
N VAL F 287 -24.20 28.24 17.38
CA VAL F 287 -25.28 29.11 17.84
C VAL F 287 -25.03 30.62 17.53
N ASP F 288 -26.11 31.41 17.62
CA ASP F 288 -26.08 32.83 17.30
C ASP F 288 -25.46 33.71 18.40
N GLU F 289 -25.16 33.15 19.58
CA GLU F 289 -24.44 33.89 20.62
C GLU F 289 -23.00 34.13 20.15
N ILE F 290 -22.42 33.22 19.34
CA ILE F 290 -21.11 33.44 18.74
C ILE F 290 -21.22 33.95 17.30
N ARG F 291 -22.30 33.58 16.58
CA ARG F 291 -22.54 33.92 15.17
C ARG F 291 -23.08 35.35 14.96
N GLU F 292 -23.72 35.95 15.97
CA GLU F 292 -24.30 37.28 15.84
C GLU F 292 -23.87 38.24 16.95
N ARG F 293 -23.53 37.72 18.16
CA ARG F 293 -23.28 38.54 19.34
C ARG F 293 -21.94 38.32 19.99
N LEU F 294 -20.94 37.90 19.18
CA LEU F 294 -19.60 37.72 19.73
C LEU F 294 -19.05 39.06 20.17
N PHE F 295 -18.78 39.19 21.47
CA PHE F 295 -18.23 40.39 22.10
C PHE F 295 -19.08 41.64 21.84
N GLU F 296 -20.37 41.45 21.68
CA GLU F 296 -21.37 42.43 21.34
C GLU F 296 -21.42 43.60 22.31
N GLN F 297 -21.11 43.39 23.61
CA GLN F 297 -21.19 44.52 24.55
C GLN F 297 -19.98 45.42 24.56
N VAL F 298 -18.82 44.96 24.09
CA VAL F 298 -17.61 45.79 24.10
C VAL F 298 -17.17 46.30 22.71
N MET F 299 -17.83 45.88 21.64
CA MET F 299 -17.48 46.31 20.27
C MET F 299 -18.55 47.22 19.65
N ARG F 300 -18.24 47.89 18.52
CA ARG F 300 -19.25 48.75 17.86
C ARG F 300 -20.36 47.93 17.14
N ILE F 301 -20.14 46.62 16.96
CA ILE F 301 -21.01 45.69 16.28
C ILE F 301 -20.66 44.27 16.76
N GLY F 302 -21.66 43.40 16.82
CA GLY F 302 -21.46 42.03 17.27
C GLY F 302 -20.74 41.25 16.19
N LEU F 303 -19.66 40.57 16.56
CA LEU F 303 -18.91 39.78 15.59
C LEU F 303 -19.61 38.43 15.26
N ASP F 304 -19.14 37.75 14.21
CA ASP F 304 -19.64 36.46 13.76
C ASP F 304 -18.44 35.49 13.84
N LEU F 305 -18.34 34.68 14.90
CA LEU F 305 -17.19 33.80 15.10
C LEU F 305 -16.97 32.84 13.91
N PRO F 306 -17.97 32.04 13.47
CA PRO F 306 -17.76 31.22 12.26
C PRO F 306 -17.23 31.96 11.02
N ALA F 307 -17.68 33.19 10.79
CA ALA F 307 -17.23 33.99 9.65
C ALA F 307 -15.82 34.47 9.90
N LEU F 308 -15.49 34.89 11.13
CA LEU F 308 -14.12 35.29 11.48
C LEU F 308 -13.16 34.12 11.23
N ASN F 309 -13.58 32.88 11.52
CA ASN F 309 -12.78 31.66 11.32
C ASN F 309 -12.46 31.48 9.86
N MET F 310 -13.44 31.75 8.99
CA MET F 310 -13.31 31.63 7.55
C MET F 310 -12.45 32.72 6.99
N GLN F 311 -12.67 33.96 7.42
CA GLN F 311 -11.82 35.08 7.02
C GLN F 311 -10.37 34.87 7.49
N ARG F 312 -10.19 34.29 8.66
CA ARG F 312 -8.88 34.02 9.22
C ARG F 312 -8.12 33.00 8.39
N SER F 313 -8.81 31.94 7.90
CA SER F 313 -8.13 30.94 7.07
C SER F 313 -7.65 31.58 5.77
N ARG F 314 -8.42 32.55 5.21
CA ARG F 314 -8.02 33.21 3.98
C ARG F 314 -6.84 34.13 4.24
N ASP F 315 -6.90 34.89 5.36
CA ASP F 315 -5.82 35.75 5.83
C ASP F 315 -4.51 34.92 5.96
N HIS F 316 -4.63 33.72 6.50
CA HIS F 316 -3.54 32.77 6.71
C HIS F 316 -3.12 32.00 5.46
N GLY F 317 -3.74 32.26 4.32
CA GLY F 317 -3.45 31.59 3.07
C GLY F 317 -3.65 30.09 3.12
N LEU F 318 -4.63 29.60 3.90
CA LEU F 318 -4.80 28.16 3.99
C LEU F 318 -5.45 27.59 2.74
N PRO F 319 -4.91 26.48 2.19
CA PRO F 319 -5.62 25.80 1.08
C PRO F 319 -7.07 25.40 1.48
N GLY F 320 -7.91 25.16 0.48
CA GLY F 320 -9.28 24.76 0.72
C GLY F 320 -9.43 23.31 1.14
N TYR F 321 -10.67 22.89 1.34
CA TYR F 321 -11.12 21.57 1.78
C TYR F 321 -10.47 20.37 1.05
N ASN F 322 -10.56 20.30 -0.32
CA ASN F 322 -9.99 19.15 -1.04
C ASN F 322 -8.52 18.98 -0.90
N ALA F 323 -7.74 20.08 -0.83
CA ALA F 323 -6.26 20.00 -0.66
C ALA F 323 -5.92 19.40 0.71
N TRP F 324 -6.71 19.73 1.75
CA TRP F 324 -6.50 19.15 3.06
C TRP F 324 -6.97 17.70 3.10
N ARG F 325 -8.05 17.35 2.36
CA ARG F 325 -8.50 15.96 2.27
C ARG F 325 -7.39 15.14 1.61
N ARG F 326 -6.75 15.68 0.54
CA ARG F 326 -5.66 15.03 -0.17
C ARG F 326 -4.48 14.83 0.77
N PHE F 327 -4.09 15.88 1.52
CA PHE F 327 -3.01 15.82 2.51
C PHE F 327 -3.25 14.67 3.51
N CYS F 328 -4.51 14.47 3.94
CA CYS F 328 -4.86 13.41 4.88
C CYS F 328 -5.02 12.01 4.22
N GLY F 329 -4.92 11.92 2.90
CA GLY F 329 -5.14 10.66 2.21
C GLY F 329 -6.62 10.32 2.13
N LEU F 330 -7.48 11.34 2.05
CA LEU F 330 -8.93 11.18 1.99
C LEU F 330 -9.43 11.51 0.57
N PRO F 331 -10.47 10.81 0.09
CA PRO F 331 -10.98 11.10 -1.26
C PRO F 331 -11.48 12.53 -1.38
N GLN F 332 -11.25 13.15 -2.55
CA GLN F 332 -11.59 14.55 -2.77
C GLN F 332 -12.74 14.70 -3.74
N PRO F 333 -13.95 14.98 -3.22
CA PRO F 333 -15.12 15.16 -4.09
C PRO F 333 -15.02 16.32 -5.07
N GLU F 334 -15.37 16.09 -6.35
CA GLU F 334 -15.33 17.14 -7.38
C GLU F 334 -16.71 17.74 -7.64
N THR F 335 -17.74 16.90 -7.53
CA THR F 335 -19.10 17.28 -7.81
C THR F 335 -20.02 17.30 -6.57
N VAL F 336 -21.23 17.88 -6.71
CA VAL F 336 -22.20 18.00 -5.62
C VAL F 336 -22.75 16.62 -5.18
N GLY F 337 -22.94 15.72 -6.12
CA GLY F 337 -23.36 14.36 -5.80
C GLY F 337 -22.27 13.62 -5.04
N GLN F 338 -20.99 13.84 -5.42
CA GLN F 338 -19.82 13.24 -4.75
C GLN F 338 -19.67 13.77 -3.34
N LEU F 339 -19.78 15.12 -3.16
CA LEU F 339 -19.70 15.78 -1.84
C LEU F 339 -20.85 15.32 -0.95
N GLY F 340 -22.01 15.06 -1.56
CA GLY F 340 -23.20 14.59 -0.88
C GLY F 340 -22.93 13.25 -0.23
N THR F 341 -22.17 12.40 -0.91
CA THR F 341 -21.79 11.08 -0.43
C THR F 341 -20.82 11.21 0.77
N VAL F 342 -19.83 12.09 0.65
CA VAL F 342 -18.86 12.34 1.72
C VAL F 342 -19.57 12.82 2.99
N LEU F 343 -20.43 13.84 2.85
CA LEU F 343 -21.16 14.40 3.98
C LEU F 343 -22.39 13.59 4.40
N ARG F 344 -22.77 12.54 3.65
CA ARG F 344 -24.02 11.77 3.85
C ARG F 344 -25.22 12.75 3.87
N ASN F 345 -25.18 13.76 2.96
CA ASN F 345 -26.14 14.87 2.90
C ASN F 345 -26.09 15.68 1.59
N LEU F 346 -26.97 15.37 0.68
CA LEU F 346 -27.05 16.08 -0.58
C LEU F 346 -27.57 17.52 -0.39
N LYS F 347 -28.43 17.76 0.62
CA LYS F 347 -28.94 19.11 0.89
C LYS F 347 -27.78 20.04 1.27
N LEU F 348 -26.95 19.64 2.23
CA LEU F 348 -25.82 20.44 2.67
C LEU F 348 -24.76 20.59 1.58
N ALA F 349 -24.58 19.56 0.74
CA ALA F 349 -23.61 19.62 -0.35
C ALA F 349 -24.08 20.61 -1.42
N ARG F 350 -25.40 20.67 -1.67
CA ARG F 350 -25.97 21.63 -2.61
C ARG F 350 -25.76 23.06 -2.10
N LYS F 351 -25.97 23.27 -0.79
CA LYS F 351 -25.81 24.58 -0.16
C LYS F 351 -24.35 25.03 -0.20
N LEU F 352 -23.42 24.08 0.04
CA LEU F 352 -21.99 24.35 0.03
C LEU F 352 -21.53 24.67 -1.40
N MET F 353 -22.03 23.92 -2.39
CA MET F 353 -21.69 24.15 -3.79
C MET F 353 -22.23 25.48 -4.29
N GLU F 354 -23.36 25.93 -3.74
CA GLU F 354 -23.98 27.19 -4.13
C GLU F 354 -23.10 28.36 -3.68
N GLN F 355 -22.45 28.24 -2.51
CA GLN F 355 -21.57 29.28 -2.02
C GLN F 355 -20.19 29.20 -2.65
N TYR F 356 -19.60 28.00 -2.68
CA TYR F 356 -18.22 27.84 -3.10
C TYR F 356 -17.96 27.53 -4.58
N GLY F 357 -18.90 26.84 -5.23
CA GLY F 357 -18.75 26.49 -6.64
C GLY F 357 -18.03 25.19 -6.88
N THR F 358 -17.08 24.86 -5.98
CA THR F 358 -16.28 23.66 -6.03
C THR F 358 -15.84 23.26 -4.62
N PRO F 359 -15.79 21.94 -4.32
CA PRO F 359 -15.27 21.52 -3.01
C PRO F 359 -13.79 21.89 -2.77
N ASN F 360 -13.07 22.29 -3.83
CA ASN F 360 -11.69 22.75 -3.70
C ASN F 360 -11.62 24.07 -2.90
N ASN F 361 -12.68 24.90 -2.99
CA ASN F 361 -12.69 26.21 -2.37
C ASN F 361 -13.36 26.27 -1.02
N ILE F 362 -13.99 25.19 -0.52
CA ILE F 362 -14.63 25.22 0.80
C ILE F 362 -13.60 25.54 1.89
N ASP F 363 -13.84 26.55 2.73
CA ASP F 363 -12.89 26.95 3.78
C ASP F 363 -12.65 25.81 4.77
N ILE F 364 -11.39 25.56 5.16
CA ILE F 364 -11.05 24.43 6.03
C ILE F 364 -11.98 24.28 7.28
N TRP F 365 -12.31 25.36 8.02
CA TRP F 365 -13.18 25.20 9.19
C TRP F 365 -14.57 24.75 8.74
N MET F 366 -15.12 25.38 7.71
CA MET F 366 -16.45 25.07 7.20
C MET F 366 -16.59 23.62 6.70
N GLY F 367 -15.63 23.18 5.90
CA GLY F 367 -15.60 21.82 5.37
C GLY F 367 -15.45 20.82 6.50
N GLY F 368 -14.53 21.12 7.39
CA GLY F 368 -14.26 20.29 8.56
C GLY F 368 -15.45 20.07 9.46
N VAL F 369 -16.13 21.15 9.89
CA VAL F 369 -17.28 21.01 10.80
C VAL F 369 -18.54 20.46 10.10
N SER F 370 -18.56 20.36 8.76
CA SER F 370 -19.69 19.85 7.99
C SER F 370 -19.69 18.31 7.91
N GLU F 371 -18.51 17.69 7.94
CA GLU F 371 -18.39 16.23 7.81
C GLU F 371 -19.12 15.50 8.94
N PRO F 372 -19.69 14.31 8.67
CA PRO F 372 -20.35 13.57 9.75
C PRO F 372 -19.32 13.11 10.79
N LEU F 373 -19.69 13.12 12.07
CA LEU F 373 -18.80 12.76 13.17
C LEU F 373 -18.41 11.26 13.14
N LYS F 374 -17.21 10.93 13.64
CA LYS F 374 -16.75 9.56 13.74
C LYS F 374 -17.36 8.93 15.00
N ARG F 375 -17.65 7.62 15.00
CA ARG F 375 -18.22 6.89 16.15
C ARG F 375 -17.41 7.13 17.43
N LYS F 376 -18.12 7.61 18.46
CA LYS F 376 -17.57 7.96 19.78
C LYS F 376 -16.55 9.13 19.70
N GLY F 377 -16.69 9.96 18.69
CA GLY F 377 -15.84 11.12 18.49
C GLY F 377 -16.69 12.31 18.13
N ARG F 378 -16.11 13.51 18.22
CA ARG F 378 -16.85 14.73 17.94
C ARG F 378 -16.32 15.53 16.76
N VAL F 379 -15.55 14.88 15.86
CA VAL F 379 -15.04 15.48 14.63
C VAL F 379 -15.18 14.43 13.51
N GLY F 380 -15.16 14.88 12.27
CA GLY F 380 -15.17 13.98 11.12
C GLY F 380 -13.77 13.57 10.72
N PRO F 381 -13.64 12.81 9.62
CA PRO F 381 -12.31 12.31 9.21
C PRO F 381 -11.20 13.33 9.01
N LEU F 382 -11.51 14.46 8.36
CA LEU F 382 -10.53 15.51 8.07
C LEU F 382 -9.99 16.18 9.33
N LEU F 383 -10.88 16.63 10.22
CA LEU F 383 -10.48 17.27 11.45
C LEU F 383 -9.76 16.30 12.38
N ALA F 384 -10.18 15.01 12.39
CA ALA F 384 -9.54 13.97 13.20
C ALA F 384 -8.10 13.79 12.78
N CYS F 385 -7.83 13.96 11.47
CA CYS F 385 -6.49 13.85 10.94
C CYS F 385 -5.61 15.03 11.35
N ILE F 386 -6.08 16.27 11.12
CA ILE F 386 -5.28 17.44 11.43
C ILE F 386 -5.03 17.52 12.94
N ILE F 387 -6.09 17.32 13.74
CA ILE F 387 -5.96 17.35 15.19
C ILE F 387 -5.05 16.22 15.70
N GLY F 388 -5.31 14.97 15.29
CA GLY F 388 -4.51 13.83 15.69
C GLY F 388 -3.04 13.95 15.30
N THR F 389 -2.75 14.40 14.09
CA THR F 389 -1.39 14.62 13.63
C THR F 389 -0.69 15.65 14.49
N GLN F 390 -1.40 16.73 14.83
CA GLN F 390 -0.80 17.76 15.66
C GLN F 390 -0.46 17.23 17.07
N PHE F 391 -1.42 16.59 17.75
CA PHE F 391 -1.18 16.10 19.10
C PHE F 391 -0.11 15.00 19.18
N ARG F 392 0.14 14.24 18.09
CA ARG F 392 1.23 13.25 18.15
C ARG F 392 2.60 13.94 18.12
N LYS F 393 2.69 15.02 17.33
CA LYS F 393 3.89 15.83 17.23
C LYS F 393 4.20 16.50 18.58
N LEU F 394 3.16 16.95 19.30
CA LEU F 394 3.36 17.57 20.62
C LEU F 394 3.80 16.58 21.69
N ARG F 395 3.47 15.30 21.53
CA ARG F 395 3.83 14.27 22.50
C ARG F 395 5.20 13.67 22.18
N ASP F 396 5.36 13.14 20.96
CA ASP F 396 6.62 12.53 20.54
C ASP F 396 7.78 13.51 20.32
N GLY F 397 7.46 14.80 20.18
CA GLY F 397 8.47 15.84 20.02
C GLY F 397 8.74 16.66 21.26
N ASP F 398 8.27 16.20 22.43
CA ASP F 398 8.42 16.87 23.72
C ASP F 398 9.46 16.14 24.53
N ARG F 399 10.58 16.82 24.77
CA ARG F 399 11.64 16.24 25.58
C ARG F 399 11.23 16.11 27.04
N PHE F 400 10.29 16.96 27.51
CA PHE F 400 9.80 16.94 28.87
C PHE F 400 8.44 16.27 28.99
N TRP F 401 8.10 15.33 28.06
CA TRP F 401 6.84 14.58 28.11
C TRP F 401 6.85 13.74 29.38
N TRP F 402 5.77 13.76 30.16
CA TRP F 402 5.76 13.09 31.47
C TRP F 402 6.23 11.60 31.47
N GLU F 403 5.97 10.87 30.38
CA GLU F 403 6.39 9.47 30.29
C GLU F 403 7.80 9.26 29.77
N ASN F 404 8.47 10.31 29.27
CA ASN F 404 9.83 10.18 28.74
C ASN F 404 10.79 9.85 29.86
N GLU F 405 11.68 8.84 29.66
CA GLU F 405 12.61 8.41 30.70
C GLU F 405 13.48 9.58 31.14
N GLY F 406 13.58 9.78 32.47
CA GLY F 406 14.36 10.88 33.01
C GLY F 406 13.57 12.09 33.42
N VAL F 407 12.33 12.22 32.96
CA VAL F 407 11.49 13.36 33.35
C VAL F 407 10.99 13.10 34.79
N PHE F 408 10.27 11.98 34.97
CA PHE F 408 9.83 11.56 36.29
C PHE F 408 10.40 10.15 36.61
N SER F 409 10.39 9.77 37.88
CA SER F 409 10.81 8.44 38.28
C SER F 409 9.67 7.43 37.98
N MET F 410 9.94 6.10 37.97
CA MET F 410 8.92 5.06 37.77
C MET F 410 7.80 5.24 38.82
N GLN F 411 8.17 5.58 40.08
CA GLN F 411 7.24 5.79 41.19
C GLN F 411 6.44 7.06 41.03
N GLN F 412 7.07 8.16 40.57
CA GLN F 412 6.35 9.43 40.34
C GLN F 412 5.36 9.27 39.18
N ARG F 413 5.72 8.50 38.13
CA ARG F 413 4.78 8.26 37.03
C ARG F 413 3.60 7.43 37.54
N GLN F 414 3.88 6.40 38.37
CA GLN F 414 2.84 5.56 38.97
C GLN F 414 1.89 6.40 39.81
N ALA F 415 2.41 7.44 40.48
CA ALA F 415 1.63 8.37 41.31
C ALA F 415 0.79 9.31 40.45
N LEU F 416 1.39 9.87 39.37
CA LEU F 416 0.74 10.78 38.44
C LEU F 416 -0.39 10.14 37.66
N ALA F 417 -0.34 8.83 37.42
CA ALA F 417 -1.40 8.12 36.71
C ALA F 417 -2.73 8.16 37.46
N GLN F 418 -2.71 8.39 38.80
CA GLN F 418 -3.93 8.45 39.60
C GLN F 418 -4.67 9.76 39.57
N ILE F 419 -4.10 10.79 38.93
CA ILE F 419 -4.78 12.08 38.87
C ILE F 419 -6.02 12.03 37.96
N SER F 420 -6.90 13.01 38.13
CA SER F 420 -8.09 13.22 37.34
C SER F 420 -8.56 14.68 37.54
N LEU F 421 -9.29 15.24 36.58
CA LEU F 421 -9.81 16.58 36.71
C LEU F 421 -10.83 16.70 37.88
N PRO F 422 -11.74 15.72 38.11
CA PRO F 422 -12.67 15.86 39.26
C PRO F 422 -11.92 15.95 40.59
N ARG F 423 -10.82 15.23 40.71
CA ARG F 423 -9.99 15.24 41.90
C ARG F 423 -9.33 16.62 42.11
N ILE F 424 -8.83 17.23 41.04
CA ILE F 424 -8.24 18.57 41.09
C ILE F 424 -9.28 19.60 41.58
N ILE F 425 -10.55 19.43 41.20
CA ILE F 425 -11.66 20.26 41.67
C ILE F 425 -11.91 20.05 43.20
N CYS F 426 -11.88 18.78 43.67
CA CYS F 426 -12.07 18.47 45.10
C CYS F 426 -11.03 19.15 45.94
N ASP F 427 -9.79 19.09 45.51
CA ASP F 427 -8.66 19.62 46.25
C ASP F 427 -8.62 21.14 46.31
N ASN F 428 -9.25 21.83 45.35
CA ASN F 428 -9.14 23.27 45.27
C ASN F 428 -10.45 24.08 45.31
N THR F 429 -11.59 23.43 45.65
CA THR F 429 -12.88 24.13 45.71
C THR F 429 -13.72 23.62 46.93
N GLY F 430 -14.89 24.22 47.17
CA GLY F 430 -15.80 23.75 48.19
C GLY F 430 -16.79 22.73 47.63
N ILE F 431 -16.55 22.22 46.40
CA ILE F 431 -17.41 21.24 45.75
C ILE F 431 -17.10 19.86 46.32
N THR F 432 -18.11 19.18 46.88
CA THR F 432 -17.91 17.88 47.51
C THR F 432 -18.43 16.69 46.71
N THR F 433 -19.10 16.94 45.60
CA THR F 433 -19.64 15.87 44.75
C THR F 433 -19.26 16.22 43.32
N VAL F 434 -18.34 15.46 42.70
CA VAL F 434 -17.83 15.76 41.35
C VAL F 434 -18.21 14.68 40.29
N SER F 435 -17.94 14.96 39.01
CA SER F 435 -18.25 14.04 37.92
C SER F 435 -17.57 12.70 38.09
N LYS F 436 -18.26 11.65 37.68
CA LYS F 436 -17.68 10.32 37.60
C LYS F 436 -16.74 10.37 36.38
N ASN F 437 -15.57 9.74 36.47
CA ASN F 437 -14.66 9.68 35.33
C ASN F 437 -15.28 8.75 34.26
N ASN F 438 -15.24 9.12 32.94
CA ASN F 438 -14.57 10.28 32.35
C ASN F 438 -15.40 11.54 32.53
N ILE F 439 -14.79 12.61 33.10
CA ILE F 439 -15.47 13.89 33.37
C ILE F 439 -16.07 14.54 32.10
N PHE F 440 -15.44 14.29 30.96
CA PHE F 440 -15.87 14.84 29.68
C PHE F 440 -17.12 14.15 29.13
N MET F 441 -17.42 12.92 29.58
CA MET F 441 -18.60 12.20 29.16
C MET F 441 -19.75 12.35 30.18
N SER F 442 -19.41 12.31 31.47
CA SER F 442 -20.38 12.47 32.55
C SER F 442 -21.03 13.86 32.47
N ASN F 443 -22.38 13.94 32.51
CA ASN F 443 -23.08 15.23 32.37
C ASN F 443 -24.47 15.30 32.98
N SER F 444 -24.85 14.33 33.83
CA SER F 444 -26.18 14.34 34.41
C SER F 444 -26.17 14.12 35.91
N TYR F 445 -26.72 15.08 36.68
CA TYR F 445 -26.77 14.96 38.13
C TYR F 445 -28.08 14.33 38.59
N PRO F 446 -28.05 13.34 39.50
CA PRO F 446 -26.88 12.76 40.16
C PRO F 446 -26.42 11.43 39.61
N ARG F 447 -26.90 11.04 38.41
CA ARG F 447 -26.55 9.76 37.78
C ARG F 447 -25.03 9.60 37.56
N ASP F 448 -24.40 10.62 36.98
CA ASP F 448 -22.99 10.56 36.65
C ASP F 448 -22.11 11.24 37.71
N PHE F 449 -22.59 11.34 38.97
CA PHE F 449 -21.81 12.03 39.99
C PHE F 449 -21.41 11.15 41.17
N VAL F 450 -20.23 11.41 41.75
CA VAL F 450 -19.75 10.68 42.93
C VAL F 450 -19.23 11.65 44.00
N ASN F 451 -19.11 11.17 45.25
CA ASN F 451 -18.57 12.01 46.31
C ASN F 451 -17.05 12.14 46.17
N CYS F 452 -16.49 13.32 46.51
CA CYS F 452 -15.05 13.61 46.42
C CYS F 452 -14.20 12.64 47.21
N SER F 453 -14.73 12.14 48.32
CA SER F 453 -14.11 11.18 49.22
C SER F 453 -13.75 9.85 48.55
N THR F 454 -14.50 9.43 47.49
CA THR F 454 -14.20 8.18 46.77
C THR F 454 -12.97 8.33 45.83
N LEU F 455 -12.64 9.56 45.45
CA LEU F 455 -11.51 9.82 44.58
C LEU F 455 -10.22 9.82 45.38
N PRO F 456 -9.22 9.02 44.97
CA PRO F 456 -7.93 9.06 45.68
C PRO F 456 -7.09 10.29 45.28
N ALA F 457 -6.39 10.86 46.26
CA ALA F 457 -5.56 12.04 46.03
C ALA F 457 -4.18 11.69 45.39
N LEU F 458 -3.46 12.72 44.88
CA LEU F 458 -2.15 12.50 44.32
C LEU F 458 -1.19 12.38 45.50
N ASN F 459 -0.52 11.20 45.64
CA ASN F 459 0.45 10.94 46.71
C ASN F 459 1.81 11.50 46.30
N LEU F 460 2.31 12.49 47.05
CA LEU F 460 3.60 13.10 46.73
C LEU F 460 4.79 12.43 47.42
N ALA F 461 4.59 11.26 48.06
CA ALA F 461 5.66 10.53 48.75
C ALA F 461 6.93 10.32 47.92
N SER F 462 6.82 10.00 46.63
CA SER F 462 8.01 9.80 45.79
C SER F 462 8.76 11.09 45.42
N TRP F 463 8.30 12.25 45.91
CA TRP F 463 8.95 13.52 45.62
C TRP F 463 9.93 13.96 46.74
N ARG F 464 10.00 13.22 47.85
CA ARG F 464 10.87 13.52 49.00
C ARG F 464 12.36 13.24 48.77
N GLU F 465 13.22 14.13 49.28
CA GLU F 465 14.67 13.98 49.21
C GLU F 465 15.22 13.65 50.60
N CYS G 1 -3.32 35.62 -12.49
CA CYS G 1 -3.05 34.27 -13.00
C CYS G 1 -3.99 33.86 -14.15
N PRO G 2 -3.53 33.91 -15.41
CA PRO G 2 -4.41 33.58 -16.55
C PRO G 2 -5.06 32.19 -16.53
N GLU G 3 -6.35 32.12 -16.93
CA GLU G 3 -7.13 30.89 -16.99
C GLU G 3 -6.64 29.95 -18.09
N GLN G 4 -6.12 30.49 -19.20
CA GLN G 4 -5.56 29.68 -20.28
C GLN G 4 -4.23 30.30 -20.74
N ASP G 5 -3.22 29.45 -20.98
CA ASP G 5 -1.88 29.88 -21.40
C ASP G 5 -1.17 28.80 -22.20
N LYS G 6 -0.41 29.20 -23.23
CA LYS G 6 0.27 28.22 -24.09
C LYS G 6 1.72 27.97 -23.75
N TYR G 7 2.39 28.95 -23.17
CA TYR G 7 3.82 28.83 -22.89
C TYR G 7 4.15 29.13 -21.43
N ARG G 8 5.36 28.77 -21.01
CA ARG G 8 5.81 29.08 -19.66
C ARG G 8 6.10 30.57 -19.57
N THR G 9 6.00 31.11 -18.36
CA THR G 9 6.42 32.47 -18.10
C THR G 9 7.93 32.38 -17.88
N ILE G 10 8.65 33.48 -18.13
CA ILE G 10 10.09 33.52 -17.92
C ILE G 10 10.44 33.30 -16.44
N THR G 11 9.67 33.88 -15.52
CA THR G 11 9.94 33.73 -14.10
C THR G 11 9.44 32.43 -13.47
N GLY G 12 8.63 31.67 -14.18
CA GLY G 12 8.06 30.44 -13.63
C GLY G 12 6.77 30.66 -12.87
N MET G 13 6.41 31.94 -12.65
CA MET G 13 5.19 32.37 -11.97
C MET G 13 4.00 31.82 -12.73
N CYS G 14 3.01 31.29 -12.04
CA CYS G 14 1.78 30.76 -12.65
C CYS G 14 1.85 29.34 -13.11
N ASN G 15 2.95 28.61 -12.88
CA ASN G 15 3.01 27.20 -13.25
C ASN G 15 2.03 26.44 -12.38
N ASN G 16 2.15 26.56 -11.05
CA ASN G 16 1.15 25.96 -10.15
C ASN G 16 0.07 27.02 -9.98
N ARG G 17 -1.18 26.71 -10.33
CA ARG G 17 -2.23 27.71 -10.28
C ARG G 17 -2.77 27.97 -8.87
N ARG G 18 -2.79 26.99 -7.95
CA ARG G 18 -3.27 27.25 -6.57
C ARG G 18 -2.28 28.09 -5.75
N SER G 19 -0.98 27.87 -5.94
CA SER G 19 0.09 28.63 -5.28
C SER G 19 1.02 29.08 -6.43
N PRO G 20 0.72 30.25 -7.05
CA PRO G 20 1.43 30.62 -8.29
C PRO G 20 2.89 31.05 -8.20
N THR G 21 3.53 31.01 -7.01
CA THR G 21 4.96 31.31 -6.93
C THR G 21 5.80 30.04 -6.81
N LEU G 22 5.19 28.82 -6.69
CA LEU G 22 5.97 27.60 -6.53
C LEU G 22 6.78 27.28 -7.77
N GLY G 23 8.10 27.26 -7.60
CA GLY G 23 8.99 27.03 -8.73
C GLY G 23 9.43 28.32 -9.41
N ALA G 24 8.75 29.45 -9.12
CA ALA G 24 9.11 30.76 -9.64
C ALA G 24 10.46 31.28 -9.06
N SER G 25 11.12 32.18 -9.79
CA SER G 25 12.42 32.67 -9.39
C SER G 25 12.34 33.70 -8.27
N ASN G 26 13.46 33.95 -7.58
CA ASN G 26 13.60 34.92 -6.50
C ASN G 26 12.64 34.69 -5.31
N ARG G 27 12.59 33.43 -4.88
CA ARG G 27 11.76 32.98 -3.77
C ARG G 27 12.62 32.11 -2.84
N ALA G 28 12.24 31.99 -1.57
CA ALA G 28 12.98 31.15 -0.62
C ALA G 28 12.88 29.67 -1.01
N PHE G 29 13.92 28.88 -0.71
CA PHE G 29 13.91 27.46 -0.96
C PHE G 29 12.92 26.78 -0.02
N VAL G 30 12.39 25.61 -0.44
CA VAL G 30 11.59 24.82 0.48
C VAL G 30 12.60 24.13 1.45
N ARG G 31 12.13 23.77 2.64
CA ARG G 31 12.97 23.03 3.59
C ARG G 31 12.35 21.65 3.78
N TRP G 32 13.17 20.56 3.70
CA TRP G 32 12.66 19.20 3.98
C TRP G 32 12.84 18.81 5.45
N LEU G 33 13.71 19.53 6.22
CA LEU G 33 13.92 19.35 7.66
C LEU G 33 14.14 20.75 8.26
N PRO G 34 13.76 20.97 9.54
CA PRO G 34 14.01 22.28 10.16
C PRO G 34 15.49 22.61 10.19
N ALA G 35 15.83 23.88 10.01
CA ALA G 35 17.22 24.32 10.03
C ALA G 35 17.90 24.16 11.39
N GLU G 36 19.21 23.97 11.36
CA GLU G 36 20.04 23.82 12.53
C GLU G 36 21.10 24.90 12.59
N TYR G 37 20.88 25.88 13.45
CA TYR G 37 21.80 26.99 13.67
C TYR G 37 22.23 27.01 15.13
N GLU G 38 23.40 27.54 15.38
CA GLU G 38 24.04 27.72 16.66
C GLU G 38 23.14 28.43 17.68
N ASP G 39 22.32 29.41 17.23
CA ASP G 39 21.37 30.14 18.08
C ASP G 39 19.91 29.77 17.84
N GLY G 40 19.67 28.73 17.04
CA GLY G 40 18.33 28.29 16.70
C GLY G 40 17.75 28.91 15.46
N PHE G 41 18.16 30.14 15.10
CA PHE G 41 17.53 30.81 13.96
C PHE G 41 18.46 31.51 12.90
N SER G 42 19.77 31.76 13.15
CA SER G 42 20.58 32.46 12.14
C SER G 42 22.06 32.18 12.12
N LEU G 43 22.71 32.08 13.30
CA LEU G 43 24.15 31.89 13.36
C LEU G 43 24.57 30.50 12.97
N PRO G 44 25.51 30.38 12.03
CA PRO G 44 25.91 29.04 11.57
C PRO G 44 26.81 28.32 12.57
N TYR G 45 26.80 26.97 12.56
CA TYR G 45 27.71 26.22 13.42
C TYR G 45 29.14 26.48 12.96
N GLY G 46 29.98 26.88 13.91
CA GLY G 46 31.34 27.32 13.64
C GLY G 46 31.50 28.83 13.85
N TRP G 47 30.38 29.56 13.98
CA TRP G 47 30.44 30.98 14.18
C TRP G 47 31.12 31.39 15.48
N THR G 48 30.72 30.79 16.59
CA THR G 48 31.24 31.16 17.90
C THR G 48 32.29 30.20 18.44
N PRO G 49 33.47 30.75 18.79
CA PRO G 49 34.54 29.90 19.34
C PRO G 49 34.09 29.18 20.61
N GLY G 50 34.31 27.86 20.63
CA GLY G 50 33.97 27.05 21.79
C GLY G 50 32.57 26.47 21.78
N VAL G 51 31.64 27.04 21.00
CA VAL G 51 30.27 26.50 20.97
C VAL G 51 30.21 25.17 20.22
N LYS G 52 29.99 24.08 20.98
CA LYS G 52 29.87 22.75 20.41
C LYS G 52 28.53 22.52 19.71
N ARG G 53 28.49 21.59 18.76
CA ARG G 53 27.32 21.17 18.03
C ARG G 53 27.04 19.76 18.50
N ASN G 54 25.85 19.48 19.07
CA ASN G 54 25.47 18.15 19.52
C ASN G 54 26.49 17.51 20.48
N GLY G 55 27.10 18.30 21.35
CA GLY G 55 28.11 17.80 22.28
C GLY G 55 29.52 17.65 21.74
N PHE G 56 29.76 18.05 20.48
CA PHE G 56 31.10 17.92 19.87
C PHE G 56 31.61 19.23 19.27
N PRO G 57 32.93 19.47 19.32
CA PRO G 57 33.48 20.67 18.69
C PRO G 57 33.20 20.69 17.18
N VAL G 58 33.04 21.88 16.62
CA VAL G 58 32.77 22.01 15.20
C VAL G 58 34.08 21.92 14.44
N ALA G 59 34.21 20.95 13.53
CA ALA G 59 35.41 20.76 12.71
C ALA G 59 35.48 21.85 11.68
N LEU G 60 36.69 22.37 11.41
CA LEU G 60 36.89 23.40 10.40
C LEU G 60 36.69 22.75 9.05
N ALA G 61 35.98 23.41 8.11
CA ALA G 61 35.77 22.82 6.77
C ALA G 61 37.10 22.56 6.05
N ARG G 62 38.08 23.47 6.24
CA ARG G 62 39.39 23.29 5.65
C ARG G 62 40.12 22.07 6.22
N ALA G 63 39.99 21.83 7.53
CA ALA G 63 40.60 20.65 8.17
C ALA G 63 39.97 19.37 7.63
N VAL G 64 38.63 19.35 7.47
CA VAL G 64 37.94 18.19 6.93
C VAL G 64 38.39 17.92 5.50
N SER G 65 38.51 18.98 4.71
CA SER G 65 38.95 18.90 3.33
C SER G 65 40.39 18.38 3.24
N ASN G 66 41.25 18.80 4.16
CA ASN G 66 42.65 18.36 4.19
C ASN G 66 42.80 16.89 4.54
N GLU G 67 42.06 16.42 5.55
CA GLU G 67 42.20 15.04 6.03
C GLU G 67 41.40 14.03 5.25
N ILE G 68 40.19 14.39 4.81
CA ILE G 68 39.33 13.45 4.10
C ILE G 68 39.34 13.60 2.57
N VAL G 69 39.23 14.83 2.06
CA VAL G 69 39.13 15.05 0.61
C VAL G 69 40.49 14.93 -0.15
N ARG G 70 41.53 15.65 0.31
CA ARG G 70 42.85 15.68 -0.30
C ARG G 70 43.40 14.28 -0.70
N PHE G 71 44.02 14.22 -1.89
CA PHE G 71 44.62 12.99 -2.43
C PHE G 71 45.63 13.33 -3.55
N PRO G 72 46.66 12.49 -3.83
CA PRO G 72 47.63 12.85 -4.89
C PRO G 72 47.03 12.72 -6.28
N THR G 73 47.01 13.82 -7.06
CA THR G 73 46.41 13.84 -8.40
C THR G 73 46.86 12.66 -9.28
N ASP G 74 48.13 12.22 -9.09
CA ASP G 74 48.74 11.08 -9.79
C ASP G 74 48.04 9.71 -9.48
N GLN G 75 46.98 9.72 -8.68
CA GLN G 75 46.24 8.52 -8.31
C GLN G 75 44.85 8.47 -8.96
N LEU G 76 44.36 9.60 -9.53
CA LEU G 76 43.04 9.72 -10.18
C LEU G 76 42.62 8.46 -10.96
N THR G 77 41.42 7.94 -10.68
CA THR G 77 40.92 6.77 -11.39
C THR G 77 39.94 7.24 -12.44
N PRO G 78 40.25 7.08 -13.74
CA PRO G 78 39.27 7.44 -14.77
C PRO G 78 38.07 6.49 -14.70
N ASP G 79 36.88 7.01 -14.95
CA ASP G 79 35.66 6.20 -14.90
C ASP G 79 35.56 5.45 -16.23
N GLN G 80 35.53 4.12 -16.17
CA GLN G 80 35.40 3.32 -17.38
C GLN G 80 34.00 3.41 -18.01
N GLU G 81 32.97 3.84 -17.26
CA GLU G 81 31.62 3.90 -17.81
C GLU G 81 30.99 5.27 -17.85
N ARG G 82 31.77 6.34 -17.72
CA ARG G 82 31.26 7.69 -17.77
C ARG G 82 32.25 8.58 -18.51
N SER G 83 31.71 9.54 -19.26
CA SER G 83 32.49 10.55 -20.00
C SER G 83 32.48 11.87 -19.21
N LEU G 84 33.39 12.80 -19.53
CA LEU G 84 33.38 14.11 -18.88
C LEU G 84 32.09 14.87 -19.24
N MET G 85 31.39 14.48 -20.33
CA MET G 85 30.10 15.04 -20.70
C MET G 85 29.08 14.76 -19.57
N PHE G 86 29.20 13.61 -18.87
CA PHE G 86 28.36 13.27 -17.72
C PHE G 86 28.53 14.31 -16.61
N MET G 87 29.77 14.74 -16.35
CA MET G 87 30.07 15.78 -15.38
C MET G 87 29.47 17.10 -15.88
N GLN G 88 29.81 17.50 -17.13
CA GLN G 88 29.37 18.78 -17.66
C GLN G 88 27.86 18.98 -17.78
N TRP G 89 27.10 17.92 -18.13
CA TRP G 89 25.66 18.03 -18.20
C TRP G 89 25.08 18.34 -16.81
N GLY G 90 25.61 17.70 -15.77
CA GLY G 90 25.16 17.95 -14.41
C GLY G 90 25.31 19.40 -14.00
N GLN G 91 26.42 20.05 -14.37
CA GLN G 91 26.62 21.47 -14.02
C GLN G 91 25.64 22.32 -14.78
N LEU G 92 25.50 22.07 -16.09
CA LEU G 92 24.56 22.80 -16.93
C LEU G 92 23.10 22.66 -16.39
N LEU G 93 22.68 21.44 -16.09
CA LEU G 93 21.37 21.14 -15.51
C LEU G 93 21.22 21.85 -14.16
N ASP G 94 22.23 21.79 -13.28
CA ASP G 94 22.24 22.46 -11.98
C ASP G 94 22.02 23.95 -12.13
N HIS G 95 22.51 24.53 -13.24
CA HIS G 95 22.38 25.96 -13.53
C HIS G 95 21.01 26.36 -14.12
N ASP G 96 20.13 25.37 -14.33
CA ASP G 96 18.74 25.52 -14.71
C ASP G 96 17.85 25.43 -13.43
N LEU G 97 18.36 24.84 -12.32
CA LEU G 97 17.61 24.60 -11.09
C LEU G 97 17.82 25.58 -9.97
N ASP G 98 19.09 25.84 -9.58
CA ASP G 98 19.32 26.75 -8.47
C ASP G 98 20.52 27.63 -8.58
N PHE G 99 20.39 28.84 -8.01
CA PHE G 99 21.45 29.83 -7.86
C PHE G 99 21.15 30.55 -6.57
N THR G 100 22.03 30.43 -5.58
CA THR G 100 21.82 31.06 -4.29
C THR G 100 22.60 32.37 -4.26
N PRO G 101 21.89 33.50 -4.29
CA PRO G 101 22.59 34.78 -4.32
C PRO G 101 23.31 35.14 -3.05
N GLU G 102 24.42 35.87 -3.20
CA GLU G 102 25.18 36.43 -2.08
C GLU G 102 25.36 37.96 -2.29
N PRO G 103 25.77 38.73 -1.27
CA PRO G 103 25.86 40.20 -1.44
C PRO G 103 26.90 40.71 -2.44
N VAL H 1 31.71 43.79 6.79
CA VAL H 1 33.05 44.17 6.31
C VAL H 1 33.27 43.65 4.84
N ASN H 2 34.48 43.87 4.23
CA ASN H 2 34.71 43.33 2.88
C ASN H 2 35.20 41.89 3.02
N CYS H 3 34.36 40.90 2.66
CA CYS H 3 34.68 39.46 2.75
C CYS H 3 35.85 39.09 1.88
N GLU H 4 35.96 39.73 0.71
CA GLU H 4 37.02 39.44 -0.25
C GLU H 4 38.41 39.68 0.32
N THR H 5 38.59 40.76 1.08
CA THR H 5 39.92 41.13 1.58
C THR H 5 40.15 41.05 3.10
N SER H 6 39.11 40.91 3.93
CA SER H 6 39.30 40.85 5.38
C SER H 6 39.05 39.46 5.94
N CYS H 7 39.68 39.16 7.06
CA CYS H 7 39.48 37.88 7.75
C CYS H 7 38.61 37.98 9.00
N VAL H 8 38.04 39.16 9.26
CA VAL H 8 37.19 39.41 10.40
C VAL H 8 35.83 38.77 10.17
N GLN H 9 35.30 38.12 11.20
CA GLN H 9 34.00 37.50 11.14
C GLN H 9 32.96 38.52 11.56
N GLN H 10 32.50 39.33 10.61
CA GLN H 10 31.44 40.33 10.82
C GLN H 10 30.45 40.11 9.67
N PRO H 11 29.13 40.03 9.95
CA PRO H 11 28.16 39.82 8.85
C PRO H 11 28.36 40.77 7.65
N PRO H 12 28.24 40.27 6.42
CA PRO H 12 27.82 38.91 6.03
C PRO H 12 28.99 37.98 5.79
N CYS H 13 30.16 38.23 6.37
CA CYS H 13 31.32 37.39 6.16
C CYS H 13 31.34 36.20 7.07
N PHE H 14 31.65 35.03 6.53
CA PHE H 14 31.81 33.82 7.35
C PHE H 14 33.09 33.11 6.91
N PRO H 15 34.27 33.77 7.06
CA PRO H 15 35.50 33.20 6.52
C PRO H 15 35.86 31.84 7.08
N LEU H 16 36.54 31.05 6.27
CA LEU H 16 36.95 29.72 6.69
C LEU H 16 38.31 29.89 7.34
N LYS H 17 38.44 29.57 8.64
CA LYS H 17 39.71 29.68 9.33
C LYS H 17 40.72 28.62 8.85
N ILE H 18 42.02 28.89 8.99
CA ILE H 18 43.09 28.00 8.53
C ILE H 18 43.67 27.14 9.66
N PRO H 19 43.71 25.81 9.45
CA PRO H 19 44.23 24.93 10.51
C PRO H 19 45.74 24.91 10.56
N PRO H 20 46.32 24.50 11.70
CA PRO H 20 47.79 24.40 11.77
C PRO H 20 48.31 23.33 10.81
N ASN H 21 49.52 23.55 10.31
CA ASN H 21 50.19 22.67 9.36
C ASN H 21 49.30 22.37 8.15
N ASP H 22 48.88 23.44 7.50
CA ASP H 22 48.08 23.36 6.29
C ASP H 22 49.02 23.05 5.11
N PRO H 23 48.59 22.21 4.14
CA PRO H 23 49.47 21.91 3.00
C PRO H 23 49.71 23.07 2.05
N ARG H 24 48.92 24.15 2.12
CA ARG H 24 49.08 25.28 1.22
C ARG H 24 49.15 26.64 1.92
N ILE H 25 48.20 26.93 2.82
CA ILE H 25 48.15 28.22 3.50
C ILE H 25 48.97 28.18 4.79
N LYS H 26 50.22 28.65 4.68
CA LYS H 26 51.16 28.70 5.80
C LYS H 26 50.82 29.80 6.79
N ASN H 27 50.20 30.91 6.32
CA ASN H 27 49.84 32.01 7.19
C ASN H 27 48.49 31.71 7.89
N GLN H 28 48.51 31.42 9.22
CA GLN H 28 47.29 31.12 9.95
C GLN H 28 46.42 32.34 10.22
N ALA H 29 46.97 33.57 10.05
CA ALA H 29 46.17 34.79 10.20
C ALA H 29 45.26 35.02 8.97
N ASP H 30 45.59 34.37 7.84
CA ASP H 30 44.84 34.41 6.60
C ASP H 30 43.60 33.49 6.70
N CYS H 31 42.77 33.46 5.65
CA CYS H 31 41.52 32.70 5.63
C CYS H 31 41.07 32.47 4.18
N ILE H 32 40.06 31.61 3.99
CA ILE H 32 39.46 31.43 2.69
C ILE H 32 38.19 32.27 2.74
N PRO H 33 38.09 33.27 1.83
CA PRO H 33 36.94 34.18 1.85
C PRO H 33 35.60 33.50 1.71
N PHE H 34 34.56 34.13 2.29
CA PHE H 34 33.23 33.57 2.28
C PHE H 34 32.18 34.60 2.63
N PHE H 35 31.12 34.68 1.80
CA PHE H 35 29.99 35.56 2.06
C PHE H 35 28.81 34.65 2.35
N ARG H 36 28.08 34.90 3.42
CA ARG H 36 26.86 34.17 3.74
C ARG H 36 25.82 34.45 2.64
N SER H 37 25.08 33.42 2.24
CA SER H 37 24.03 33.57 1.24
C SER H 37 22.95 34.53 1.74
N CSO H 38 22.38 35.32 0.83
CA CSO H 38 21.37 36.31 1.17
CB CSO H 38 20.91 36.98 -0.11
SG CSO H 38 22.18 38.11 -0.79
C CSO H 38 20.18 35.67 1.86
O CSO H 38 19.67 34.64 1.43
OD CSO H 38 22.05 39.57 -0.05
N PRO H 39 19.74 36.25 2.99
CA PRO H 39 18.58 35.68 3.71
C PRO H 39 17.27 36.07 3.04
N ALA H 40 16.28 35.19 3.07
CA ALA H 40 14.97 35.51 2.50
C ALA H 40 14.30 36.63 3.30
N CYS H 41 14.52 36.66 4.63
CA CYS H 41 13.99 37.69 5.49
C CYS H 41 15.13 38.40 6.26
N PRO H 42 15.71 39.46 5.67
CA PRO H 42 16.83 40.15 6.32
C PRO H 42 16.54 40.80 7.65
N GLY H 43 17.44 40.59 8.59
CA GLY H 43 17.37 41.18 9.92
C GLY H 43 16.30 40.66 10.86
N SER H 44 15.70 39.50 10.58
CA SER H 44 14.64 38.96 11.42
C SER H 44 15.08 38.21 12.67
N ASN H 45 14.49 38.56 13.80
CA ASN H 45 14.71 37.88 15.08
C ASN H 45 13.62 36.81 15.33
N ILE H 46 12.66 36.60 14.38
CA ILE H 46 11.51 35.69 14.49
C ILE H 46 11.56 34.51 13.53
N THR H 47 11.98 34.79 12.32
CA THR H 47 12.02 33.82 11.27
C THR H 47 13.30 32.97 11.32
N ILE H 48 13.19 31.68 10.97
CA ILE H 48 14.37 30.85 10.92
C ILE H 48 15.00 31.13 9.57
N ARG H 49 16.23 31.62 9.57
CA ARG H 49 16.93 31.98 8.35
C ARG H 49 16.86 30.94 7.23
N ASN H 50 16.51 31.41 6.04
CA ASN H 50 16.46 30.59 4.84
C ASN H 50 17.15 31.38 3.70
N GLN H 51 17.47 30.68 2.60
CA GLN H 51 18.15 31.29 1.49
C GLN H 51 17.25 31.35 0.25
N ILE H 52 17.69 32.12 -0.78
CA ILE H 52 16.87 32.38 -1.97
C ILE H 52 17.32 31.63 -3.19
N ASN H 53 16.35 31.19 -4.03
CA ASN H 53 16.67 30.56 -5.31
C ASN H 53 16.37 31.64 -6.31
N ALA H 54 17.38 32.07 -7.08
CA ALA H 54 17.21 33.13 -8.06
C ALA H 54 16.75 32.64 -9.42
N LEU H 55 16.59 31.29 -9.58
CA LEU H 55 16.20 30.68 -10.85
C LEU H 55 14.84 29.98 -10.75
N THR H 56 14.26 29.63 -11.89
CA THR H 56 13.02 28.87 -11.92
C THR H 56 13.43 27.41 -11.64
N SER H 57 12.82 26.78 -10.66
CA SER H 57 13.18 25.40 -10.30
C SER H 57 12.91 24.40 -11.41
N PHE H 58 12.01 24.73 -12.35
CA PHE H 58 11.65 23.87 -13.46
C PHE H 58 12.78 23.59 -14.42
N VAL H 59 12.77 22.40 -15.00
CA VAL H 59 13.76 22.04 -16.00
C VAL H 59 13.14 22.62 -17.28
N ASP H 60 13.35 23.92 -17.49
CA ASP H 60 12.76 24.71 -18.58
C ASP H 60 13.77 25.48 -19.43
N ALA H 61 15.03 25.07 -19.40
CA ALA H 61 16.13 25.74 -20.09
C ALA H 61 16.30 27.20 -19.64
N SER H 62 16.06 27.50 -18.35
CA SER H 62 16.24 28.84 -17.83
C SER H 62 17.72 29.30 -17.91
N MET H 63 18.68 28.36 -17.99
CA MET H 63 20.09 28.73 -18.16
C MET H 63 20.38 29.27 -19.59
N VAL H 64 19.39 29.22 -20.49
CA VAL H 64 19.48 29.73 -21.83
C VAL H 64 18.63 30.99 -21.94
N TYR H 65 17.40 30.96 -21.39
CA TYR H 65 16.42 32.04 -21.56
C TYR H 65 16.41 33.08 -20.43
N GLY H 66 16.81 32.71 -19.23
CA GLY H 66 16.81 33.61 -18.09
C GLY H 66 15.63 33.34 -17.19
N SER H 67 15.71 33.77 -15.93
CA SER H 67 14.62 33.59 -14.98
C SER H 67 13.94 34.92 -14.56
N GLU H 68 14.29 36.04 -15.22
CA GLU H 68 13.74 37.36 -14.98
C GLU H 68 13.46 38.00 -16.35
N GLU H 69 12.32 38.68 -16.50
CA GLU H 69 11.85 39.27 -17.76
C GLU H 69 12.81 40.28 -18.41
N PRO H 70 13.46 41.23 -17.69
CA PRO H 70 14.36 42.17 -18.38
C PRO H 70 15.56 41.45 -18.99
N LEU H 71 16.15 40.48 -18.27
CA LEU H 71 17.27 39.68 -18.77
C LEU H 71 16.80 38.86 -19.97
N ALA H 72 15.65 38.19 -19.88
CA ALA H 72 15.10 37.38 -20.96
C ALA H 72 14.92 38.19 -22.24
N ARG H 73 14.48 39.45 -22.09
CA ARG H 73 14.27 40.41 -23.16
C ARG H 73 15.62 40.73 -23.84
N ASN H 74 16.65 41.06 -23.04
CA ASN H 74 17.99 41.41 -23.52
C ASN H 74 18.73 40.27 -24.21
N LEU H 75 18.41 39.03 -23.88
CA LEU H 75 19.03 37.88 -24.53
C LEU H 75 18.45 37.58 -25.93
N ARG H 76 17.43 38.31 -26.38
CA ARG H 76 16.80 38.08 -27.66
C ARG H 76 17.24 39.04 -28.76
N ASN H 77 17.20 38.56 -30.00
CA ASN H 77 17.49 39.41 -31.15
C ASN H 77 16.22 40.18 -31.43
N MET H 78 16.12 41.37 -30.86
CA MET H 78 14.94 42.20 -31.04
C MET H 78 15.02 43.05 -32.34
N SER H 79 16.08 42.88 -33.17
CA SER H 79 16.24 43.63 -34.43
C SER H 79 15.29 43.16 -35.54
N ASN H 80 14.71 41.94 -35.43
CA ASN H 80 13.84 41.40 -36.47
C ASN H 80 12.70 40.52 -35.95
N GLN H 81 11.87 39.97 -36.86
CA GLN H 81 10.76 39.11 -36.46
C GLN H 81 11.11 37.63 -36.68
N LEU H 82 12.35 37.23 -36.37
CA LEU H 82 12.77 35.84 -36.58
C LEU H 82 12.79 34.96 -35.30
N GLY H 83 12.53 35.56 -34.14
CA GLY H 83 12.49 34.82 -32.87
C GLY H 83 13.79 34.18 -32.42
N LEU H 84 14.92 34.68 -32.91
CA LEU H 84 16.23 34.18 -32.53
C LEU H 84 16.70 34.83 -31.21
N LEU H 85 17.74 34.24 -30.62
CA LEU H 85 18.42 34.72 -29.42
C LEU H 85 19.68 35.45 -29.89
N ALA H 86 19.97 36.62 -29.30
CA ALA H 86 21.11 37.43 -29.70
C ALA H 86 22.44 36.69 -29.66
N VAL H 87 23.32 37.02 -30.61
CA VAL H 87 24.64 36.39 -30.72
C VAL H 87 25.78 37.43 -30.65
N ASN H 88 27.01 36.96 -30.44
CA ASN H 88 28.18 37.83 -30.33
C ASN H 88 28.41 38.59 -31.65
N GLN H 89 28.59 39.92 -31.55
CA GLN H 89 28.80 40.73 -32.75
C GLN H 89 30.26 40.90 -33.14
N ARG H 90 31.18 40.75 -32.18
CA ARG H 90 32.60 40.88 -32.46
C ARG H 90 33.21 39.59 -33.01
N PHE H 91 32.73 38.42 -32.55
CA PHE H 91 33.34 37.14 -32.94
C PHE H 91 32.38 36.01 -33.34
N GLN H 92 32.92 35.07 -34.15
CA GLN H 92 32.25 33.84 -34.55
C GLN H 92 33.19 32.64 -34.31
N ASP H 93 32.64 31.41 -34.34
CA ASP H 93 33.37 30.16 -34.16
C ASP H 93 33.34 29.40 -35.50
N ASN H 94 34.20 29.85 -36.46
CA ASN H 94 34.24 29.27 -37.78
C ASN H 94 32.89 29.49 -38.49
N GLY H 95 32.37 30.71 -38.40
CA GLY H 95 31.07 31.08 -38.97
C GLY H 95 29.87 30.75 -38.10
N ARG H 96 30.09 29.99 -37.04
CA ARG H 96 29.02 29.62 -36.12
C ARG H 96 28.87 30.64 -35.00
N ALA H 97 27.70 30.69 -34.36
CA ALA H 97 27.42 31.69 -33.34
C ALA H 97 28.09 31.46 -32.01
N LEU H 98 28.44 32.54 -31.33
CA LEU H 98 29.00 32.54 -29.98
C LEU H 98 28.06 33.36 -29.08
N LEU H 99 28.02 33.09 -27.76
CA LEU H 99 27.19 33.88 -26.86
C LEU H 99 27.59 35.37 -26.90
N PRO H 100 26.66 36.31 -26.67
CA PRO H 100 27.05 37.72 -26.65
C PRO H 100 27.96 38.02 -25.45
N PHE H 101 28.61 39.20 -25.44
CA PHE H 101 29.43 39.59 -24.31
C PHE H 101 28.59 40.32 -23.27
N ASP H 102 28.91 40.12 -22.00
CA ASP H 102 28.21 40.78 -20.92
C ASP H 102 28.73 42.22 -20.76
N ASN H 103 28.08 42.98 -19.90
CA ASN H 103 28.45 44.35 -19.64
C ASN H 103 28.79 44.52 -18.15
N LEU H 104 29.72 43.68 -17.64
CA LEU H 104 30.11 43.76 -16.23
C LEU H 104 31.03 44.94 -15.98
N HIS H 105 30.88 45.61 -14.81
CA HIS H 105 31.77 46.72 -14.47
C HIS H 105 33.07 46.08 -13.98
N ASP H 106 32.96 45.11 -13.04
CA ASP H 106 34.09 44.34 -12.54
C ASP H 106 34.02 42.93 -13.17
N ASP H 107 34.76 42.75 -14.26
CA ASP H 107 34.77 41.52 -15.05
C ASP H 107 35.90 40.57 -14.66
N PRO H 108 35.58 39.38 -14.16
CA PRO H 108 36.64 38.41 -13.81
C PRO H 108 37.29 37.74 -15.02
N CYS H 109 36.62 37.66 -16.17
CA CYS H 109 37.20 37.02 -17.35
C CYS H 109 38.35 37.81 -17.95
N LEU H 110 38.34 39.15 -17.79
CA LEU H 110 39.41 40.02 -18.27
C LEU H 110 40.72 39.78 -17.50
N LEU H 111 40.64 39.28 -16.25
CA LEU H 111 41.82 39.00 -15.45
C LEU H 111 42.54 37.72 -15.84
N THR H 112 41.89 36.81 -16.58
CA THR H 112 42.50 35.52 -16.94
C THR H 112 43.58 35.66 -18.03
N ASN H 113 43.49 36.71 -18.83
CA ASN H 113 44.46 37.04 -19.87
C ASN H 113 44.28 38.51 -20.17
N ARG H 114 45.23 39.31 -19.71
CA ARG H 114 45.19 40.74 -19.88
C ARG H 114 45.27 41.13 -21.37
N SER H 115 46.20 40.51 -22.12
CA SER H 115 46.42 40.77 -23.54
C SER H 115 45.16 40.58 -24.39
N ALA H 116 44.46 39.44 -24.17
CA ALA H 116 43.28 39.05 -24.91
C ALA H 116 42.10 40.01 -24.82
N ARG H 117 41.89 40.63 -23.65
CA ARG H 117 40.78 41.56 -23.41
C ARG H 117 39.42 40.94 -23.80
N ILE H 118 39.17 39.67 -23.42
CA ILE H 118 37.91 39.00 -23.74
C ILE H 118 37.03 38.95 -22.48
N PRO H 119 35.94 39.72 -22.47
CA PRO H 119 35.05 39.73 -21.29
C PRO H 119 34.16 38.48 -21.16
N CYS H 120 33.35 38.40 -20.07
CA CYS H 120 32.44 37.30 -19.82
C CYS H 120 31.33 37.26 -20.85
N PHE H 121 30.74 36.08 -21.04
CA PHE H 121 29.61 35.92 -21.93
C PHE H 121 28.29 36.25 -21.19
N LEU H 122 27.26 36.56 -21.97
CA LEU H 122 25.92 36.84 -21.47
C LEU H 122 25.00 35.65 -21.83
N ALA H 123 24.39 35.04 -20.81
CA ALA H 123 23.55 33.86 -20.99
C ALA H 123 22.32 33.91 -20.03
N GLY H 124 21.43 32.90 -20.06
CA GLY H 124 20.28 32.83 -19.16
C GLY H 124 20.71 32.79 -17.71
N ASP H 125 21.81 32.08 -17.43
CA ASP H 125 22.42 31.98 -16.12
C ASP H 125 23.75 32.76 -16.10
N THR H 126 24.09 33.41 -14.94
CA THR H 126 25.30 34.25 -14.81
C THR H 126 26.63 33.48 -14.75
N ARG H 127 26.61 32.17 -14.56
CA ARG H 127 27.84 31.39 -14.43
C ARG H 127 28.34 30.76 -15.74
N SER H 128 27.77 31.15 -16.89
CA SER H 128 28.14 30.65 -18.23
C SER H 128 29.65 30.67 -18.55
N SER H 129 30.39 31.62 -17.98
CA SER H 129 31.83 31.71 -18.23
C SER H 129 32.73 31.04 -17.16
N GLU H 130 32.16 30.38 -16.12
CA GLU H 130 32.95 29.77 -15.03
C GLU H 130 33.98 28.78 -15.55
N MET H 131 33.61 27.93 -16.49
CA MET H 131 34.55 27.00 -17.11
C MET H 131 34.20 26.87 -18.58
N PRO H 132 35.18 26.89 -19.50
CA PRO H 132 34.85 26.86 -20.93
C PRO H 132 34.06 25.63 -21.37
N GLU H 133 34.08 24.54 -20.59
CA GLU H 133 33.25 23.37 -20.90
C GLU H 133 31.75 23.70 -20.69
N LEU H 134 31.42 24.60 -19.74
CA LEU H 134 30.02 25.01 -19.49
C LEU H 134 29.59 26.01 -20.58
N THR H 135 30.50 26.93 -20.94
CA THR H 135 30.32 27.93 -21.99
C THR H 135 30.01 27.23 -23.31
N SER H 136 30.70 26.12 -23.60
CA SER H 136 30.46 25.37 -24.83
C SER H 136 29.03 24.82 -24.86
N MET H 137 28.51 24.37 -23.70
CA MET H 137 27.16 23.84 -23.57
C MET H 137 26.11 24.93 -23.69
N HIS H 138 26.40 26.15 -23.21
CA HIS H 138 25.49 27.28 -23.36
C HIS H 138 25.47 27.69 -24.85
N THR H 139 26.64 27.74 -25.47
CA THR H 139 26.77 28.10 -26.89
C THR H 139 26.06 27.05 -27.78
N LEU H 140 26.15 25.78 -27.42
CA LEU H 140 25.50 24.72 -28.17
C LEU H 140 23.98 24.89 -28.12
N LEU H 141 23.43 25.17 -26.92
CA LEU H 141 21.99 25.37 -26.76
C LEU H 141 21.48 26.68 -27.38
N LEU H 142 22.33 27.72 -27.46
CA LEU H 142 21.98 28.99 -28.11
C LEU H 142 21.81 28.74 -29.61
N ARG H 143 22.72 27.95 -30.22
CA ARG H 143 22.67 27.63 -31.65
C ARG H 143 21.46 26.76 -31.96
N GLU H 144 21.11 25.84 -31.05
CA GLU H 144 19.96 24.97 -31.25
C GLU H 144 18.67 25.78 -31.29
N HIS H 145 18.56 26.82 -30.45
CA HIS H 145 17.41 27.70 -30.50
C HIS H 145 17.28 28.44 -31.88
N ASN H 146 18.35 29.11 -32.35
CA ASN H 146 18.31 29.82 -33.62
C ASN H 146 18.11 28.89 -34.80
N ARG H 147 18.63 27.63 -34.71
CA ARG H 147 18.47 26.60 -35.74
C ARG H 147 16.99 26.19 -35.82
N LEU H 148 16.35 25.98 -34.64
CA LEU H 148 14.93 25.62 -34.53
C LEU H 148 14.00 26.73 -35.05
N ALA H 149 14.26 28.02 -34.68
CA ALA H 149 13.46 29.17 -35.14
C ALA H 149 13.61 29.46 -36.64
N THR H 150 14.72 29.04 -37.22
CA THR H 150 14.96 29.20 -38.64
C THR H 150 14.18 28.12 -39.38
N GLU H 151 14.24 26.86 -38.88
CA GLU H 151 13.53 25.72 -39.46
C GLU H 151 12.01 25.95 -39.37
N LEU H 152 11.53 26.47 -38.23
CA LEU H 152 10.11 26.77 -38.00
C LEU H 152 9.62 27.94 -38.85
N LYS H 153 10.51 28.87 -39.21
CA LYS H 153 10.17 30.01 -40.07
C LYS H 153 9.89 29.56 -41.48
N SER H 154 10.67 28.60 -42.05
CA SER H 154 10.36 28.14 -43.42
C SER H 154 9.14 27.20 -43.45
N LEU H 155 8.80 26.57 -42.32
CA LEU H 155 7.63 25.70 -42.22
C LEU H 155 6.35 26.55 -42.02
N ASN H 156 6.38 27.55 -41.12
CA ASN H 156 5.26 28.43 -40.83
C ASN H 156 5.68 29.88 -41.06
N PRO H 157 5.70 30.32 -42.33
CA PRO H 157 6.15 31.67 -42.64
C PRO H 157 5.27 32.80 -42.13
N ARG H 158 4.01 32.50 -41.79
CA ARG H 158 3.10 33.51 -41.22
C ARG H 158 3.36 33.78 -39.72
N TRP H 159 4.15 32.93 -39.05
CA TRP H 159 4.50 33.09 -37.63
C TRP H 159 5.41 34.30 -37.39
N ASP H 160 5.11 35.08 -36.35
CA ASP H 160 5.90 36.26 -36.02
C ASP H 160 7.07 35.93 -35.05
N GLY H 161 7.88 36.93 -34.70
CA GLY H 161 9.03 36.78 -33.81
C GLY H 161 8.70 36.14 -32.48
N GLU H 162 7.65 36.60 -31.81
CA GLU H 162 7.25 36.06 -30.49
C GLU H 162 6.81 34.60 -30.57
N ARG H 163 6.06 34.22 -31.62
CA ARG H 163 5.59 32.84 -31.79
C ARG H 163 6.79 31.92 -32.05
N LEU H 164 7.70 32.34 -32.94
CA LEU H 164 8.90 31.57 -33.26
C LEU H 164 9.78 31.38 -32.04
N TYR H 165 9.96 32.44 -31.23
CA TYR H 165 10.78 32.37 -30.02
C TYR H 165 10.17 31.39 -29.05
N GLN H 166 8.86 31.53 -28.78
CA GLN H 166 8.16 30.67 -27.84
C GLN H 166 8.11 29.21 -28.27
N GLU H 167 7.91 28.95 -29.57
CA GLU H 167 7.86 27.58 -30.06
C GLU H 167 9.23 26.87 -30.01
N ALA H 168 10.32 27.61 -30.38
CA ALA H 168 11.69 27.08 -30.32
C ALA H 168 12.13 26.91 -28.85
N ARG H 169 11.68 27.79 -27.94
CA ARG H 169 11.98 27.74 -26.49
C ARG H 169 11.38 26.49 -25.87
N LYS H 170 10.12 26.20 -26.21
CA LYS H 170 9.35 25.04 -25.75
C LYS H 170 10.07 23.72 -26.14
N ILE H 171 10.59 23.65 -27.39
CA ILE H 171 11.33 22.48 -27.89
C ILE H 171 12.68 22.30 -27.15
N VAL H 172 13.42 23.39 -26.95
CA VAL H 172 14.69 23.36 -26.24
C VAL H 172 14.51 22.85 -24.81
N GLY H 173 13.48 23.37 -24.12
CA GLY H 173 13.16 22.94 -22.76
C GLY H 173 12.77 21.46 -22.69
N ALA H 174 12.07 20.97 -23.72
CA ALA H 174 11.69 19.55 -23.76
C ALA H 174 12.91 18.68 -23.97
N MET H 175 13.87 19.13 -24.80
CA MET H 175 15.11 18.41 -25.05
C MET H 175 15.91 18.31 -23.76
N VAL H 176 15.96 19.38 -22.95
CA VAL H 176 16.68 19.36 -21.66
C VAL H 176 16.03 18.31 -20.72
N GLN H 177 14.69 18.28 -20.66
CA GLN H 177 13.97 17.31 -19.85
C GLN H 177 14.22 15.88 -20.31
N ILE H 178 14.23 15.63 -21.64
CA ILE H 178 14.43 14.28 -22.20
C ILE H 178 15.83 13.76 -21.91
N ILE H 179 16.88 14.54 -22.23
CA ILE H 179 18.27 14.13 -22.00
C ILE H 179 18.52 13.90 -20.51
N THR H 180 17.93 14.77 -19.63
CA THR H 180 18.05 14.64 -18.19
C THR H 180 17.38 13.39 -17.60
N TYR H 181 16.10 13.16 -17.92
CA TYR H 181 15.35 12.06 -17.32
C TYR H 181 15.50 10.71 -18.02
N ARG H 182 15.85 10.72 -19.31
CA ARG H 182 16.03 9.49 -20.05
C ARG H 182 17.48 9.04 -19.98
N ASP H 183 18.44 9.99 -20.12
CA ASP H 183 19.85 9.61 -20.23
C ASP H 183 20.73 9.93 -19.02
N TYR H 184 20.58 11.11 -18.43
CA TYR H 184 21.42 11.54 -17.32
C TYR H 184 21.08 10.85 -16.00
N LEU H 185 19.88 11.10 -15.44
CA LEU H 185 19.46 10.59 -14.14
C LEU H 185 19.60 9.07 -13.97
N PRO H 186 19.25 8.20 -14.96
CA PRO H 186 19.45 6.75 -14.74
C PRO H 186 20.90 6.39 -14.40
N LEU H 187 21.85 7.13 -14.97
CA LEU H 187 23.28 6.92 -14.75
C LEU H 187 23.82 7.54 -13.46
N VAL H 188 23.04 8.47 -12.85
CA VAL H 188 23.40 9.07 -11.57
C VAL H 188 22.88 8.18 -10.45
N LEU H 189 21.61 7.80 -10.51
CA LEU H 189 20.98 7.02 -9.46
C LEU H 189 21.23 5.51 -9.53
N GLY H 190 21.39 5.00 -10.74
CA GLY H 190 21.44 3.56 -10.94
C GLY H 190 20.01 3.07 -11.11
N PRO H 191 19.86 1.83 -11.57
CA PRO H 191 18.50 1.34 -11.89
C PRO H 191 17.53 1.12 -10.72
N THR H 192 17.96 0.61 -9.55
CA THR H 192 16.99 0.36 -8.47
C THR H 192 16.50 1.69 -7.90
N ALA H 193 17.41 2.67 -7.71
CA ALA H 193 16.97 3.98 -7.21
C ALA H 193 16.12 4.68 -8.27
N MET H 194 16.45 4.51 -9.57
CA MET H 194 15.65 5.10 -10.63
C MET H 194 14.19 4.63 -10.58
N ARG H 195 13.97 3.33 -10.31
CA ARG H 195 12.61 2.80 -10.20
C ARG H 195 11.93 3.26 -8.88
N LYS H 196 12.71 3.44 -7.81
CA LYS H 196 12.16 3.85 -6.52
C LYS H 196 11.73 5.31 -6.51
N TYR H 197 12.60 6.24 -6.91
CA TYR H 197 12.29 7.67 -6.81
C TYR H 197 11.67 8.27 -8.06
N LEU H 198 11.73 7.57 -9.19
CA LEU H 198 11.18 8.10 -10.44
C LEU H 198 10.40 7.05 -11.21
N PRO H 199 9.30 6.54 -10.63
CA PRO H 199 8.47 5.56 -11.34
C PRO H 199 7.85 6.13 -12.62
N THR H 200 7.30 5.29 -13.50
CA THR H 200 6.73 5.74 -14.77
C THR H 200 5.82 6.98 -14.64
N TYR H 201 6.13 8.06 -15.40
CA TYR H 201 5.34 9.30 -15.38
C TYR H 201 3.86 9.02 -15.73
N ARG H 202 2.94 9.47 -14.86
CA ARG H 202 1.51 9.30 -15.13
C ARG H 202 0.99 10.63 -15.71
N SER H 203 0.85 11.68 -14.87
CA SER H 203 0.38 12.98 -15.34
C SER H 203 0.75 14.10 -14.34
N TYR H 204 0.57 15.37 -14.73
CA TYR H 204 0.84 16.50 -13.86
C TYR H 204 -0.06 16.44 -12.64
N ASN H 205 0.54 16.68 -11.46
CA ASN H 205 -0.14 16.74 -10.18
C ASN H 205 0.12 18.15 -9.54
N ASP H 206 -0.95 18.91 -9.35
CA ASP H 206 -0.85 20.25 -8.81
C ASP H 206 -0.66 20.29 -7.27
N SER H 207 -0.53 19.13 -6.61
CA SER H 207 -0.26 19.09 -5.18
C SER H 207 1.18 18.66 -4.90
N VAL H 208 2.03 18.61 -5.92
CA VAL H 208 3.46 18.27 -5.82
C VAL H 208 4.22 19.59 -5.82
N ASP H 209 4.86 19.92 -4.70
CA ASP H 209 5.64 21.13 -4.54
C ASP H 209 6.86 21.03 -5.46
N PRO H 210 6.94 21.92 -6.49
CA PRO H 210 8.06 21.83 -7.43
C PRO H 210 9.29 22.66 -7.03
N ARG H 211 9.32 23.25 -5.83
CA ARG H 211 10.46 24.03 -5.38
C ARG H 211 11.71 23.18 -5.15
N ILE H 212 12.90 23.81 -5.30
CA ILE H 212 14.17 23.13 -5.02
C ILE H 212 14.30 23.19 -3.50
N ALA H 213 14.58 22.06 -2.85
CA ALA H 213 14.80 22.07 -1.42
C ALA H 213 16.20 22.63 -1.12
N ASN H 214 16.37 23.32 0.00
CA ASN H 214 17.64 23.90 0.45
C ASN H 214 18.77 22.85 0.42
N VAL H 215 18.51 21.62 0.93
CA VAL H 215 19.48 20.51 0.94
C VAL H 215 19.97 20.13 -0.47
N PHE H 216 19.10 20.19 -1.49
CA PHE H 216 19.46 19.83 -2.86
C PHE H 216 20.57 20.74 -3.42
N THR H 217 20.59 22.02 -3.03
CA THR H 217 21.68 22.91 -3.48
C THR H 217 23.07 22.45 -3.03
N ASN H 218 23.15 21.64 -1.97
CA ASN H 218 24.43 21.16 -1.44
C ASN H 218 24.65 19.68 -1.80
N ALA H 219 23.55 18.87 -1.81
CA ALA H 219 23.60 17.45 -2.13
C ALA H 219 23.97 17.27 -3.58
N PHE H 220 23.40 18.11 -4.49
CA PHE H 220 23.74 18.00 -5.92
C PHE H 220 25.20 18.38 -6.24
N ARG H 221 25.93 18.97 -5.25
CA ARG H 221 27.33 19.24 -5.43
C ARG H 221 28.16 17.96 -5.46
N TYR H 222 27.53 16.76 -5.51
CA TYR H 222 28.23 15.48 -5.66
C TYR H 222 29.08 15.51 -6.97
N GLY H 223 28.61 16.25 -7.98
CA GLY H 223 29.24 16.41 -9.27
C GLY H 223 30.65 16.95 -9.18
N HIS H 224 31.01 17.57 -8.01
CA HIS H 224 32.38 18.04 -7.81
C HIS H 224 33.36 16.85 -7.75
N THR H 225 32.88 15.64 -7.36
CA THR H 225 33.70 14.42 -7.31
C THR H 225 34.00 13.85 -8.70
N LEU H 226 33.32 14.34 -9.76
CA LEU H 226 33.50 13.88 -11.15
C LEU H 226 34.48 14.75 -11.97
N ILE H 227 34.77 15.95 -11.49
CA ILE H 227 35.65 16.92 -12.13
C ILE H 227 37.09 16.41 -12.34
N GLN H 228 37.61 16.55 -13.57
CA GLN H 228 38.98 16.18 -13.94
C GLN H 228 39.88 17.42 -13.71
N PRO H 229 41.19 17.21 -13.46
CA PRO H 229 42.07 18.38 -13.24
C PRO H 229 42.45 19.17 -14.49
N PHE H 230 42.01 18.71 -15.67
CA PHE H 230 42.32 19.37 -16.92
C PHE H 230 41.08 19.65 -17.77
N MET H 231 41.23 20.59 -18.74
CA MET H 231 40.26 20.80 -19.79
C MET H 231 40.94 20.13 -21.01
N PHE H 232 40.29 19.13 -21.57
CA PHE H 232 40.86 18.37 -22.67
C PHE H 232 40.31 18.86 -24.00
N ARG H 233 41.19 19.18 -24.93
CA ARG H 233 40.78 19.62 -26.26
C ARG H 233 41.29 18.65 -27.31
N LEU H 234 40.37 18.21 -28.19
CA LEU H 234 40.71 17.23 -29.22
C LEU H 234 40.48 17.75 -30.66
N ASP H 235 41.37 17.42 -31.58
CA ASP H 235 41.25 17.85 -32.97
C ASP H 235 40.21 17.01 -33.74
N ASN H 236 40.08 17.26 -35.06
CA ASN H 236 39.18 16.57 -35.97
C ASN H 236 39.20 15.03 -35.83
N ARG H 237 40.38 14.42 -35.66
CA ARG H 237 40.54 12.97 -35.53
C ARG H 237 40.55 12.46 -34.08
N TYR H 238 40.10 13.29 -33.14
CA TYR H 238 40.03 13.02 -31.69
C TYR H 238 41.41 12.79 -31.05
N GLN H 239 42.44 13.39 -31.62
CA GLN H 239 43.80 13.36 -31.12
C GLN H 239 44.05 14.67 -30.37
N PRO H 240 44.95 14.69 -29.36
CA PRO H 240 45.19 15.94 -28.62
C PRO H 240 45.44 17.19 -29.48
N MET H 241 44.70 18.26 -29.22
CA MET H 241 44.82 19.52 -29.96
C MET H 241 45.98 20.34 -29.39
N GLU H 242 47.17 20.20 -30.00
CA GLU H 242 48.39 20.89 -29.58
C GLU H 242 48.55 22.29 -30.24
N PRO H 243 49.15 23.27 -29.55
CA PRO H 243 49.65 23.20 -28.18
C PRO H 243 48.53 23.30 -27.14
N ASN H 244 48.84 22.83 -25.92
CA ASN H 244 47.96 22.81 -24.75
C ASN H 244 46.73 21.92 -24.93
N PRO H 245 46.93 20.62 -25.20
CA PRO H 245 45.76 19.73 -25.34
C PRO H 245 45.09 19.42 -24.01
N ARG H 246 45.82 19.58 -22.87
CA ARG H 246 45.29 19.34 -21.53
C ARG H 246 45.63 20.54 -20.67
N VAL H 247 44.67 21.44 -20.40
CA VAL H 247 44.93 22.66 -19.64
C VAL H 247 44.52 22.49 -18.17
N PRO H 248 45.42 22.80 -17.23
CA PRO H 248 45.04 22.73 -15.81
C PRO H 248 43.82 23.60 -15.51
N LEU H 249 42.82 23.08 -14.80
CA LEU H 249 41.61 23.81 -14.50
C LEU H 249 41.86 25.15 -13.82
N SER H 250 42.89 25.26 -12.96
CA SER H 250 43.21 26.55 -12.31
C SER H 250 43.61 27.66 -13.30
N ARG H 251 43.74 27.31 -14.59
CA ARG H 251 44.03 28.20 -15.70
C ARG H 251 42.83 28.39 -16.65
N VAL H 252 41.71 27.64 -16.48
CA VAL H 252 40.54 27.79 -17.36
C VAL H 252 39.32 28.49 -16.67
N PHE H 253 39.28 28.59 -15.31
CA PHE H 253 38.16 29.24 -14.63
C PHE H 253 38.02 30.70 -15.09
N PHE H 254 36.84 31.11 -15.62
CA PHE H 254 36.54 32.43 -16.19
C PHE H 254 37.36 32.76 -17.45
N ALA H 255 37.98 31.76 -18.09
CA ALA H 255 38.83 32.01 -19.27
C ALA H 255 38.06 32.01 -20.59
N SER H 256 37.11 32.95 -20.74
CA SER H 256 36.33 33.09 -21.97
C SER H 256 37.20 33.33 -23.22
N TRP H 257 38.43 33.84 -23.03
CA TRP H 257 39.35 34.06 -24.14
C TRP H 257 39.75 32.72 -24.79
N ARG H 258 39.80 31.61 -24.00
CA ARG H 258 40.15 30.31 -24.57
C ARG H 258 39.07 29.78 -25.55
N VAL H 259 37.84 30.32 -25.51
CA VAL H 259 36.78 29.93 -26.44
C VAL H 259 36.91 30.78 -27.71
N VAL H 260 37.14 32.09 -27.55
CA VAL H 260 37.27 33.05 -28.65
C VAL H 260 38.54 32.88 -29.48
N LEU H 261 39.67 32.74 -28.79
CA LEU H 261 40.97 32.69 -29.44
C LEU H 261 41.62 31.31 -29.56
N GLU H 262 41.32 30.35 -28.66
CA GLU H 262 41.97 29.04 -28.71
C GLU H 262 41.14 27.91 -29.34
N GLY H 263 40.41 28.22 -30.42
CA GLY H 263 39.73 27.19 -31.18
C GLY H 263 38.23 27.00 -31.16
N GLY H 264 37.50 27.78 -30.38
CA GLY H 264 36.05 27.64 -30.31
C GLY H 264 35.59 26.47 -29.48
N ILE H 265 34.30 26.12 -29.59
CA ILE H 265 33.67 25.09 -28.77
C ILE H 265 33.86 23.66 -29.32
N ASP H 266 34.16 23.49 -30.61
CA ASP H 266 34.33 22.14 -31.19
C ASP H 266 35.40 21.28 -30.48
N PRO H 267 36.64 21.76 -30.25
CA PRO H 267 37.63 20.92 -29.56
C PRO H 267 37.26 20.65 -28.12
N ILE H 268 36.47 21.54 -27.48
CA ILE H 268 36.04 21.37 -26.08
C ILE H 268 35.00 20.29 -25.98
N LEU H 269 34.03 20.29 -26.91
CA LEU H 269 32.97 19.29 -26.96
C LEU H 269 33.53 17.91 -27.29
N ARG H 270 34.54 17.82 -28.18
CA ARG H 270 35.21 16.56 -28.53
C ARG H 270 35.88 15.97 -27.28
N GLY H 271 36.56 16.85 -26.52
CA GLY H 271 37.24 16.48 -25.29
C GLY H 271 36.27 15.97 -24.26
N LEU H 272 35.08 16.58 -24.14
CA LEU H 272 34.08 16.15 -23.14
C LEU H 272 33.53 14.78 -23.47
N MET H 273 33.32 14.49 -24.74
CA MET H 273 32.76 13.23 -25.19
C MET H 273 33.75 12.07 -25.12
N ALA H 274 35.01 12.30 -25.55
CA ALA H 274 36.03 11.26 -25.62
C ALA H 274 37.00 11.16 -24.44
N THR H 275 36.72 11.84 -23.32
CA THR H 275 37.57 11.73 -22.13
C THR H 275 36.71 11.19 -21.03
N PRO H 276 37.20 10.19 -20.29
CA PRO H 276 36.42 9.69 -19.16
C PRO H 276 36.34 10.67 -18.00
N ALA H 277 35.27 10.62 -17.22
CA ALA H 277 35.09 11.46 -16.05
C ALA H 277 35.98 10.93 -14.89
N LYS H 278 36.18 11.72 -13.81
CA LYS H 278 36.90 11.24 -12.64
C LYS H 278 35.95 10.33 -11.87
N LEU H 279 36.42 9.14 -11.49
CA LEU H 279 35.59 8.25 -10.69
C LEU H 279 35.70 8.65 -9.21
N ASN H 280 34.57 8.84 -8.52
CA ASN H 280 34.58 9.12 -7.09
C ASN H 280 34.92 7.79 -6.35
N ARG H 281 35.98 7.84 -5.53
CA ARG H 281 36.48 6.74 -4.70
C ARG H 281 36.65 7.29 -3.29
N GLN H 282 36.41 6.48 -2.25
CA GLN H 282 36.48 6.96 -0.87
C GLN H 282 37.84 7.51 -0.43
N ASN H 283 38.89 7.21 -1.17
CA ASN H 283 40.22 7.76 -0.89
C ASN H 283 40.74 8.71 -2.00
N GLN H 284 39.84 9.12 -2.94
CA GLN H 284 40.09 10.00 -4.08
C GLN H 284 38.77 10.74 -4.32
N ILE H 285 38.33 11.53 -3.34
CA ILE H 285 37.05 12.23 -3.45
C ILE H 285 37.05 13.42 -4.45
N ALA H 286 37.91 14.45 -4.27
CA ALA H 286 37.91 15.60 -5.18
C ALA H 286 39.32 16.11 -5.46
N VAL H 287 39.61 16.52 -6.74
CA VAL H 287 40.96 16.94 -7.16
C VAL H 287 41.43 18.28 -6.60
N ASP H 288 42.75 18.47 -6.50
CA ASP H 288 43.33 19.68 -5.94
C ASP H 288 43.22 20.90 -6.87
N GLU H 289 42.72 20.75 -8.13
CA GLU H 289 42.51 21.94 -8.99
C GLU H 289 41.37 22.81 -8.47
N ILE H 290 40.39 22.18 -7.79
CA ILE H 290 39.24 22.82 -7.13
C ILE H 290 39.44 22.84 -5.59
N ARG H 291 40.19 21.88 -5.02
CA ARG H 291 40.45 21.84 -3.58
C ARG H 291 41.52 22.86 -3.16
N GLU H 292 42.41 23.28 -4.08
CA GLU H 292 43.50 24.21 -3.74
C GLU H 292 43.58 25.42 -4.64
N ARG H 293 43.22 25.28 -5.91
CA ARG H 293 43.42 26.34 -6.86
C ARG H 293 42.13 26.87 -7.48
N LEU H 294 40.99 26.76 -6.75
CA LEU H 294 39.70 27.23 -7.28
C LEU H 294 39.67 28.74 -7.45
N PHE H 295 39.48 29.19 -8.71
CA PHE H 295 39.43 30.60 -9.12
C PHE H 295 40.71 31.32 -8.69
N GLU H 296 41.87 30.63 -8.66
CA GLU H 296 43.11 31.23 -8.18
C GLU H 296 43.70 32.34 -9.05
N GLN H 297 43.29 32.41 -10.32
CA GLN H 297 43.77 33.47 -11.20
C GLN H 297 43.06 34.83 -10.93
N VAL H 298 41.83 34.80 -10.36
CA VAL H 298 41.07 36.04 -10.13
C VAL H 298 40.88 36.44 -8.68
N MET H 299 41.31 35.59 -7.74
CA MET H 299 41.15 35.91 -6.31
C MET H 299 42.50 36.16 -5.66
N ARG H 300 42.49 36.72 -4.43
CA ARG H 300 43.74 36.93 -3.69
C ARG H 300 44.35 35.62 -3.18
N ILE H 301 43.58 34.52 -3.17
CA ILE H 301 43.97 33.20 -2.70
C ILE H 301 43.09 32.15 -3.40
N GLY H 302 43.65 30.98 -3.68
CA GLY H 302 42.90 29.91 -4.32
C GLY H 302 41.90 29.32 -3.34
N LEU H 303 40.63 29.23 -3.73
CA LEU H 303 39.61 28.68 -2.84
C LEU H 303 39.67 27.11 -2.81
N ASP H 304 38.92 26.52 -1.88
CA ASP H 304 38.81 25.07 -1.65
C ASP H 304 37.31 24.75 -1.84
N LEU H 305 36.93 24.24 -3.02
CA LEU H 305 35.52 23.96 -3.34
C LEU H 305 34.88 22.98 -2.33
N PRO H 306 35.45 21.80 -2.03
CA PRO H 306 34.84 20.93 -0.99
C PRO H 306 34.60 21.63 0.36
N ALA H 307 35.53 22.49 0.79
CA ALA H 307 35.40 23.20 2.06
C ALA H 307 34.32 24.25 1.96
N LEU H 308 34.23 24.95 0.82
CA LEU H 308 33.17 25.93 0.59
C LEU H 308 31.80 25.27 0.68
N ASN H 309 31.65 24.03 0.17
CA ASN H 309 30.36 23.32 0.24
C ASN H 309 29.95 23.05 1.66
N MET H 310 30.92 22.68 2.50
CA MET H 310 30.65 22.34 3.89
C MET H 310 30.32 23.57 4.66
N GLN H 311 31.08 24.66 4.46
CA GLN H 311 30.75 25.94 5.12
C GLN H 311 29.38 26.43 4.64
N ARG H 312 29.08 26.23 3.34
CA ARG H 312 27.80 26.61 2.77
C ARG H 312 26.64 25.85 3.42
N SER H 313 26.79 24.53 3.69
CA SER H 313 25.74 23.80 4.38
C SER H 313 25.51 24.34 5.79
N ARG H 314 26.59 24.79 6.47
CA ARG H 314 26.46 25.37 7.80
C ARG H 314 25.80 26.73 7.74
N ASP H 315 26.18 27.54 6.74
CA ASP H 315 25.58 28.86 6.46
C ASP H 315 24.07 28.67 6.24
N HIS H 316 23.70 27.63 5.49
CA HIS H 316 22.34 27.27 5.16
C HIS H 316 21.59 26.54 6.28
N GLY H 317 22.24 26.31 7.43
CA GLY H 317 21.66 25.65 8.59
C GLY H 317 21.16 24.25 8.29
N LEU H 318 21.87 23.51 7.42
CA LEU H 318 21.39 22.18 7.08
C LEU H 318 21.69 21.20 8.19
N PRO H 319 20.73 20.34 8.57
CA PRO H 319 21.05 19.25 9.51
C PRO H 319 22.19 18.36 8.98
N GLY H 320 22.82 17.61 9.89
CA GLY H 320 23.93 16.74 9.52
C GLY H 320 23.47 15.45 8.89
N TYR H 321 24.43 14.57 8.67
CA TYR H 321 24.32 13.30 8.00
C TYR H 321 23.19 12.38 8.53
N ASN H 322 23.19 12.04 9.83
CA ASN H 322 22.19 11.16 10.42
C ASN H 322 20.74 11.66 10.26
N ALA H 323 20.48 12.96 10.44
CA ALA H 323 19.11 13.50 10.27
C ALA H 323 18.61 13.30 8.83
N TRP H 324 19.51 13.44 7.84
CA TRP H 324 19.14 13.21 6.45
C TRP H 324 19.01 11.72 6.19
N ARG H 325 19.82 10.88 6.87
CA ARG H 325 19.70 9.43 6.78
C ARG H 325 18.32 9.01 7.24
N ARG H 326 17.85 9.58 8.36
CA ARG H 326 16.55 9.34 8.98
C ARG H 326 15.45 9.79 8.06
N PHE H 327 15.55 11.02 7.52
CA PHE H 327 14.58 11.59 6.57
C PHE H 327 14.37 10.62 5.38
N CYS H 328 15.43 10.00 4.89
CA CYS H 328 15.36 9.06 3.76
C CYS H 328 14.90 7.63 4.15
N GLY H 329 14.69 7.36 5.44
CA GLY H 329 14.36 6.03 5.94
C GLY H 329 15.56 5.10 5.90
N LEU H 330 16.77 5.66 6.11
CA LEU H 330 18.01 4.90 6.07
C LEU H 330 18.59 4.79 7.49
N PRO H 331 19.22 3.66 7.82
CA PRO H 331 19.80 3.50 9.17
C PRO H 331 20.77 4.61 9.55
N GLN H 332 20.75 5.04 10.82
CA GLN H 332 21.59 6.13 11.26
C GLN H 332 22.68 5.67 12.20
N PRO H 333 23.93 5.53 11.68
CA PRO H 333 25.03 5.06 12.54
C PRO H 333 25.39 5.99 13.69
N GLU H 334 25.56 5.44 14.92
CA GLU H 334 25.91 6.26 16.08
C GLU H 334 27.42 6.19 16.39
N THR H 335 28.04 5.03 16.12
CA THR H 335 29.43 4.82 16.45
C THR H 335 30.29 4.60 15.18
N VAL H 336 31.62 4.59 15.35
CA VAL H 336 32.55 4.35 14.25
C VAL H 336 32.41 2.93 13.64
N GLY H 337 32.00 1.98 14.46
CA GLY H 337 31.80 0.62 13.98
C GLY H 337 30.63 0.51 13.05
N GLN H 338 29.54 1.24 13.38
CA GLN H 338 28.34 1.28 12.57
C GLN H 338 28.57 2.09 11.33
N LEU H 339 29.25 3.24 11.45
CA LEU H 339 29.55 4.07 10.29
C LEU H 339 30.44 3.30 9.29
N GLY H 340 31.34 2.47 9.82
CA GLY H 340 32.22 1.66 9.00
C GLY H 340 31.43 0.68 8.16
N THR H 341 30.35 0.13 8.73
CA THR H 341 29.44 -0.80 8.06
C THR H 341 28.68 -0.06 6.97
N VAL H 342 28.16 1.14 7.27
CA VAL H 342 27.43 1.93 6.28
C VAL H 342 28.33 2.27 5.08
N LEU H 343 29.54 2.78 5.34
CA LEU H 343 30.46 3.16 4.28
C LEU H 343 31.23 1.97 3.69
N ARG H 344 31.09 0.74 4.24
CA ARG H 344 31.88 -0.44 3.83
C ARG H 344 33.38 -0.07 3.83
N ASN H 345 33.81 0.76 4.82
CA ASN H 345 35.15 1.32 4.89
C ASN H 345 35.43 1.88 6.30
N LEU H 346 35.97 1.04 7.20
CA LEU H 346 36.28 1.43 8.57
C LEU H 346 37.36 2.54 8.62
N LYS H 347 38.28 2.58 7.64
CA LYS H 347 39.37 3.56 7.63
C LYS H 347 38.79 4.95 7.51
N LEU H 348 37.86 5.13 6.56
CA LEU H 348 37.22 6.41 6.30
C LEU H 348 36.29 6.78 7.45
N ALA H 349 35.59 5.79 8.05
CA ALA H 349 34.70 6.06 9.17
C ALA H 349 35.49 6.59 10.36
N ARG H 350 36.69 6.01 10.62
CA ARG H 350 37.62 6.44 11.68
C ARG H 350 38.06 7.88 11.45
N LYS H 351 38.39 8.23 10.18
CA LYS H 351 38.81 9.56 9.77
C LYS H 351 37.68 10.54 9.98
N LEU H 352 36.46 10.15 9.61
CA LEU H 352 35.28 11.01 9.74
C LEU H 352 34.94 11.23 11.21
N MET H 353 35.02 10.19 12.04
CA MET H 353 34.75 10.31 13.48
C MET H 353 35.79 11.19 14.18
N GLU H 354 37.03 11.19 13.67
CA GLU H 354 38.09 11.98 14.24
C GLU H 354 37.82 13.47 14.02
N GLN H 355 37.21 13.82 12.87
CA GLN H 355 36.89 15.21 12.57
C GLN H 355 35.59 15.63 13.23
N TYR H 356 34.54 14.83 13.08
CA TYR H 356 33.21 15.21 13.50
C TYR H 356 32.78 14.81 14.90
N GLY H 357 33.30 13.70 15.41
CA GLY H 357 32.97 13.23 16.75
C GLY H 357 31.74 12.35 16.80
N THR H 358 30.78 12.62 15.92
CA THR H 358 29.53 11.87 15.80
C THR H 358 29.03 11.92 14.37
N PRO H 359 28.45 10.83 13.86
CA PRO H 359 27.87 10.86 12.51
C PRO H 359 26.69 11.85 12.38
N ASN H 360 26.15 12.33 13.51
CA ASN H 360 25.10 13.34 13.49
C ASN H 360 25.62 14.66 12.91
N ASN H 361 26.92 14.97 13.10
CA ASN H 361 27.51 16.24 12.69
C ASN H 361 28.20 16.22 11.36
N ILE H 362 28.36 15.07 10.68
CA ILE H 362 29.02 15.02 9.37
C ILE H 362 28.25 15.90 8.37
N ASP H 363 28.93 16.86 7.71
CA ASP H 363 28.26 17.77 6.78
C ASP H 363 27.62 16.99 5.62
N ILE H 364 26.39 17.33 5.23
CA ILE H 364 25.63 16.60 4.21
C ILE H 364 26.46 16.32 2.91
N TRP H 365 27.22 17.27 2.34
CA TRP H 365 28.02 16.95 1.15
C TRP H 365 29.07 15.89 1.47
N MET H 366 29.80 16.08 2.57
CA MET H 366 30.85 15.17 2.99
C MET H 366 30.35 13.73 3.26
N GLY H 367 29.28 13.58 4.02
CA GLY H 367 28.68 12.29 4.31
C GLY H 367 28.15 11.62 3.06
N GLY H 368 27.47 12.43 2.24
CA GLY H 368 26.91 11.99 0.96
C GLY H 368 27.96 11.48 -0.02
N VAL H 369 29.03 12.23 -0.30
CA VAL H 369 30.07 11.76 -1.25
C VAL H 369 30.97 10.63 -0.69
N SER H 370 30.87 10.33 0.63
CA SER H 370 31.63 9.27 1.29
C SER H 370 30.97 7.91 1.13
N GLU H 371 29.65 7.84 1.00
CA GLU H 371 28.93 6.56 0.89
C GLU H 371 29.33 5.79 -0.37
N PRO H 372 29.32 4.46 -0.31
CA PRO H 372 29.66 3.67 -1.49
C PRO H 372 28.61 3.86 -2.59
N LEU H 373 29.04 3.88 -3.86
CA LEU H 373 28.17 4.10 -5.00
C LEU H 373 27.20 2.94 -5.23
N LYS H 374 25.99 3.24 -5.72
CA LYS H 374 25.03 2.20 -6.01
C LYS H 374 25.35 1.53 -7.36
N ARG H 375 25.05 0.23 -7.54
CA ARG H 375 25.31 -0.51 -8.78
C ARG H 375 24.81 0.24 -10.02
N LYS H 376 25.73 0.55 -10.96
CA LYS H 376 25.45 1.31 -12.20
C LYS H 376 24.99 2.77 -11.94
N GLY H 377 25.38 3.32 -10.79
CA GLY H 377 25.07 4.68 -10.36
C GLY H 377 26.31 5.37 -9.81
N ARG H 378 26.27 6.71 -9.74
CA ARG H 378 27.44 7.44 -9.26
C ARG H 378 27.21 8.16 -7.94
N VAL H 379 26.18 7.78 -7.18
CA VAL H 379 25.89 8.31 -5.83
C VAL H 379 25.53 7.13 -4.93
N GLY H 380 25.66 7.33 -3.63
CA GLY H 380 25.24 6.33 -2.65
C GLY H 380 23.77 6.46 -2.29
N PRO H 381 23.29 5.63 -1.35
CA PRO H 381 21.85 5.66 -0.97
C PRO H 381 21.25 7.01 -0.52
N LEU H 382 21.98 7.78 0.31
CA LEU H 382 21.50 9.08 0.78
C LEU H 382 21.36 10.10 -0.35
N LEU H 383 22.40 10.30 -1.16
CA LEU H 383 22.34 11.25 -2.25
C LEU H 383 21.36 10.82 -3.29
N ALA H 384 21.22 9.49 -3.52
CA ALA H 384 20.23 8.95 -4.46
C ALA H 384 18.80 9.37 -4.01
N CYS H 385 18.56 9.38 -2.70
CA CYS H 385 17.29 9.78 -2.17
C CYS H 385 17.00 11.26 -2.35
N ILE H 386 17.93 12.14 -1.92
CA ILE H 386 17.73 13.56 -2.04
C ILE H 386 17.61 13.96 -3.51
N ILE H 387 18.51 13.46 -4.36
CA ILE H 387 18.47 13.79 -5.77
C ILE H 387 17.20 13.25 -6.43
N GLY H 388 16.87 11.99 -6.18
CA GLY H 388 15.70 11.36 -6.78
C GLY H 388 14.40 12.00 -6.36
N THR H 389 14.28 12.32 -5.07
CA THR H 389 13.11 13.00 -4.52
C THR H 389 12.94 14.37 -5.17
N GLN H 390 14.05 15.10 -5.37
CA GLN H 390 13.99 16.39 -6.01
C GLN H 390 13.51 16.29 -7.45
N PHE H 391 14.14 15.43 -8.26
CA PHE H 391 13.77 15.32 -9.66
C PHE H 391 12.33 14.77 -9.90
N ARG H 392 11.76 14.04 -8.92
CA ARG H 392 10.37 13.62 -9.09
C ARG H 392 9.42 14.80 -8.92
N LYS H 393 9.74 15.68 -7.95
CA LYS H 393 8.98 16.88 -7.69
C LYS H 393 9.03 17.83 -8.89
N LEU H 394 10.19 17.94 -9.55
CA LEU H 394 10.31 18.78 -10.74
C LEU H 394 9.55 18.25 -11.95
N ARG H 395 9.30 16.94 -11.98
CA ARG H 395 8.61 16.31 -13.09
C ARG H 395 7.09 16.31 -12.84
N ASP H 396 6.68 15.69 -11.75
CA ASP H 396 5.27 15.58 -11.40
C ASP H 396 4.62 16.90 -10.98
N GLY H 397 5.42 17.91 -10.63
CA GLY H 397 4.94 19.23 -10.27
C GLY H 397 5.10 20.27 -11.37
N ASP H 398 5.42 19.84 -12.60
CA ASP H 398 5.60 20.72 -13.75
C ASP H 398 4.37 20.66 -14.69
N ARG H 399 3.60 21.75 -14.76
CA ARG H 399 2.44 21.81 -15.64
C ARG H 399 2.83 21.80 -17.12
N PHE H 400 4.06 22.24 -17.44
CA PHE H 400 4.59 22.26 -18.80
C PHE H 400 5.55 21.11 -19.06
N TRP H 401 5.42 19.97 -18.33
CA TRP H 401 6.26 18.80 -18.55
C TRP H 401 5.95 18.27 -19.94
N TRP H 402 6.97 17.97 -20.75
CA TRP H 402 6.77 17.61 -22.16
C TRP H 402 5.74 16.47 -22.39
N GLU H 403 5.63 15.50 -21.46
CA GLU H 403 4.66 14.41 -21.59
C GLU H 403 3.25 14.72 -21.07
N ASN H 404 3.05 15.86 -20.38
CA ASN H 404 1.74 16.23 -19.84
C ASN H 404 0.79 16.55 -20.97
N GLU H 405 -0.44 15.99 -20.95
CA GLU H 405 -1.43 16.20 -22.02
C GLU H 405 -1.71 17.68 -22.22
N GLY H 406 -1.65 18.12 -23.47
CA GLY H 406 -1.88 19.53 -23.78
C GLY H 406 -0.63 20.34 -24.03
N VAL H 407 0.53 19.87 -23.55
CA VAL H 407 1.79 20.59 -23.78
C VAL H 407 2.19 20.38 -25.26
N PHE H 408 2.38 19.11 -25.66
CA PHE H 408 2.66 18.77 -27.04
C PHE H 408 1.57 17.82 -27.57
N SER H 409 1.47 17.69 -28.89
CA SER H 409 0.55 16.74 -29.50
C SER H 409 1.15 15.31 -29.41
N MET H 410 0.33 14.26 -29.61
CA MET H 410 0.82 12.86 -29.64
C MET H 410 1.96 12.71 -30.67
N GLN H 411 1.81 13.36 -31.84
CA GLN H 411 2.79 13.33 -32.93
C GLN H 411 4.08 14.10 -32.57
N GLN H 412 3.95 15.28 -31.90
CA GLN H 412 5.11 16.06 -31.49
C GLN H 412 5.89 15.32 -30.42
N ARG H 413 5.21 14.60 -29.51
CA ARG H 413 5.89 13.81 -28.49
C ARG H 413 6.65 12.67 -29.16
N GLN H 414 6.01 12.00 -30.15
CA GLN H 414 6.62 10.92 -30.92
C GLN H 414 7.92 11.41 -31.62
N ALA H 415 7.90 12.67 -32.11
CA ALA H 415 9.03 13.32 -32.77
C ALA H 415 10.15 13.67 -31.76
N LEU H 416 9.77 14.22 -30.59
CA LEU H 416 10.70 14.63 -29.53
C LEU H 416 11.44 13.45 -28.91
N ALA H 417 10.82 12.26 -28.90
CA ALA H 417 11.46 11.08 -28.36
C ALA H 417 12.74 10.69 -29.13
N GLN H 418 12.88 11.14 -30.40
CA GLN H 418 14.04 10.82 -31.21
C GLN H 418 15.26 11.69 -30.99
N ILE H 419 15.13 12.74 -30.14
CA ILE H 419 16.27 13.61 -29.88
C ILE H 419 17.37 12.89 -29.04
N SER H 420 18.56 13.47 -29.05
CA SER H 420 19.72 13.05 -28.29
C SER H 420 20.73 14.20 -28.29
N LEU H 421 21.59 14.24 -27.27
CA LEU H 421 22.64 15.24 -27.19
C LEU H 421 23.68 15.12 -28.37
N PRO H 422 24.12 13.90 -28.79
CA PRO H 422 25.04 13.83 -29.94
C PRO H 422 24.45 14.45 -31.20
N ARG H 423 23.14 14.27 -31.43
CA ARG H 423 22.46 14.83 -32.59
C ARG H 423 22.46 16.37 -32.53
N ILE H 424 22.22 16.95 -31.33
CA ILE H 424 22.25 18.40 -31.11
C ILE H 424 23.64 18.97 -31.46
N ILE H 425 24.70 18.22 -31.18
CA ILE H 425 26.07 18.59 -31.52
C ILE H 425 26.30 18.55 -33.07
N CYS H 426 25.78 17.51 -33.77
CA CYS H 426 25.90 17.40 -35.23
C CYS H 426 25.29 18.61 -35.91
N ASP H 427 24.08 18.98 -35.46
CA ASP H 427 23.31 20.05 -36.05
C ASP H 427 23.90 21.43 -35.83
N ASN H 428 24.72 21.61 -34.78
CA ASN H 428 25.20 22.95 -34.44
C ASN H 428 26.73 23.14 -34.39
N THR H 429 27.52 22.15 -34.86
CA THR H 429 28.99 22.26 -34.82
C THR H 429 29.61 21.70 -36.13
N GLY H 430 30.94 21.81 -36.25
CA GLY H 430 31.68 21.21 -37.35
C GLY H 430 32.20 19.81 -36.99
N ILE H 431 31.60 19.19 -35.94
CA ILE H 431 31.95 17.83 -35.50
C ILE H 431 31.13 16.84 -36.30
N THR H 432 31.83 15.92 -37.01
CA THR H 432 31.13 14.95 -37.86
C THR H 432 31.08 13.52 -37.26
N THR H 433 31.82 13.27 -36.17
CA THR H 433 31.83 11.98 -35.49
C THR H 433 31.49 12.24 -34.01
N VAL H 434 30.35 11.75 -33.53
CA VAL H 434 29.87 11.98 -32.16
C VAL H 434 29.70 10.68 -31.34
N SER H 435 29.48 10.79 -30.01
CA SER H 435 29.29 9.66 -29.09
C SER H 435 28.10 8.78 -29.49
N LYS H 436 28.24 7.45 -29.35
CA LYS H 436 27.14 6.54 -29.56
C LYS H 436 26.32 6.61 -28.26
N ASN H 437 24.99 6.72 -28.36
CA ASN H 437 24.13 6.81 -27.17
C ASN H 437 24.23 5.55 -26.28
N ASN H 438 24.26 5.68 -24.93
CA ASN H 438 24.13 6.89 -24.11
C ASN H 438 25.42 7.71 -24.10
N ILE H 439 25.35 9.00 -24.48
CA ILE H 439 26.50 9.93 -24.54
C ILE H 439 27.25 10.05 -23.20
N PHE H 440 26.54 9.90 -22.09
CA PHE H 440 27.11 9.98 -20.75
C PHE H 440 27.93 8.75 -20.37
N MET H 441 27.71 7.62 -21.03
CA MET H 441 28.47 6.40 -20.77
C MET H 441 29.62 6.24 -21.78
N SER H 442 29.36 6.57 -23.05
CA SER H 442 30.36 6.49 -24.12
C SER H 442 31.52 7.45 -23.81
N ASN H 443 32.78 6.96 -23.88
CA ASN H 443 33.94 7.80 -23.55
C ASN H 443 35.27 7.37 -24.21
N SER H 444 35.24 6.46 -25.19
CA SER H 444 36.48 6.02 -25.81
C SER H 444 36.44 6.07 -27.32
N TYR H 445 37.38 6.81 -27.92
CA TYR H 445 37.44 6.92 -29.37
C TYR H 445 38.39 5.86 -29.98
N PRO H 446 37.96 5.15 -31.03
CA PRO H 446 36.68 5.25 -31.75
C PRO H 446 35.67 4.16 -31.40
N ARG H 447 35.87 3.42 -30.31
CA ARG H 447 35.00 2.32 -29.89
C ARG H 447 33.57 2.78 -29.64
N ASP H 448 33.41 3.86 -28.88
CA ASP H 448 32.08 4.37 -28.53
C ASP H 448 31.62 5.51 -29.44
N PHE H 449 32.14 5.60 -30.67
CA PHE H 449 31.78 6.72 -31.55
C PHE H 449 31.07 6.29 -32.83
N VAL H 450 30.18 7.15 -33.34
CA VAL H 450 29.42 6.90 -34.57
C VAL H 450 29.43 8.15 -35.49
N ASN H 451 29.08 7.96 -36.79
CA ASN H 451 29.03 9.09 -37.70
C ASN H 451 27.71 9.85 -37.56
N CYS H 452 27.75 11.18 -37.74
CA CYS H 452 26.61 12.08 -37.63
C CYS H 452 25.45 11.74 -38.57
N SER H 453 25.77 11.12 -39.71
CA SER H 453 24.79 10.70 -40.71
C SER H 453 23.88 9.57 -40.18
N THR H 454 24.42 8.69 -39.32
CA THR H 454 23.70 7.55 -38.74
C THR H 454 22.59 7.96 -37.78
N LEU H 455 22.77 9.10 -37.10
CA LEU H 455 21.79 9.58 -36.13
C LEU H 455 20.68 10.33 -36.86
N PRO H 456 19.41 10.10 -36.49
CA PRO H 456 18.31 10.81 -37.17
C PRO H 456 18.03 12.17 -36.53
N ALA H 457 17.68 13.14 -37.38
CA ALA H 457 17.38 14.51 -36.95
C ALA H 457 15.95 14.64 -36.31
N LEU H 458 15.67 15.77 -35.64
CA LEU H 458 14.34 16.01 -35.09
C LEU H 458 13.48 16.48 -36.26
N ASN H 459 12.41 15.72 -36.58
CA ASN H 459 11.47 16.06 -37.65
C ASN H 459 10.42 17.04 -37.11
N LEU H 460 10.40 18.26 -37.66
CA LEU H 460 9.45 19.28 -37.22
C LEU H 460 8.13 19.28 -37.97
N ALA H 461 7.85 18.25 -38.81
CA ALA H 461 6.62 18.15 -39.59
C ALA H 461 5.34 18.38 -38.79
N SER H 462 5.25 17.82 -37.57
CA SER H 462 4.04 18.00 -36.75
C SER H 462 3.88 19.41 -36.14
N TRP H 463 4.80 20.33 -36.43
CA TRP H 463 4.74 21.69 -35.93
C TRP H 463 4.08 22.68 -36.91
N ARG H 464 3.75 22.24 -38.14
CA ARG H 464 3.13 23.08 -39.16
C ARG H 464 1.64 23.37 -38.92
N GLU H 465 1.21 24.60 -39.20
CA GLU H 465 -0.18 25.02 -39.07
C GLU H 465 -0.76 25.32 -40.46
C1 NAG I . -10.95 -40.83 -0.19
C2 NAG I . -11.42 -41.98 -1.08
C3 NAG I . -10.88 -41.61 -2.46
C4 NAG I . -11.39 -40.25 -2.95
C5 NAG I . -11.20 -39.16 -1.89
C6 NAG I . -12.02 -37.91 -2.16
C7 NAG I . -11.44 -44.23 -0.05
C8 NAG I . -10.61 -45.41 0.34
N2 NAG I . -10.77 -43.18 -0.58
O3 NAG I . -11.22 -42.61 -3.42
O4 NAG I . -10.61 -39.86 -4.08
O5 NAG I . -11.62 -39.63 -0.61
O6 NAG I . -13.36 -38.28 -2.42
O7 NAG I . -12.65 -44.21 0.11
C1 NAG I . -11.27 -39.47 -5.25
C2 NAG I . -10.32 -38.59 -6.06
C3 NAG I . -11.10 -38.22 -7.33
C4 NAG I . -11.52 -39.48 -8.09
C5 NAG I . -12.40 -40.35 -7.19
C6 NAG I . -12.72 -41.68 -7.82
C7 NAG I . -8.86 -37.24 -4.61
C8 NAG I . -8.76 -35.97 -3.82
N2 NAG I . -10.02 -37.41 -5.28
O3 NAG I . -10.35 -37.36 -8.17
O4 NAG I . -12.24 -39.15 -9.27
O5 NAG I . -11.69 -40.62 -5.97
O6 NAG I . -11.54 -42.44 -8.02
O7 NAG I . -7.95 -38.07 -4.63
C1 BMA I . -11.60 -39.41 -10.50
C2 BMA I . -12.66 -39.80 -11.53
C3 BMA I . -12.01 -39.99 -12.89
C4 BMA I . -11.14 -38.79 -13.28
C5 BMA I . -10.18 -38.41 -12.15
C6 BMA I . -9.43 -37.10 -12.37
O2 BMA I . -13.71 -38.85 -11.58
O3 BMA I . -13.03 -40.19 -13.85
O4 BMA I . -10.37 -39.10 -14.43
O5 BMA I . -10.92 -38.24 -10.93
O6 BMA I . -10.31 -36.02 -12.69
C1 MAN I . -12.81 -41.08 -14.93
C2 MAN I . -13.98 -40.95 -15.91
C3 MAN I . -15.25 -41.45 -15.24
C4 MAN I . -15.09 -42.89 -14.77
C5 MAN I . -13.84 -43.06 -13.89
C6 MAN I . -13.48 -44.52 -13.69
O2 MAN I . -13.72 -41.71 -17.09
O3 MAN I . -16.37 -41.29 -16.10
O4 MAN I . -16.23 -43.23 -14.00
O5 MAN I . -12.68 -42.45 -14.48
O6 MAN I . -12.21 -44.68 -13.07
C1 MAN I . -10.91 -35.39 -11.59
C2 MAN I . -12.42 -35.31 -11.87
C3 MAN I . -12.66 -34.34 -13.01
C4 MAN I . -12.03 -32.96 -12.73
C5 MAN I . -10.56 -33.09 -12.35
C6 MAN I . -9.95 -31.80 -11.83
O2 MAN I . -13.11 -34.91 -10.69
O3 MAN I . -14.05 -34.20 -13.26
O4 MAN I . -12.15 -32.12 -13.88
O5 MAN I . -10.38 -34.09 -11.32
O6 MAN I . -10.55 -31.40 -10.59
C1 FUC I . -14.24 -37.22 -2.63
C2 FUC I . -15.38 -37.73 -3.48
C3 FUC I . -16.26 -38.69 -2.68
C4 FUC I . -16.67 -38.11 -1.32
C5 FUC I . -15.46 -37.57 -0.56
C6 FUC I . -15.79 -36.87 0.74
O2 FUC I . -14.89 -38.39 -4.65
O3 FUC I . -17.44 -38.97 -3.43
O4 FUC I . -17.66 -37.09 -1.50
O5 FUC I . -14.73 -36.66 -1.41
C1 NAG J . 32.74 -21.11 -33.48
C2 NAG J . 33.20 -22.56 -33.62
C3 NAG J . 34.16 -22.67 -34.80
C4 NAG J . 33.55 -22.08 -36.07
C5 NAG J . 33.11 -20.64 -35.79
C6 NAG J . 32.44 -19.97 -36.96
C7 NAG J . 33.37 -23.86 -31.54
C8 NAG J . 34.14 -24.06 -30.27
N2 NAG J . 33.86 -22.94 -32.38
O3 NAG J . 34.48 -24.05 -35.00
O4 NAG J . 34.49 -22.07 -37.13
O5 NAG J . 32.18 -20.64 -34.70
O6 NAG J . 32.45 -18.56 -36.80
O7 NAG J . 32.36 -24.51 -31.79
C1 NAG J . 34.55 -23.18 -38.01
C2 NAG J . 35.10 -22.68 -39.34
C3 NAG J . 36.60 -22.95 -39.38
C4 NAG J . 36.91 -24.44 -39.18
C5 NAG J . 36.01 -25.16 -38.17
C6 NAG J . 36.78 -26.03 -37.21
C7 NAG J . 33.29 -22.78 -41.00
C8 NAG J . 32.72 -23.54 -42.16
N2 NAG J . 34.43 -23.27 -40.48
O3 NAG J . 37.26 -22.19 -38.37
O4 NAG J . 36.90 -25.13 -40.43
O5 NAG J . 35.27 -24.22 -37.35
O6 NAG J . 37.46 -25.27 -36.22
O7 NAG J . 32.74 -21.79 -40.54
C1 NAG K . -19.55 -28.09 -18.37
C2 NAG K . -20.58 -29.21 -18.34
C3 NAG K . -20.93 -29.38 -16.85
C4 NAG K . -19.69 -29.66 -15.99
C5 NAG K . -18.53 -28.73 -16.31
C6 NAG K . -17.19 -29.26 -15.80
C7 NAG K . -22.12 -29.26 -20.29
C8 NAG K . -23.45 -28.80 -20.82
N2 NAG K . -21.77 -28.79 -19.08
O3 NAG K . -21.84 -30.48 -16.73
O4 NAG K . -20.02 -29.42 -14.63
O5 NAG K . -18.38 -28.58 -17.72
O6 NAG K . -17.06 -30.62 -16.16
O7 NAG K . -21.41 -30.02 -20.93
C1 NAG K . -19.79 -30.42 -13.68
C2 NAG K . -19.70 -29.76 -12.31
C3 NAG K . -19.47 -30.92 -11.32
C4 NAG K . -20.61 -31.94 -11.39
C5 NAG K . -20.67 -32.50 -12.81
C6 NAG K . -21.80 -33.46 -13.03
C7 NAG K . -18.60 -27.53 -12.42
C8 NAG K . -17.28 -26.83 -12.48
N2 NAG K . -18.54 -28.88 -12.34
O3 NAG K . -19.25 -30.47 -9.99
O4 NAG K . -20.39 -33.01 -10.49
O5 NAG K . -20.83 -31.41 -13.73
O6 NAG K . -23.04 -32.79 -12.92
O7 NAG K . -19.66 -26.93 -12.41
C1 BMA K . -21.24 -33.11 -9.38
C2 BMA K . -21.47 -34.59 -9.05
C3 BMA K . -22.29 -34.72 -7.78
C4 BMA K . -21.71 -33.88 -6.63
C5 BMA K . -21.45 -32.44 -7.07
C6 BMA K . -20.71 -31.60 -6.06
O2 BMA K . -20.23 -35.27 -8.89
O3 BMA K . -22.33 -36.10 -7.42
O4 BMA K . -22.62 -33.87 -5.53
O5 BMA K . -20.65 -32.44 -8.27
O6 BMA K . -19.51 -32.22 -5.62
C1 MAN K . -23.51 -36.63 -6.81
C2 MAN K . -23.26 -38.11 -6.49
C3 MAN K . -23.18 -38.89 -7.79
C4 MAN K . -24.42 -38.69 -8.66
C5 MAN K . -24.74 -37.21 -8.88
C6 MAN K . -26.14 -37.01 -9.41
O2 MAN K . -24.31 -38.60 -5.66
O3 MAN K . -23.03 -40.28 -7.54
O4 MAN K . -24.20 -39.32 -9.91
O5 MAN K . -24.69 -36.49 -7.61
O6 MAN K . -26.68 -35.71 -9.15
C1 MAN K . -18.41 -32.04 -6.43
C2 MAN K . -17.76 -33.41 -6.69
C3 MAN K . -17.16 -33.91 -5.39
C4 MAN K . -16.14 -32.89 -4.85
C5 MAN K . -16.79 -31.53 -4.65
C6 MAN K . -15.81 -30.43 -4.30
O2 MAN K . -16.78 -33.34 -7.72
O3 MAN K . -16.59 -35.19 -5.60
O4 MAN K . -15.58 -33.33 -3.61
O5 MAN K . -17.46 -31.12 -5.86
O6 MAN K . -14.87 -30.20 -5.34
C1 FUC K . -15.88 -31.26 -15.72
C2 FUC K . -16.15 -32.76 -15.77
C3 FUC K . -16.36 -33.21 -17.21
C4 FUC K . -15.22 -32.76 -18.13
C5 FUC K . -14.94 -31.26 -17.96
C6 FUC K . -13.76 -30.74 -18.74
O2 FUC K . -17.34 -33.04 -15.02
O3 FUC K . -16.53 -34.61 -17.26
O4 FUC K . -14.05 -33.54 -17.93
O5 FUC K . -14.75 -30.96 -16.56
C1 NAG L . -23.40 45.20 37.94
C2 NAG L . -24.75 44.54 37.67
C3 NAG L . -25.70 44.80 38.86
C4 NAG L . -25.05 44.45 40.20
C5 NAG L . -23.67 45.07 40.32
C6 NAG L . -22.91 44.64 41.55
C7 NAG L . -25.52 44.43 35.33
C8 NAG L . -26.09 45.20 34.19
N2 NAG L . -25.32 45.12 36.46
O3 NAG L . -26.87 44.01 38.70
O4 NAG L . -25.80 45.14 41.20
O5 NAG L . -22.87 44.72 39.17
O6 NAG L . -21.91 45.59 41.88
O7 NAG L . -25.23 43.24 35.25
C1 NAG L . -26.77 44.48 41.98
C2 NAG L . -26.95 45.35 43.22
C3 NAG L . -28.10 44.79 44.06
C4 NAG L . -29.36 44.66 43.22
C5 NAG L . -29.10 43.82 41.96
C6 NAG L . -30.27 43.81 41.00
C7 NAG L . -24.94 46.51 44.02
C8 NAG L . -23.68 46.40 44.83
N2 NAG L . -25.72 45.43 44.00
O3 NAG L . -28.33 45.70 45.14
O4 NAG L . -30.43 44.09 43.98
O5 NAG L . -27.99 44.40 41.25
O6 NAG L . -29.88 43.41 39.68
O7 NAG L . -25.22 47.53 43.39
C1 NAG M . 11.30 9.83 14.58
C2 NAG M . 11.29 8.41 14.00
C3 NAG M . 11.71 8.62 12.53
C4 NAG M . 10.78 9.57 11.78
C5 NAG M . 10.54 10.88 12.56
C6 NAG M . 9.34 11.64 12.07
C7 NAG M . 12.05 6.64 15.54
C8 NAG M . 13.23 5.84 16.01
N2 NAG M . 12.31 7.64 14.69
O3 NAG M . 11.73 7.37 11.85
O4 NAG M . 11.39 9.97 10.56
O5 NAG M . 10.28 10.58 13.94
O6 NAG M . 8.22 10.76 11.98
O7 NAG M . 10.92 6.39 15.92
C1 NAG M . 10.65 9.84 9.36
C2 NAG M . 11.26 10.78 8.32
C3 NAG M . 10.44 10.57 7.06
C4 NAG M . 10.52 9.11 6.60
C5 NAG M . 9.98 8.20 7.70
C6 NAG M . 10.19 6.74 7.41
C7 NAG M . 12.11 12.85 9.37
C8 NAG M . 11.73 14.20 9.90
N2 NAG M . 11.12 12.15 8.81
O3 NAG M . 10.85 11.45 6.02
O4 NAG M . 9.81 8.86 5.40
O5 NAG M . 10.69 8.48 8.92
O6 NAG M . 11.55 6.40 7.41
O7 NAG M . 13.26 12.43 9.44
C1 BMA M . 10.58 8.58 4.26
C2 BMA M . 9.79 7.61 3.36
C3 BMA M . 10.52 7.37 2.06
C4 BMA M . 10.95 8.68 1.39
C5 BMA M . 11.65 9.61 2.37
C6 BMA M . 11.92 10.99 1.82
O2 BMA M . 8.47 8.09 3.12
O3 BMA M . 9.68 6.62 1.20
O4 BMA M . 11.86 8.41 0.34
O5 BMA M . 10.85 9.79 3.55
O6 BMA M . 10.75 11.60 1.30
C1 MAN M . 10.24 5.69 0.30
C2 MAN M . 9.15 5.14 -0.61
C3 MAN M . 8.20 4.29 0.23
C4 MAN M . 8.97 3.18 0.94
C5 MAN M . 10.14 3.72 1.77
C6 MAN M . 11.07 2.61 2.22
O2 MAN M . 9.70 4.34 -1.65
O3 MAN M . 7.21 3.72 -0.62
O4 MAN M . 8.06 2.48 1.81
O5 MAN M . 10.93 4.63 0.98
O6 MAN M . 12.34 3.12 2.66
C1 MAN M . 9.88 12.22 2.23
C2 MAN M . 8.47 11.72 1.94
C3 MAN M . 8.02 12.27 0.60
C4 MAN M . 8.09 13.80 0.59
C5 MAN M . 9.50 14.27 0.95
C6 MAN M . 9.61 15.76 1.11
O2 MAN M . 7.62 12.10 3.02
O3 MAN M . 6.73 11.81 0.23
O4 MAN M . 7.74 14.31 -0.70
O5 MAN M . 9.91 13.66 2.19
O6 MAN M . 8.83 16.24 2.20
C1 FUC M . 7.04 11.34 11.53
C2 FUC M . 6.19 10.24 10.91
C3 FUC M . 5.76 9.25 11.99
C4 FUC M . 5.07 9.97 13.15
C5 FUC M . 5.96 11.07 13.69
C6 FUC M . 5.35 11.91 14.79
O2 FUC M . 6.90 9.53 9.90
O3 FUC M . 4.85 8.33 11.40
O4 FUC M . 3.79 10.46 12.73
O5 FUC M . 6.33 11.97 12.61
C1 NAG N . -0.37 14.16 -5.86
C2 NAG N . -0.95 12.78 -5.52
C3 NAG N . -1.33 12.92 -4.04
C4 NAG N . -0.11 13.23 -3.16
C5 NAG N . 0.67 14.43 -3.70
C6 NAG N . 2.06 14.55 -3.12
C7 NAG N . -2.26 11.72 -7.32
C8 NAG N . -3.60 11.65 -8.00
N2 NAG N . -2.15 12.62 -6.34
O3 NAG N . -2.00 11.75 -3.55
O4 NAG N . -0.56 13.63 -1.87
O5 NAG N . 0.85 14.31 -5.13
O6 NAG N . 2.72 13.30 -3.21
O7 NAG N . -1.32 10.99 -7.66
C1 NAG N . 0.00 13.01 -0.75
C2 NAG N . -0.23 13.93 0.46
C3 NAG N . 0.39 13.19 1.65
C4 NAG N . -0.31 11.85 1.85
C5 NAG N . -0.13 10.99 0.60
C6 NAG N . -0.93 9.72 0.65
C7 NAG N . -0.14 16.32 -0.22
C8 NAG N . 0.77 17.48 -0.50
N2 NAG N . 0.48 15.18 0.19
O3 NAG N . 0.34 13.98 2.83
O4 NAG N . 0.21 11.13 2.96
O5 NAG N . -0.59 11.73 -0.55
O6 NAG N . -2.33 9.97 0.65
O7 NAG N . -1.36 16.41 -0.34
C1 BMA N . -0.63 10.98 4.09
C2 BMA N . -0.36 9.65 4.77
C3 BMA N . -1.15 9.55 6.08
C4 BMA N . -1.01 10.80 6.95
C5 BMA N . -1.25 12.07 6.15
C6 BMA N . -0.93 13.34 6.91
O2 BMA N . 1.03 9.51 5.04
O3 BMA N . -0.69 8.40 6.79
O4 BMA N . -2.01 10.76 7.97
O5 BMA N . -0.40 12.07 4.99
O6 BMA N . 0.38 13.31 7.48
C1 MAN N . -1.58 7.68 7.62
C2 MAN N . -0.79 6.55 8.28
C3 MAN N . -0.40 5.53 7.22
C4 MAN N . -1.63 5.01 6.50
C5 MAN N . -2.46 6.15 5.90
C6 MAN N . -3.83 5.67 5.42
O2 MAN N . -1.55 5.94 9.31
O3 MAN N . 0.31 4.45 7.82
O4 MAN N . -1.24 4.13 5.45
O5 MAN N . -2.71 7.16 6.90
O6 MAN N . -4.78 6.74 5.26
C1 MAN N . 1.43 13.66 6.63
C2 MAN N . 2.50 12.58 6.77
C3 MAN N . 3.12 12.67 8.16
C4 MAN N . 3.65 14.08 8.46
C5 MAN N . 2.58 15.14 8.22
C6 MAN N . 3.09 16.56 8.26
O2 MAN N . 3.48 12.71 5.74
O3 MAN N . 4.14 11.68 8.30
O4 MAN N . 4.11 14.18 9.80
O5 MAN N . 1.98 14.95 6.91
O6 MAN N . 4.02 16.83 7.23
C1 FUC N . 4.02 13.25 -2.71
C2 FUC N . 4.31 11.80 -2.30
C3 FUC N . 4.30 10.90 -3.54
C4 FUC N . 5.26 11.42 -4.60
C5 FUC N . 4.98 12.88 -4.92
C6 FUC N . 5.94 13.54 -5.87
O2 FUC N . 3.34 11.34 -1.37
O3 FUC N . 4.63 9.58 -3.16
O4 FUC N . 6.59 11.24 -4.14
O5 FUC N . 4.98 13.67 -3.70
FE HEC O . -25.85 -15.25 10.79
CHA HEC O . -22.91 -14.30 9.27
CHB HEC O . -25.79 -12.33 12.47
CHC HEC O . -28.14 -16.46 13.02
CHD HEC O . -25.24 -18.50 9.94
NA HEC O . -24.75 -13.68 10.75
C1A HEC O . -23.59 -13.39 10.01
C2A HEC O . -23.28 -11.98 10.07
C3A HEC O . -24.17 -11.41 10.93
C4A HEC O . -24.97 -12.47 11.40
CMA HEC O . -24.30 -9.97 11.34
CAA HEC O . -22.23 -11.25 9.28
CBA HEC O . -23.00 -10.52 8.11
CGA HEC O . -22.07 -9.91 7.10
O1A HEC O . -21.40 -8.92 7.37
O2A HEC O . -22.02 -10.49 5.89
NB HEC O . -26.74 -14.59 12.39
C1B HEC O . -26.60 -13.37 12.93
C2B HEC O . -27.52 -13.13 14.00
C3B HEC O . -28.22 -14.26 14.13
C4B HEC O . -27.67 -15.20 13.14
CMB HEC O . -27.69 -11.81 14.72
CAB HEC O . -29.32 -14.58 15.04
CBB HEC O . -29.29 -14.39 16.33
NC HEC O . -26.61 -17.04 11.24
C1C HEC O . -27.61 -17.35 12.12
C2C HEC O . -28.07 -18.67 11.96
C3C HEC O . -27.29 -19.25 11.01
C4C HEC O . -26.34 -18.25 10.68
CMC HEC O . -29.25 -19.25 12.71
CAC HEC O . -27.32 -20.61 10.43
CBC HEC O . -27.69 -21.75 10.98
ND HEC O . -24.38 -16.18 9.88
C1D HEC O . -24.30 -17.51 9.63
C2D HEC O . -23.03 -17.85 8.95
C3D HEC O . -22.47 -16.66 8.67
C4D HEC O . -23.29 -15.62 9.30
CMD HEC O . -22.54 -19.24 8.54
CAD HEC O . -21.09 -16.44 8.08
CBD HEC O . -20.10 -16.50 9.22
CGD HEC O . -18.71 -16.02 8.91
O1D HEC O . -17.85 -16.72 8.40
O2D HEC O . -18.35 -14.77 9.21
C1 NAG P . -11.00 -21.66 39.34
C2 NAG P . -11.94 -20.46 39.37
C3 NAG P . -12.35 -20.13 40.80
C4 NAG P . -12.90 -21.36 41.50
C5 NAG P . -11.88 -22.49 41.48
C6 NAG P . -12.42 -23.79 42.03
C7 NAG P . -11.77 -18.92 37.47
C8 NAG P . -11.10 -17.70 36.91
N2 NAG P . -11.39 -19.29 38.69
O3 NAG P . -13.34 -19.11 40.74
O4 NAG P . -13.34 -21.06 42.82
O5 NAG P . -11.49 -22.77 40.12
O6 NAG P . -13.48 -24.30 41.23
O7 NAG P . -12.62 -19.54 36.85
C1 NAG Q . -31.41 -1.23 31.99
C2 NAG Q . -32.90 -1.26 31.61
C3 NAG Q . -33.72 -0.94 32.86
C4 NAG Q . -33.35 -1.86 34.02
C5 NAG Q . -31.85 -1.76 34.28
C6 NAG Q . -31.34 -2.67 35.37
C7 NAG Q . -33.38 -0.51 29.33
C8 NAG Q . -33.42 0.66 28.39
N2 NAG Q . -33.08 -0.24 30.60
O3 NAG Q . -35.10 -1.08 32.54
O4 NAG Q . -34.04 -1.45 35.20
O5 NAG Q . -31.14 -2.12 33.08
O6 NAG Q . -30.05 -2.24 35.80
O7 NAG Q . -33.60 -1.66 28.95
CA CA R . -13.99 -25.51 14.78
CL CL S . -16.47 -21.68 -3.25
CL CL T . -14.88 -11.62 35.02
C13 UFA U . -18.35 -10.09 17.30
C18 UFA U . -19.51 -2.80 17.07
C17 UFA U . -20.78 -3.67 17.07
C16 UFA U . -20.55 -5.00 16.32
C15 UFA U . -18.64 -9.65 14.97
C19 UFA U . -19.05 -2.56 15.62
C20 UFA U . -18.83 -3.88 14.87
C21 UFA U . -19.80 -1.53 17.87
C11 UFA U . -20.59 -9.87 16.39
C12 UFA U . -19.73 -10.09 17.47
C1 UFA U . -20.11 -11.03 12.22
C2 UFA U . -20.02 -12.33 11.59
N1 UFA U . -20.82 -13.44 11.87
C3 UFA U . -21.77 -13.14 12.83
C4 UFA U . -21.92 -11.85 13.52
C5 UFA U . -21.03 -10.76 13.20
N2 UFA U . -22.81 -13.96 13.33
N3 UFA U . -23.51 -13.22 14.27
N4 UFA U . -23.02 -12.02 14.41
C6 UFA U . -20.98 -9.43 13.97
C7 UFA U . -20.03 -9.65 15.13
C8 UFA U . -20.48 -8.22 13.12
C9 UFA U . -20.84 -6.87 13.71
N5 UFA U . -19.76 -6.15 14.40
C10 UFA U . -20.05 -4.79 14.89
C14 UFA U . -17.81 -9.88 16.05
N6 UFA U . -19.05 -12.47 10.62
FE HEC V . 11.86 -29.73 -20.39
CHA HEC V . 11.02 -27.71 -17.74
CHB HEC V . 14.89 -28.28 -20.32
CHC HEC V . 12.51 -30.97 -23.50
CHD HEC V . 8.57 -30.34 -21.00
NA HEC V . 12.76 -28.47 -19.20
C1A HEC V . 12.29 -27.76 -18.12
C2A HEC V . 13.34 -27.11 -17.41
C3A HEC V . 14.48 -27.37 -18.11
C4A HEC V . 14.07 -28.09 -19.24
CMA HEC V . 15.88 -26.91 -17.83
CAA HEC V . 13.24 -26.33 -16.11
CBA HEC V . 13.89 -27.20 -15.02
CGA HEC V . 13.64 -26.76 -13.60
O1A HEC V . 14.31 -25.95 -13.12
O2A HEC V . 12.67 -27.26 -12.85
NB HEC V . 13.31 -29.62 -21.66
C1B HEC V . 14.48 -29.00 -21.46
C2B HEC V . 15.41 -29.23 -22.52
C3B HEC V . 14.77 -30.02 -23.39
C4B HEC V . 13.43 -30.23 -22.84
CMB HEC V . 16.82 -28.64 -22.56
CAB HEC V . 15.23 -30.56 -24.67
CBB HEC V . 15.71 -29.81 -25.65
NC HEC V . 10.79 -30.56 -21.84
C1C HEC V . 11.24 -31.14 -23.02
C2C HEC V . 10.25 -31.99 -23.58
C3C HEC V . 9.10 -31.82 -22.83
C4C HEC V . 9.45 -30.87 -21.84
CMC HEC V . 10.48 -32.86 -24.83
CAC HEC V . 7.78 -32.48 -22.93
CBC HEC V . 7.12 -32.82 -24.03
ND HEC V . 10.19 -29.12 -19.57
C1D HEC V . 8.95 -29.43 -19.97
C2D HEC V . 7.92 -28.75 -19.15
C3D HEC V . 8.60 -28.18 -18.17
C4D HEC V . 10.04 -28.37 -18.47
CMD HEC V . 6.42 -28.82 -19.32
CAD HEC V . 8.04 -27.22 -17.15
CBD HEC V . 8.02 -25.81 -17.83
CGD HEC V . 7.76 -24.64 -16.88
O1D HEC V . 6.65 -24.30 -16.53
O2D HEC V . 8.78 -23.92 -16.42
CL CL W . -0.91 -29.61 -6.00
C1 NAG X . 9.09 -5.78 -42.73
C2 NAG X . 10.51 -6.29 -42.51
C3 NAG X . 11.41 -5.91 -43.69
C4 NAG X . 10.81 -6.38 -45.00
C5 NAG X . 9.39 -5.83 -45.17
C6 NAG X . 8.68 -6.41 -46.37
C7 NAG X . 11.18 -6.61 -40.17
C8 NAG X . 11.79 -5.97 -38.95
N2 NAG X . 11.09 -5.84 -41.26
O3 NAG X . 12.67 -6.54 -43.49
O4 NAG X . 11.64 -6.06 -46.11
O5 NAG X . 8.59 -6.18 -44.01
O6 NAG X . 8.48 -7.82 -46.24
O7 NAG X . 10.80 -7.78 -40.16
CA CA Y . -0.66 -20.43 -24.86
CL CL Z . 17.99 -8.43 -35.85
CL CL AA . -1.82 -29.64 -8.94
C13 UFA BA . 15.50 -19.13 -21.41
C18 UFA BA . 21.96 -18.65 -17.87
C17 UFA BA . 21.77 -20.01 -18.53
C16 UFA BA . 20.29 -20.39 -18.50
C15 UFA BA . 14.85 -20.20 -19.39
C19 UFA BA . 21.47 -18.70 -16.42
C20 UFA BA . 19.99 -19.07 -16.37
C21 UFA BA . 23.18 -17.88 -18.22
C22 UFA BA . 24.45 -18.39 -18.03
C23 UFA BA . 25.56 -17.60 -18.39
C24 UFA BA . 25.39 -16.33 -18.93
C11 UFA BA . 16.21 -21.36 -21.02
C12 UFA BA . 16.18 -20.24 -21.82
C1 UFA BA . 13.56 -23.03 -17.75
C2 UFA BA . 12.30 -23.70 -17.79
N1 UFA BA . 11.90 -24.59 -18.78
C3 UFA BA . 12.85 -24.74 -19.74
C4 UFA BA . 14.11 -24.10 -19.81
C5 UFA BA . 14.46 -23.21 -18.77
N2 UFA BA . 12.83 -25.49 -20.91
N3 UFA BA . 14.02 -25.32 -21.63
N4 UFA BA . 14.79 -24.51 -21.02
C6 UFA BA . 15.78 -22.51 -18.89
C7 UFA BA . 15.57 -21.33 -19.78
C8 UFA BA . 16.31 -22.08 -17.56
C9 UFA BA . 17.81 -21.85 -17.62
N5 UFA BA . 18.24 -20.60 -16.99
C10 UFA BA . 19.70 -20.39 -17.09
C14 UFA BA . 14.83 -19.10 -20.22
N6 UFA BA . 11.40 -23.44 -16.74
C25 UFA BA . 24.11 -15.84 -19.12
C26 UFA BA . 23.01 -16.61 -18.78
CL CL CA . -0.43 24.65 7.46
FE HEC DA . -12.18 29.88 19.93
CHA HEC DA . -9.81 31.53 18.04
CHB HEC DA . -13.33 32.95 20.80
CHC HEC DA . -14.05 28.53 22.41
CHD HEC DA . -10.41 27.04 19.80
NA HEC DA . -11.77 31.76 19.42
C1A HEC DA . -10.79 32.27 18.58
C2A HEC DA . -10.97 33.65 18.33
C3A HEC DA . -12.05 34.04 19.07
C4A HEC DA . -12.45 32.90 19.79
CMA HEC DA . -12.69 35.41 19.16
CAA HEC DA . -10.20 34.55 17.40
CBA HEC DA . -11.09 34.76 16.14
CGA HEC DA . -10.39 35.47 14.99
O1A HEC DA . -10.21 36.69 15.03
O2A HEC DA . -9.99 34.73 13.94
NB HEC DA . -13.40 30.54 21.29
C1B HEC DA . -13.75 31.83 21.53
C2B HEC DA . -14.69 31.98 22.58
C3B HEC DA . -14.97 30.74 22.99
C4B HEC DA . -14.08 29.84 22.19
CMB HEC DA . -15.31 33.28 23.03
CAB HEC DA . -15.89 30.26 24.05
CBB HEC DA . -15.96 30.74 25.25
NC HEC DA . -12.28 28.16 20.82
C1C HEC DA . -13.20 27.72 21.74
C2C HEC DA . -13.15 26.28 21.91
C3C HEC DA . -12.05 25.85 21.13
C4C HEC DA . -11.52 27.04 20.55
CMC HEC DA . -14.09 25.48 22.81
CAC HEC DA . -11.52 24.48 20.85
CBC HEC DA . -11.54 23.45 21.66
ND HEC DA . -10.49 29.42 19.15
C1D HEC DA . -9.90 28.22 19.22
C2D HEC DA . -8.57 28.25 18.58
C3D HEC DA . -8.48 29.43 17.99
C4D HEC DA . -9.67 30.18 18.37
CMD HEC DA . -7.55 27.12 18.54
CAD HEC DA . -7.25 29.99 17.33
CBD HEC DA . -6.38 30.62 18.45
CGD HEC DA . -5.24 31.48 17.96
O1D HEC DA . -4.16 31.03 17.59
O2D HEC DA . -5.42 32.82 17.98
C1 NAG EA . 2.50 35.59 48.79
C2 NAG EA . 1.20 36.38 48.60
C3 NAG EA . 0.69 36.88 49.95
C4 NAG EA . 0.57 35.73 50.95
C5 NAG EA . 1.90 35.00 51.09
C6 NAG EA . 1.80 33.75 51.94
C7 NAG EA . 0.88 37.41 46.40
C8 NAG EA . 1.11 38.62 45.56
N2 NAG EA . 1.33 37.47 47.65
O3 NAG EA . -0.58 37.50 49.76
O4 NAG EA . 0.15 36.23 52.22
O5 NAG EA . 2.38 34.58 49.79
O6 NAG EA . 0.91 32.79 51.36
O7 NAG EA . 0.31 36.42 45.96
CA CA FA . 2.42 25.77 25.79
CL CL GA . -4.22 42.48 42.38
C13 UFA HA . -7.44 38.74 25.03
C18 UFA HA . -11.05 44.63 22.90
C17 UFA HA . -12.07 43.51 23.04
C16 UFA HA . -11.48 42.19 22.55
C15 UFA HA . -7.56 38.42 22.63
C19 UFA HA . -10.69 44.78 21.42
C20 UFA HA . -10.10 43.47 20.87
C21 UFA HA . -11.53 45.89 23.62
C22 UFA HA . -12.78 46.51 23.30
C23 UFA HA . -13.22 47.62 24.07
C24 UFA HA . -12.45 48.12 25.14
C11 UFA HA . -9.44 37.87 24.03
C12 UFA HA . -8.75 38.26 25.15
C1 UFA HA . -8.21 36.21 20.06
C2 UFA HA . -7.79 34.93 19.56
N1 UFA HA . -8.28 33.73 19.98
C3 UFA HA . -9.25 33.86 20.93
C4 UFA HA . -9.70 35.06 21.50
C5 UFA HA . -9.19 36.27 21.04
N2 UFA HA . -9.97 32.86 21.59
N3 UFA HA . -10.80 33.49 22.50
N4 UFA HA . -10.66 34.75 22.48
C6 UFA HA . -9.74 37.54 21.59
C7 UFA HA . -8.87 37.95 22.76
C8 UFA HA . -9.90 38.59 20.52
C9 UFA HA . -10.78 39.76 20.95
N5 UFA HA . -10.15 41.09 20.94
C10 UFA HA . -11.02 42.27 21.09
C14 UFA HA . -6.85 38.81 23.77
N6 UFA HA . -6.84 34.85 18.52
C25 UFA HA . -11.22 47.53 25.45
C26 UFA HA . -10.75 46.42 24.70
FE HEC IA . 29.57 23.39 -8.55
CHA HEC IA . 27.96 25.44 -6.29
CHB HEC IA . 31.91 25.71 -8.84
CHC HEC IA . 30.73 21.78 -11.32
CHD HEC IA . 26.81 21.46 -8.76
NA HEC IA . 29.92 25.08 -7.68
C1A HEC IA . 29.19 25.78 -6.70
C2A HEC IA . 29.95 26.89 -6.20
C3A HEC IA . 31.08 26.97 -6.91
C4A HEC IA . 31.02 25.90 -7.84
CMA HEC IA . 32.20 27.91 -6.76
CAA HEC IA . 29.55 27.80 -5.08
CBA HEC IA . 30.38 27.44 -3.83
CGA HEC IA . 29.87 28.16 -2.60
O1A HEC IA . 30.13 29.32 -2.40
O2A HEC IA . 29.11 27.54 -1.69
NB HEC IA . 30.97 23.68 -9.77
C1B HEC IA . 31.87 24.67 -9.74
C2B HEC IA . 32.88 24.56 -10.77
C3B HEC IA . 32.56 23.45 -11.48
C4B HEC IA . 31.33 22.91 -10.84
CMB HEC IA . 34.05 25.51 -10.93
CAB HEC IA . 33.22 22.82 -12.61
CBB HEC IA . 33.49 23.44 -13.75
NC HEC IA . 28.95 21.89 -9.71
C1C HEC IA . 29.60 21.29 -10.75
C2C HEC IA . 29.00 20.05 -11.10
C3C HEC IA . 27.89 19.93 -10.32
C4C HEC IA . 27.85 21.12 -9.55
CMC HEC IA . 29.52 19.05 -12.10
CAC HEC IA . 26.88 18.82 -10.23
CBC HEC IA . 26.34 18.14 -11.25
ND HEC IA . 27.78 23.48 -7.76
C1D HEC IA . 26.76 22.63 -8.00
C2D HEC IA . 25.52 23.08 -7.35
C3D HEC IA . 25.89 24.09 -6.58
C4D HEC IA . 27.31 24.36 -6.85
CMD HEC IA . 24.14 22.47 -7.50
CAD HEC IA . 24.96 25.00 -5.84
CBD HEC IA . 24.48 26.11 -6.79
CGD HEC IA . 23.77 27.28 -6.12
O1D HEC IA . 22.60 27.29 -5.83
O2D HEC IA . 24.42 28.37 -5.83
C1 NAG JA . 19.85 39.38 -35.50
C2 NAG JA . 21.34 39.46 -35.20
C3 NAG JA . 22.12 39.86 -36.45
C4 NAG JA . 21.79 38.92 -37.59
C5 NAG JA . 20.30 38.94 -37.89
C6 NAG JA . 19.89 37.91 -38.92
C7 NAG JA . 21.97 39.89 -32.87
C8 NAG JA . 22.25 40.94 -31.84
N2 NAG JA . 21.66 40.34 -34.08
O3 NAG JA . 23.51 39.80 -36.14
O4 NAG JA . 22.57 39.23 -38.76
O5 NAG JA . 19.56 38.62 -36.69
O6 NAG JA . 20.21 36.59 -38.50
O7 NAG JA . 22.01 38.69 -32.61
C1 NAG KA . 46.93 35.35 -23.57
C2 NAG KA . 47.89 34.16 -23.38
C3 NAG KA . 48.93 34.21 -24.50
C4 NAG KA . 48.25 34.26 -25.87
C5 NAG KA . 47.28 35.43 -25.94
C6 NAG KA . 46.48 35.51 -27.22
C7 NAG KA . 48.30 33.53 -21.05
C8 NAG KA . 48.94 33.93 -19.75
N2 NAG KA . 48.53 34.34 -22.09
O3 NAG KA . 49.74 33.04 -24.39
O4 NAG KA . 49.24 34.39 -26.89
O5 NAG KA . 46.33 35.32 -24.86
O6 NAG KA . 45.81 34.28 -27.49
O7 NAG KA . 47.61 32.52 -21.16
CA CA LA . 15.02 26.60 -14.62
CL CL MA . 28.45 41.58 -28.36
C13 UFA NA . 28.85 34.11 -11.69
C18 UFA NA . 34.75 37.64 -8.94
C17 UFA NA . 35.24 36.24 -9.29
C16 UFA NA . 34.16 35.21 -8.99
C15 UFA NA . 28.90 33.43 -9.39
C19 UFA NA . 34.38 37.68 -7.45
C20 UFA NA . 33.28 36.66 -7.15
C21 UFA NA . 35.69 38.71 -9.39
C22 UFA NA . 37.05 38.68 -9.05
C23 UFA NA . 37.86 39.74 -9.46
C24 UFA NA . 37.34 40.83 -10.19
C11 UFA NA . 30.45 32.50 -11.01
C12 UFA NA . 29.91 33.26 -12.00
C1 UFA NA . 28.49 30.65 -7.47
C2 UFA NA . 27.52 29.57 -7.29
N1 UFA NA . 27.52 28.39 -7.96
C3 UFA NA . 28.55 28.32 -8.85
C4 UFA NA . 29.55 29.33 -9.11
C5 UFA NA . 29.51 30.53 -8.40
N2 UFA NA . 28.87 27.31 -9.74
N3 UFA NA . 29.95 27.68 -10.49
N4 UFA NA . 30.36 28.85 -10.15
C6 UFA NA . 30.53 31.60 -8.70
C7 UFA NA . 29.94 32.56 -9.70
C8 UFA NA . 31.08 32.34 -7.50
C9 UFA NA . 32.20 33.29 -7.91
N5 UFA NA . 32.71 34.30 -6.97
C10 UFA NA . 33.68 35.26 -7.54
C14 UFA NA . 28.36 34.19 -10.39
N6 UFA NA . 26.51 29.72 -6.40
C25 UFA NA . 35.99 40.85 -10.53
C26 UFA NA . 35.17 39.80 -10.13
#